data_5GX6
#
_entry.id   5GX6
#
_cell.length_a   79.983
_cell.length_b   112.590
_cell.length_c   165.928
_cell.angle_alpha   90.00
_cell.angle_beta   90.00
_cell.angle_gamma   90.00
#
_symmetry.space_group_name_H-M   'P 21 21 21'
#
loop_
_entity.id
_entity.type
_entity.pdbx_description
1 polymer 'Extracellular solute-binding protein family 1'
2 branched '4-deoxy-alpha-L-threo-hex-4-enopyranuronic acid-(1-3)-2-acetamido-2-deoxy-4-O-sulfo-beta-D-galactopyranose'
3 non-polymer 'CALCIUM ION'
4 non-polymer 1,2-ETHANEDIOL
5 water water
#
_entity_poly.entity_id   1
_entity_poly.type   'polypeptide(L)'
_entity_poly.pdbx_seq_one_letter_code
;MKKEETTTGPKETTIFAMHLGKALDPNLPVFVKAEKDTNIKLVNVASQNQTDQIQAYNLMLTEGKLPDIVSYELSADLEN
LGIEGGLIPLEDLINQHAPNLKKFFEENPRYKKDAVAVDGHIYMIPNYYDYFNIKVSQGYFIRQDWLEKLGLKEPRTVDE
LYTTLKAFREKDPNGNGKKDEVPFFVRANNVRKVLTSLVDLFKASPIWYEENGMVKYGPAQKEFKHAIKELSKWYKEGLI
DEEIFTRGLESRDYLLSNNLGGATDDWIASTSSYNRNLADKIPGFNLKLVLPYELNGNAKTRHARTTYLGGWGISKDAKD
PVSLIKYFDYWYSVEGRRLWNFGIEGSEYTLVDGKPVFTDKVLKNPDGKTPLAVLREVGAQYRLGAFQDAQYELGWASES
AKAGYKYYMDNDVVLDELPILKYTKEKSKEFVSIDTAMRAVVEEKAQQWILGSGDIDKEWDAYIKRLENLGLSKAEQIQN
EAF
;
_entity_poly.pdbx_strand_id   A,B,C
#
# COMPACT_ATOMS: atom_id res chain seq x y z
N PRO A 10 -26.22 72.47 16.82
CA PRO A 10 -26.72 71.07 16.73
C PRO A 10 -27.44 70.67 15.43
N LYS A 11 -26.76 70.28 14.36
CA LYS A 11 -27.43 69.93 13.11
C LYS A 11 -27.98 68.47 13.09
N GLU A 12 -29.28 68.33 13.35
CA GLU A 12 -29.97 67.07 13.24
C GLU A 12 -29.76 66.37 11.89
N THR A 13 -29.25 65.17 11.93
CA THR A 13 -28.84 64.42 10.76
C THR A 13 -29.37 62.96 10.85
N THR A 14 -30.19 62.56 9.90
CA THR A 14 -30.68 61.19 9.92
C THR A 14 -29.63 60.24 9.36
N ILE A 15 -29.60 59.02 9.91
CA ILE A 15 -28.65 58.01 9.48
C ILE A 15 -29.34 56.66 9.61
N PHE A 16 -29.03 55.75 8.69
CA PHE A 16 -29.27 54.33 8.90
C PHE A 16 -27.94 53.67 9.22
N ALA A 17 -27.82 53.13 10.44
CA ALA A 17 -26.57 52.53 10.86
C ALA A 17 -26.86 51.39 11.82
N MET A 18 -26.36 50.20 11.48
CA MET A 18 -26.37 49.07 12.38
C MET A 18 -25.02 48.39 12.31
N HIS A 19 -24.65 47.70 13.38
CA HIS A 19 -23.42 46.93 13.38
C HIS A 19 -23.49 45.87 14.46
N LEU A 20 -23.12 44.64 14.11
CA LEU A 20 -23.13 43.51 15.06
C LEU A 20 -24.47 43.41 15.77
N GLY A 21 -25.54 43.61 14.99
CA GLY A 21 -26.90 43.46 15.47
C GLY A 21 -27.44 44.62 16.30
N LYS A 22 -26.75 45.74 16.37
CA LYS A 22 -27.14 46.85 17.23
C LYS A 22 -27.26 48.12 16.40
N ALA A 23 -28.43 48.74 16.42
CA ALA A 23 -28.59 50.05 15.83
C ALA A 23 -27.71 51.05 16.57
N LEU A 24 -27.04 51.91 15.80
CA LEU A 24 -26.17 52.92 16.39
C LEU A 24 -26.96 53.79 17.36
N ASP A 25 -26.45 53.90 18.59
CA ASP A 25 -27.00 54.79 19.60
C ASP A 25 -26.14 56.04 19.67
N PRO A 26 -26.62 57.19 19.19
CA PRO A 26 -25.78 58.40 19.19
C PRO A 26 -25.46 58.95 20.58
N ASN A 27 -26.02 58.38 21.64
CA ASN A 27 -25.70 58.79 23.01
C ASN A 27 -24.47 58.08 23.56
N LEU A 28 -23.88 57.14 22.82
CA LEU A 28 -22.63 56.53 23.26
C LEU A 28 -21.54 57.59 23.36
N PRO A 29 -20.60 57.44 24.30
CA PRO A 29 -19.59 58.49 24.49
C PRO A 29 -18.84 58.90 23.24
N VAL A 30 -18.48 57.94 22.37
CA VAL A 30 -17.74 58.26 21.16
C VAL A 30 -18.54 59.23 20.29
N PHE A 31 -19.85 59.02 20.18
CA PHE A 31 -20.64 59.83 19.28
C PHE A 31 -21.14 61.11 19.92
N VAL A 32 -21.26 61.12 21.25
CA VAL A 32 -21.41 62.38 21.96
C VAL A 32 -20.18 63.25 21.73
N LYS A 33 -18.99 62.67 21.81
CA LYS A 33 -17.84 63.52 21.56
C LYS A 33 -17.82 63.98 20.10
N ALA A 34 -18.09 63.08 19.14
CA ALA A 34 -18.11 63.51 17.74
C ALA A 34 -19.15 64.60 17.53
N GLU A 35 -20.28 64.51 18.23
CA GLU A 35 -21.31 65.54 18.15
C GLU A 35 -20.77 66.90 18.57
N LYS A 36 -20.07 66.94 19.71
CA LYS A 36 -19.55 68.23 20.16
C LYS A 36 -18.56 68.82 19.16
N ASP A 37 -17.71 67.97 18.59
CA ASP A 37 -16.62 68.42 17.74
C ASP A 37 -17.11 68.85 16.36
N THR A 38 -18.21 68.26 15.87
CA THR A 38 -18.67 68.47 14.50
C THR A 38 -20.02 69.17 14.41
N ASN A 39 -20.75 69.30 15.52
N ASN A 39 -20.74 69.28 15.53
CA ASN A 39 -22.12 69.81 15.55
CA ASN A 39 -22.11 69.79 15.58
C ASN A 39 -23.09 68.94 14.76
C ASN A 39 -23.08 68.93 14.77
N ILE A 40 -22.72 67.70 14.49
CA ILE A 40 -23.61 66.75 13.82
C ILE A 40 -24.24 65.89 14.90
N LYS A 41 -25.57 65.95 15.00
CA LYS A 41 -26.30 65.15 15.97
C LYS A 41 -27.10 64.11 15.20
N LEU A 42 -26.66 62.86 15.28
CA LEU A 42 -27.25 61.78 14.51
C LEU A 42 -28.57 61.34 15.10
N VAL A 43 -29.51 60.98 14.22
CA VAL A 43 -30.77 60.37 14.59
C VAL A 43 -30.96 59.13 13.73
N ASN A 44 -30.97 57.96 14.37
CA ASN A 44 -31.01 56.71 13.63
C ASN A 44 -32.42 56.42 13.15
N VAL A 45 -32.55 56.03 11.87
CA VAL A 45 -33.84 55.56 11.36
C VAL A 45 -34.03 54.08 11.62
N ALA A 46 -32.97 53.36 12.00
CA ALA A 46 -33.13 52.02 12.54
C ALA A 46 -33.51 52.15 14.01
N SER A 47 -34.55 51.44 14.42
CA SER A 47 -34.97 51.54 15.80
C SER A 47 -34.23 50.52 16.65
N GLN A 48 -34.27 50.74 17.97
CA GLN A 48 -33.41 49.99 18.87
C GLN A 48 -33.79 48.51 18.96
N ASN A 49 -34.98 48.12 18.50
CA ASN A 49 -35.39 46.72 18.50
C ASN A 49 -35.04 46.00 17.20
N GLN A 50 -34.44 46.69 16.24
CA GLN A 50 -34.03 46.07 14.99
C GLN A 50 -32.63 45.49 15.14
N THR A 51 -32.46 44.22 14.78
CA THR A 51 -31.19 43.53 14.91
C THR A 51 -30.74 42.83 13.64
N ASP A 52 -31.60 42.73 12.61
CA ASP A 52 -31.23 42.15 11.33
C ASP A 52 -30.88 43.30 10.40
N GLN A 53 -29.58 43.51 10.16
CA GLN A 53 -29.16 44.67 9.36
C GLN A 53 -29.62 44.55 7.90
N ILE A 54 -29.63 43.33 7.34
CA ILE A 54 -30.01 43.18 5.94
C ILE A 54 -31.50 43.50 5.75
N GLN A 55 -32.36 42.93 6.61
CA GLN A 55 -33.78 43.23 6.45
C GLN A 55 -34.10 44.69 6.77
N ALA A 56 -33.39 45.29 7.73
CA ALA A 56 -33.61 46.70 8.02
C ALA A 56 -33.20 47.58 6.84
N TYR A 57 -32.08 47.25 6.20
CA TYR A 57 -31.65 48.00 5.02
C TYR A 57 -32.67 47.88 3.90
N ASN A 58 -33.13 46.66 3.63
CA ASN A 58 -34.11 46.47 2.57
C ASN A 58 -35.42 47.21 2.88
N LEU A 59 -35.86 47.17 4.15
CA LEU A 59 -37.05 47.94 4.53
C LEU A 59 -36.81 49.43 4.35
N MET A 60 -35.62 49.89 4.74
CA MET A 60 -35.28 51.31 4.62
C MET A 60 -35.43 51.78 3.18
N LEU A 61 -35.08 50.94 2.20
CA LEU A 61 -35.19 51.32 0.80
C LEU A 61 -36.64 51.47 0.33
N THR A 62 -37.60 50.85 1.00
CA THR A 62 -39.00 50.95 0.62
C THR A 62 -39.69 52.17 1.20
N GLU A 63 -39.05 52.89 2.11
CA GLU A 63 -39.73 53.86 2.97
C GLU A 63 -39.81 55.25 2.37
N GLY A 64 -39.45 55.41 1.09
CA GLY A 64 -39.58 56.71 0.47
C GLY A 64 -38.30 57.52 0.49
N LYS A 65 -38.25 58.51 1.37
CA LYS A 65 -37.03 59.29 1.55
C LYS A 65 -35.92 58.48 2.20
N LEU A 66 -34.69 58.63 1.68
CA LEU A 66 -33.56 57.99 2.32
C LEU A 66 -33.02 58.87 3.45
N PRO A 67 -32.42 58.27 4.48
CA PRO A 67 -31.76 59.08 5.51
C PRO A 67 -30.59 59.86 4.92
N ASP A 68 -30.15 60.88 5.66
CA ASP A 68 -29.05 61.71 5.18
C ASP A 68 -27.79 60.89 4.92
N ILE A 69 -27.47 59.98 5.85
CA ILE A 69 -26.31 59.10 5.74
C ILE A 69 -26.83 57.66 5.69
N VAL A 70 -26.33 56.87 4.77
CA VAL A 70 -26.67 55.45 4.67
C VAL A 70 -25.39 54.65 4.90
N SER A 71 -25.38 53.86 5.97
CA SER A 71 -24.30 52.94 6.30
C SER A 71 -24.78 51.52 6.08
N TYR A 72 -23.92 50.67 5.52
CA TYR A 72 -24.32 49.30 5.25
C TYR A 72 -23.10 48.42 5.17
N GLU A 73 -23.21 47.19 5.68
CA GLU A 73 -22.08 46.27 5.65
C GLU A 73 -21.83 45.67 4.29
N LEU A 74 -22.84 45.62 3.41
CA LEU A 74 -22.70 44.99 2.10
C LEU A 74 -22.37 46.07 1.08
N SER A 75 -21.07 46.23 0.80
CA SER A 75 -20.65 47.37 -0.01
C SER A 75 -21.12 47.27 -1.45
N ALA A 76 -21.27 46.06 -1.99
CA ALA A 76 -21.76 45.95 -3.37
C ALA A 76 -23.18 46.49 -3.49
N ASP A 77 -24.02 46.22 -2.50
CA ASP A 77 -25.37 46.81 -2.51
C ASP A 77 -25.31 48.31 -2.31
N LEU A 78 -24.42 48.77 -1.43
CA LEU A 78 -24.28 50.20 -1.21
C LEU A 78 -23.84 50.92 -2.47
N GLU A 79 -22.87 50.35 -3.19
CA GLU A 79 -22.42 50.97 -4.43
C GLU A 79 -23.50 50.90 -5.51
N ASN A 80 -24.30 49.83 -5.54
CA ASN A 80 -25.43 49.79 -6.47
C ASN A 80 -26.40 50.94 -6.19
N LEU A 81 -26.65 51.22 -4.90
CA LEU A 81 -27.50 52.36 -4.56
C LEU A 81 -26.94 53.66 -5.11
N GLY A 82 -25.61 53.80 -5.09
CA GLY A 82 -25.00 54.99 -5.69
C GLY A 82 -25.15 55.03 -7.20
N ILE A 83 -24.90 53.90 -7.86
CA ILE A 83 -25.06 53.83 -9.31
C ILE A 83 -26.48 54.19 -9.73
N GLU A 84 -27.47 53.88 -8.89
CA GLU A 84 -28.85 54.20 -9.24
C GLU A 84 -29.24 55.61 -8.82
N GLY A 85 -28.31 56.39 -8.27
CA GLY A 85 -28.59 57.75 -7.87
C GLY A 85 -29.12 57.91 -6.45
N GLY A 86 -29.26 56.82 -5.69
CA GLY A 86 -29.68 56.96 -4.29
C GLY A 86 -28.62 57.57 -3.41
N LEU A 87 -27.35 57.30 -3.70
CA LEU A 87 -26.21 57.96 -3.05
C LEU A 87 -25.55 58.88 -4.06
N ILE A 88 -25.02 60.00 -3.58
CA ILE A 88 -24.41 60.98 -4.47
C ILE A 88 -22.93 60.70 -4.60
N PRO A 89 -22.31 61.05 -5.73
CA PRO A 89 -20.84 60.97 -5.83
C PRO A 89 -20.20 61.91 -4.81
N LEU A 90 -19.09 61.45 -4.24
CA LEU A 90 -18.42 62.18 -3.17
C LEU A 90 -17.09 62.81 -3.56
N GLU A 91 -16.57 62.52 -4.75
CA GLU A 91 -15.18 62.87 -5.04
C GLU A 91 -14.97 64.38 -5.09
N ASP A 92 -15.93 65.13 -5.63
CA ASP A 92 -15.78 66.58 -5.65
C ASP A 92 -15.97 67.18 -4.26
N LEU A 93 -16.93 66.67 -3.49
CA LEU A 93 -17.08 67.08 -2.09
C LEU A 93 -15.82 66.85 -1.29
N ILE A 94 -15.13 65.72 -1.52
CA ILE A 94 -13.88 65.44 -0.80
C ILE A 94 -12.79 66.42 -1.21
N ASN A 95 -12.61 66.63 -2.52
CA ASN A 95 -11.54 67.51 -2.99
C ASN A 95 -11.74 68.93 -2.48
N GLN A 96 -12.99 69.39 -2.37
CA GLN A 96 -13.26 70.74 -1.93
C GLN A 96 -13.35 70.86 -0.41
N HIS A 97 -13.84 69.84 0.30
CA HIS A 97 -14.23 70.04 1.69
C HIS A 97 -13.69 69.01 2.69
N ALA A 98 -12.95 67.99 2.25
CA ALA A 98 -12.51 66.91 3.13
C ALA A 98 -11.00 66.70 3.00
N PRO A 99 -10.20 67.57 3.62
CA PRO A 99 -8.74 67.46 3.43
C PRO A 99 -8.13 66.19 4.02
N ASN A 100 -8.67 65.68 5.13
CA ASN A 100 -8.14 64.44 5.71
C ASN A 100 -8.39 63.26 4.78
N LEU A 101 -9.60 63.15 4.25
CA LEU A 101 -9.89 62.07 3.30
C LEU A 101 -9.10 62.24 2.01
N LYS A 102 -8.99 63.47 1.51
CA LYS A 102 -8.20 63.72 0.31
C LYS A 102 -6.77 63.24 0.48
N LYS A 103 -6.15 63.59 1.62
CA LYS A 103 -4.79 63.12 1.87
C LYS A 103 -4.74 61.61 2.02
N PHE A 104 -5.68 61.02 2.76
CA PHE A 104 -5.70 59.57 2.93
C PHE A 104 -5.74 58.83 1.59
N PHE A 105 -6.56 59.31 0.65
CA PHE A 105 -6.67 58.64 -0.64
C PHE A 105 -5.41 58.81 -1.48
N GLU A 106 -4.75 59.97 -1.37
CA GLU A 106 -3.50 60.17 -2.08
C GLU A 106 -2.39 59.29 -1.51
N GLU A 107 -2.37 59.12 -0.20
CA GLU A 107 -1.34 58.34 0.46
C GLU A 107 -1.59 56.85 0.38
N ASN A 108 -2.82 56.42 0.07
CA ASN A 108 -3.18 55.00 0.08
C ASN A 108 -3.93 54.63 -1.20
N PRO A 109 -3.21 54.51 -2.32
CA PRO A 109 -3.91 54.18 -3.58
C PRO A 109 -4.65 52.85 -3.54
N ARG A 110 -4.14 51.84 -2.81
CA ARG A 110 -4.87 50.59 -2.68
C ARG A 110 -6.21 50.79 -2.01
N TYR A 111 -6.25 51.59 -0.94
CA TYR A 111 -7.51 51.85 -0.28
C TYR A 111 -8.42 52.70 -1.15
N LYS A 112 -7.85 53.66 -1.90
CA LYS A 112 -8.66 54.46 -2.79
C LYS A 112 -9.39 53.60 -3.81
N LYS A 113 -8.75 52.53 -4.27
CA LYS A 113 -9.42 51.67 -5.25
C LYS A 113 -10.65 51.01 -4.65
N ASP A 114 -10.65 50.72 -3.35
CA ASP A 114 -11.86 50.18 -2.72
C ASP A 114 -13.01 51.18 -2.77
N ALA A 115 -12.71 52.47 -2.85
CA ALA A 115 -13.72 53.51 -2.76
C ALA A 115 -14.25 53.97 -4.12
N VAL A 116 -13.58 53.64 -5.21
CA VAL A 116 -13.93 54.16 -6.54
C VAL A 116 -14.74 53.10 -7.28
N ALA A 117 -15.93 53.48 -7.74
CA ALA A 117 -16.75 52.59 -8.55
C ALA A 117 -16.19 52.51 -9.98
N VAL A 118 -16.74 51.58 -10.75
CA VAL A 118 -16.29 51.40 -12.13
C VAL A 118 -16.55 52.67 -12.94
N ASP A 119 -17.63 53.40 -12.64
CA ASP A 119 -17.93 54.60 -13.41
C ASP A 119 -17.06 55.79 -12.98
N GLY A 120 -16.08 55.55 -12.10
CA GLY A 120 -15.18 56.59 -11.67
C GLY A 120 -15.65 57.40 -10.48
N HIS A 121 -16.90 57.24 -10.05
CA HIS A 121 -17.40 58.00 -8.91
C HIS A 121 -17.09 57.27 -7.60
N ILE A 122 -16.99 58.05 -6.54
CA ILE A 122 -16.93 57.54 -5.18
C ILE A 122 -18.32 57.69 -4.59
N TYR A 123 -18.97 56.57 -4.28
CA TYR A 123 -20.30 56.60 -3.67
C TYR A 123 -20.28 56.32 -2.18
N MET A 124 -19.16 55.86 -1.65
CA MET A 124 -19.10 55.45 -0.26
C MET A 124 -17.67 55.63 0.24
N ILE A 125 -17.54 55.90 1.53
CA ILE A 125 -16.27 55.79 2.23
C ILE A 125 -16.26 54.44 2.94
N PRO A 126 -15.38 53.51 2.57
CA PRO A 126 -15.34 52.21 3.26
C PRO A 126 -14.89 52.35 4.71
N ASN A 127 -15.22 51.33 5.50
CA ASN A 127 -14.64 51.20 6.83
C ASN A 127 -13.39 50.33 6.69
N TYR A 128 -12.23 50.94 6.73
CA TYR A 128 -10.98 50.25 6.42
C TYR A 128 -10.43 49.55 7.65
N TYR A 129 -10.03 48.30 7.47
CA TYR A 129 -9.12 47.68 8.43
C TYR A 129 -7.73 48.30 8.26
N ASP A 130 -6.88 48.08 9.26
CA ASP A 130 -5.48 48.50 9.14
C ASP A 130 -4.68 47.36 8.51
N TYR A 131 -5.06 47.07 7.27
CA TYR A 131 -4.68 45.82 6.62
C TYR A 131 -3.17 45.66 6.52
N PHE A 132 -2.46 46.74 6.21
CA PHE A 132 -1.03 46.59 5.97
C PHE A 132 -0.22 46.56 7.26
N ASN A 133 -0.89 46.55 8.41
CA ASN A 133 -0.23 46.30 9.69
C ASN A 133 -0.70 45.00 10.35
N ILE A 134 -1.96 44.63 10.21
CA ILE A 134 -2.46 43.31 10.63
C ILE A 134 -3.40 42.81 9.55
N LYS A 135 -3.05 41.69 8.92
CA LYS A 135 -3.87 41.15 7.83
C LYS A 135 -4.45 39.78 8.12
N VAL A 136 -4.11 39.15 9.25
CA VAL A 136 -4.79 37.92 9.62
C VAL A 136 -6.11 38.27 10.33
N SER A 137 -7.00 37.29 10.39
CA SER A 137 -8.25 37.50 11.12
C SER A 137 -8.50 36.36 12.09
N GLN A 138 -9.16 35.29 11.63
CA GLN A 138 -9.51 34.17 12.50
C GLN A 138 -8.42 33.11 12.54
N GLY A 139 -8.37 32.40 13.66
CA GLY A 139 -7.52 31.24 13.78
C GLY A 139 -8.24 30.15 14.56
N TYR A 140 -7.62 28.98 14.61
CA TYR A 140 -8.19 27.83 15.30
C TYR A 140 -7.63 27.73 16.72
N PHE A 141 -8.52 27.53 17.69
CA PHE A 141 -8.17 27.46 19.10
C PHE A 141 -8.69 26.17 19.70
N ILE A 142 -7.96 25.63 20.68
CA ILE A 142 -8.37 24.41 21.35
C ILE A 142 -7.98 24.52 22.81
N ARG A 143 -8.75 23.86 23.68
CA ARG A 143 -8.53 23.88 25.13
C ARG A 143 -7.35 22.95 25.43
N GLN A 144 -6.15 23.54 25.49
CA GLN A 144 -4.95 22.75 25.76
C GLN A 144 -5.02 22.14 27.16
N ASP A 145 -5.67 22.82 28.12
CA ASP A 145 -5.82 22.23 29.45
C ASP A 145 -6.71 20.99 29.41
N TRP A 146 -7.63 20.92 28.45
CA TRP A 146 -8.44 19.71 28.30
C TRP A 146 -7.66 18.61 27.59
N LEU A 147 -6.79 18.97 26.64
CA LEU A 147 -5.88 17.98 26.04
C LEU A 147 -5.01 17.35 27.11
N GLU A 148 -4.40 18.17 27.97
CA GLU A 148 -3.53 17.65 29.01
C GLU A 148 -4.31 16.79 30.00
N LYS A 149 -5.50 17.25 30.38
CA LYS A 149 -6.34 16.52 31.31
C LYS A 149 -6.68 15.12 30.79
N LEU A 150 -6.88 14.99 29.47
CA LEU A 150 -7.27 13.72 28.87
C LEU A 150 -6.09 12.93 28.33
N GLY A 151 -4.88 13.44 28.46
CA GLY A 151 -3.70 12.74 27.96
C GLY A 151 -3.62 12.68 26.46
N LEU A 152 -4.12 13.70 25.77
CA LEU A 152 -4.19 13.71 24.32
C LEU A 152 -3.20 14.71 23.75
N LYS A 153 -2.67 14.39 22.57
CA LYS A 153 -1.86 15.37 21.87
C LYS A 153 -2.72 16.32 21.07
N GLU A 154 -2.12 17.45 20.72
CA GLU A 154 -2.76 18.43 19.87
C GLU A 154 -3.11 17.77 18.53
N PRO A 155 -4.37 17.76 18.12
CA PRO A 155 -4.70 17.19 16.81
C PRO A 155 -4.13 18.04 15.70
N ARG A 156 -3.61 17.38 14.66
CA ARG A 156 -3.03 18.09 13.54
C ARG A 156 -3.77 17.91 12.23
N THR A 157 -4.66 16.93 12.12
CA THR A 157 -5.48 16.75 10.94
C THR A 157 -6.96 16.89 11.32
N VAL A 158 -7.79 17.06 10.29
CA VAL A 158 -9.24 17.14 10.53
C VAL A 158 -9.74 15.85 11.17
N ASP A 159 -9.20 14.71 10.75
CA ASP A 159 -9.60 13.44 11.35
C ASP A 159 -9.21 13.36 12.82
N GLU A 160 -8.01 13.86 13.16
CA GLU A 160 -7.61 13.88 14.56
C GLU A 160 -8.43 14.87 15.37
N LEU A 161 -8.82 16.00 14.76
CA LEU A 161 -9.74 16.90 15.44
C LEU A 161 -11.04 16.20 15.76
N TYR A 162 -11.60 15.48 14.78
CA TYR A 162 -12.82 14.71 15.01
C TYR A 162 -12.68 13.81 16.23
N THR A 163 -11.61 13.03 16.28
CA THR A 163 -11.40 12.11 17.40
C THR A 163 -11.22 12.87 18.71
N THR A 164 -10.55 14.02 18.65
CA THR A 164 -10.35 14.81 19.86
C THR A 164 -11.67 15.38 20.37
N LEU A 165 -12.49 15.92 19.46
CA LEU A 165 -13.78 16.47 19.88
C LEU A 165 -14.67 15.37 20.46
N LYS A 166 -14.60 14.16 19.89
CA LYS A 166 -15.34 13.04 20.46
C LYS A 166 -14.91 12.78 21.89
N ALA A 167 -13.61 12.87 22.15
CA ALA A 167 -13.11 12.69 23.51
C ALA A 167 -13.58 13.81 24.42
N PHE A 168 -13.59 15.05 23.92
CA PHE A 168 -14.14 16.15 24.71
C PHE A 168 -15.60 15.89 25.08
N ARG A 169 -16.36 15.32 24.16
CA ARG A 169 -17.78 15.12 24.41
C ARG A 169 -18.03 13.97 25.37
N GLU A 170 -17.23 12.92 25.29
CA GLU A 170 -17.54 11.67 25.98
C GLU A 170 -16.80 11.47 27.29
N LYS A 171 -15.69 12.18 27.52
CA LYS A 171 -14.79 11.87 28.63
C LYS A 171 -14.71 12.97 29.69
N ASP A 172 -15.71 13.87 29.75
CA ASP A 172 -15.87 14.80 30.86
C ASP A 172 -14.60 15.62 31.17
N PRO A 173 -14.03 16.32 30.22
CA PRO A 173 -12.81 17.08 30.50
C PRO A 173 -13.02 18.20 31.52
N ASN A 174 -14.21 18.74 31.71
CA ASN A 174 -14.27 19.76 32.76
C ASN A 174 -14.52 19.16 34.13
N GLY A 175 -14.58 17.83 34.23
CA GLY A 175 -14.46 17.13 35.48
C GLY A 175 -15.66 17.12 36.39
N ASN A 176 -16.84 17.55 35.91
CA ASN A 176 -18.01 17.65 36.77
C ASN A 176 -18.95 16.46 36.66
N GLY A 177 -18.51 15.37 36.03
CA GLY A 177 -19.34 14.18 35.90
C GLY A 177 -20.58 14.35 35.05
N LYS A 178 -20.69 15.43 34.29
CA LYS A 178 -21.84 15.70 33.45
C LYS A 178 -21.42 15.73 31.99
N LYS A 179 -22.28 15.24 31.12
CA LYS A 179 -22.05 15.30 29.69
C LYS A 179 -22.58 16.64 29.17
N ASP A 180 -21.87 17.70 29.55
CA ASP A 180 -22.26 19.07 29.23
C ASP A 180 -21.30 19.74 28.26
N GLU A 181 -20.22 19.07 27.87
CA GLU A 181 -19.21 19.68 27.01
C GLU A 181 -19.75 19.99 25.63
N VAL A 182 -19.38 21.17 25.12
CA VAL A 182 -19.66 21.59 23.75
C VAL A 182 -18.33 21.62 23.03
N PRO A 183 -17.93 20.54 22.34
CA PRO A 183 -16.53 20.43 21.89
C PRO A 183 -16.11 21.53 20.93
N PHE A 184 -16.93 21.82 19.91
CA PHE A 184 -16.59 22.85 18.93
C PHE A 184 -17.75 23.81 18.81
N PHE A 185 -17.46 25.11 18.88
CA PHE A 185 -18.49 26.14 18.80
C PHE A 185 -17.97 27.27 17.92
N VAL A 186 -18.89 28.15 17.51
CA VAL A 186 -18.55 29.34 16.71
C VAL A 186 -19.30 30.54 17.29
N ARG A 187 -19.12 31.70 16.64
CA ARG A 187 -19.71 32.96 17.08
C ARG A 187 -20.22 33.71 15.86
N ALA A 188 -21.52 34.04 15.87
CA ALA A 188 -22.15 34.55 14.66
C ALA A 188 -23.49 35.19 15.02
N ASN A 189 -23.96 36.10 14.14
CA ASN A 189 -25.32 36.61 14.24
C ASN A 189 -26.07 36.45 12.93
N ASN A 190 -25.57 35.63 12.00
CA ASN A 190 -26.33 35.22 10.83
C ASN A 190 -25.78 33.89 10.35
N VAL A 191 -26.50 33.28 9.39
CA VAL A 191 -26.13 31.94 8.94
C VAL A 191 -24.79 31.96 8.22
N ARG A 192 -24.52 33.02 7.43
CA ARG A 192 -23.25 33.08 6.71
C ARG A 192 -22.08 33.00 7.67
N LYS A 193 -22.16 33.70 8.81
CA LYS A 193 -21.05 33.67 9.76
C LYS A 193 -20.93 32.32 10.45
N VAL A 194 -22.05 31.63 10.69
CA VAL A 194 -21.98 30.27 11.22
C VAL A 194 -21.24 29.37 10.26
N LEU A 195 -21.67 29.37 8.99
CA LEU A 195 -21.01 28.55 7.98
C LEU A 195 -19.54 28.93 7.82
N THR A 196 -19.25 30.23 7.88
CA THR A 196 -17.88 30.71 7.69
C THR A 196 -16.90 30.03 8.62
N SER A 197 -17.26 29.89 9.90
CA SER A 197 -16.35 29.34 10.89
C SER A 197 -16.50 27.83 11.06
N LEU A 198 -17.34 27.19 10.26
CA LEU A 198 -17.48 25.73 10.26
C LEU A 198 -16.91 25.06 9.03
N VAL A 199 -17.06 25.65 7.84
CA VAL A 199 -16.66 24.94 6.62
C VAL A 199 -15.20 25.14 6.26
N ASP A 200 -14.51 26.13 6.86
CA ASP A 200 -13.10 26.32 6.57
C ASP A 200 -12.26 25.16 7.08
N LEU A 201 -12.73 24.52 8.16
CA LEU A 201 -12.12 23.28 8.66
C LEU A 201 -11.85 22.31 7.52
N PHE A 202 -12.80 22.19 6.60
CA PHE A 202 -12.77 21.20 5.53
C PHE A 202 -12.29 21.81 4.21
N LYS A 203 -11.64 22.97 4.27
CA LYS A 203 -11.04 23.63 3.12
C LYS A 203 -12.08 24.01 2.08
N ALA A 204 -13.30 24.28 2.55
CA ALA A 204 -14.38 24.79 1.71
C ALA A 204 -14.60 26.27 1.99
N SER A 205 -15.44 26.90 1.18
CA SER A 205 -15.76 28.32 1.33
C SER A 205 -17.25 28.54 1.13
N PRO A 206 -17.88 29.39 1.96
CA PRO A 206 -19.28 29.75 1.74
C PRO A 206 -19.48 30.90 0.76
N ILE A 207 -18.41 31.43 0.17
CA ILE A 207 -18.52 32.60 -0.69
C ILE A 207 -17.71 32.38 -1.96
N TRP A 208 -17.49 33.46 -2.71
CA TRP A 208 -16.65 33.39 -3.90
C TRP A 208 -15.18 33.40 -3.51
N TYR A 209 -14.36 32.72 -4.31
CA TYR A 209 -12.94 32.61 -4.03
C TYR A 209 -12.21 32.44 -5.36
N GLU A 210 -10.89 32.59 -5.31
CA GLU A 210 -10.06 32.47 -6.50
C GLU A 210 -9.27 31.18 -6.45
N GLU A 211 -9.33 30.43 -7.55
CA GLU A 211 -8.33 29.44 -7.89
C GLU A 211 -7.73 29.84 -9.23
N ASN A 212 -6.40 29.92 -9.27
CA ASN A 212 -5.65 29.95 -10.53
C ASN A 212 -6.21 30.98 -11.50
N GLY A 213 -6.53 32.16 -11.00
CA GLY A 213 -6.96 33.23 -11.88
C GLY A 213 -8.43 33.20 -12.23
N MET A 214 -9.17 32.20 -11.79
CA MET A 214 -10.60 32.05 -12.07
C MET A 214 -11.38 32.12 -10.77
N VAL A 215 -12.49 32.85 -10.80
CA VAL A 215 -13.33 33.09 -9.63
C VAL A 215 -14.45 32.05 -9.62
N LYS A 216 -14.61 31.35 -8.50
CA LYS A 216 -15.59 30.26 -8.37
C LYS A 216 -16.43 30.46 -7.12
N TYR A 217 -17.61 29.86 -7.13
CA TYR A 217 -18.57 29.98 -6.03
C TYR A 217 -18.40 28.81 -5.09
N GLY A 218 -17.89 29.08 -3.89
CA GLY A 218 -17.63 28.08 -2.88
C GLY A 218 -18.74 27.07 -2.63
N PRO A 219 -19.97 27.55 -2.41
CA PRO A 219 -21.07 26.62 -2.08
C PRO A 219 -21.45 25.67 -3.21
N ALA A 220 -20.94 25.86 -4.43
CA ALA A 220 -21.24 24.94 -5.51
C ALA A 220 -20.15 23.89 -5.71
N GLN A 221 -19.14 23.87 -4.86
CA GLN A 221 -18.02 22.96 -5.02
C GLN A 221 -18.22 21.69 -4.19
N LYS A 222 -17.61 20.59 -4.66
CA LYS A 222 -17.72 19.34 -3.92
C LYS A 222 -17.03 19.41 -2.56
N GLU A 223 -16.05 20.31 -2.38
CA GLU A 223 -15.47 20.48 -1.04
C GLU A 223 -16.51 21.01 -0.07
N PHE A 224 -17.44 21.82 -0.55
CA PHE A 224 -18.52 22.33 0.29
C PHE A 224 -19.50 21.20 0.63
N LYS A 225 -19.82 20.35 -0.34
CA LYS A 225 -20.66 19.19 -0.06
C LYS A 225 -20.04 18.32 1.03
N HIS A 226 -18.74 18.04 0.92
CA HIS A 226 -18.07 17.24 1.96
C HIS A 226 -18.11 17.95 3.31
N ALA A 227 -17.87 19.25 3.32
CA ALA A 227 -17.90 19.99 4.58
C ALA A 227 -19.26 19.86 5.25
N ILE A 228 -20.34 20.09 4.50
CA ILE A 228 -21.68 20.02 5.08
C ILE A 228 -21.98 18.60 5.55
N LYS A 229 -21.59 17.60 4.75
CA LYS A 229 -21.84 16.21 5.12
C LYS A 229 -21.14 15.85 6.42
N GLU A 230 -19.87 16.24 6.57
CA GLU A 230 -19.15 15.99 7.81
C GLU A 230 -19.78 16.73 8.98
N LEU A 231 -20.15 18.00 8.78
CA LEU A 231 -20.74 18.78 9.86
C LEU A 231 -22.07 18.19 10.31
N SER A 232 -22.85 17.64 9.37
CA SER A 232 -24.08 16.95 9.75
C SER A 232 -23.78 15.76 10.65
N LYS A 233 -22.72 15.01 10.35
CA LYS A 233 -22.33 13.89 11.18
C LYS A 233 -21.83 14.37 12.54
N TRP A 234 -20.96 15.39 12.54
CA TRP A 234 -20.47 15.91 13.81
C TRP A 234 -21.60 16.51 14.63
N TYR A 235 -22.60 17.09 13.96
CA TYR A 235 -23.76 17.61 14.67
C TYR A 235 -24.53 16.49 15.36
N LYS A 236 -24.81 15.40 14.62
CA LYS A 236 -25.54 14.28 15.21
C LYS A 236 -24.83 13.71 16.42
N GLU A 237 -23.50 13.67 16.38
CA GLU A 237 -22.71 13.07 17.45
C GLU A 237 -22.39 14.08 18.56
N GLY A 238 -22.98 15.27 18.52
CA GLY A 238 -22.78 16.22 19.59
C GLY A 238 -21.41 16.84 19.65
N LEU A 239 -20.68 16.85 18.55
CA LEU A 239 -19.32 17.36 18.53
C LEU A 239 -19.27 18.84 18.18
N ILE A 240 -20.25 19.33 17.46
CA ILE A 240 -20.43 20.77 17.28
C ILE A 240 -21.69 21.17 18.03
N ASP A 241 -21.66 22.39 18.56
CA ASP A 241 -22.75 22.98 19.33
C ASP A 241 -24.10 22.74 18.67
N GLU A 242 -25.01 22.09 19.40
CA GLU A 242 -26.35 21.90 18.85
C GLU A 242 -27.03 23.22 18.53
N GLU A 243 -26.63 24.32 19.18
CA GLU A 243 -27.22 25.63 18.96
C GLU A 243 -26.39 26.51 18.03
N ILE A 244 -25.59 25.92 17.12
CA ILE A 244 -24.72 26.72 16.24
C ILE A 244 -25.48 27.84 15.57
N PHE A 245 -26.68 27.55 15.06
CA PHE A 245 -27.38 28.54 14.25
C PHE A 245 -28.19 29.53 15.06
N THR A 246 -28.41 29.29 16.35
CA THR A 246 -29.26 30.18 17.14
C THR A 246 -28.59 30.83 18.33
N ARG A 247 -27.40 30.38 18.75
CA ARG A 247 -26.85 30.88 20.02
C ARG A 247 -26.49 32.36 19.95
N GLY A 248 -26.10 32.86 18.79
CA GLY A 248 -25.84 34.29 18.65
C GLY A 248 -24.47 34.72 19.12
N LEU A 249 -24.28 36.04 19.17
CA LEU A 249 -22.95 36.59 19.39
C LEU A 249 -22.43 36.39 20.80
N GLU A 250 -23.29 36.01 21.75
CA GLU A 250 -22.84 35.70 23.11
C GLU A 250 -22.28 34.28 23.24
N SER A 251 -22.24 33.51 22.15
CA SER A 251 -21.88 32.09 22.22
C SER A 251 -20.52 31.88 22.90
N ARG A 252 -19.49 32.56 22.41
CA ARG A 252 -18.15 32.32 22.92
C ARG A 252 -18.05 32.72 24.39
N ASP A 253 -18.61 33.89 24.73
N ASP A 253 -18.62 33.87 24.74
CA ASP A 253 -18.63 34.34 26.13
CA ASP A 253 -18.59 34.31 26.13
C ASP A 253 -19.29 33.31 27.03
C ASP A 253 -19.29 33.30 27.04
N TYR A 254 -20.47 32.84 26.64
CA TYR A 254 -21.22 31.90 27.48
C TYR A 254 -20.49 30.57 27.58
N LEU A 255 -20.06 30.01 26.45
CA LEU A 255 -19.48 28.67 26.46
C LEU A 255 -18.11 28.63 27.10
N LEU A 256 -17.31 29.69 26.97
CA LEU A 256 -16.00 29.68 27.62
C LEU A 256 -16.12 29.98 29.10
N SER A 257 -16.92 30.97 29.49
CA SER A 257 -16.97 31.36 30.89
C SER A 257 -17.70 30.34 31.74
N ASN A 258 -18.56 29.50 31.16
CA ASN A 258 -19.17 28.40 31.89
C ASN A 258 -18.40 27.10 31.73
N ASN A 259 -17.20 27.16 31.14
CA ASN A 259 -16.29 26.02 31.02
C ASN A 259 -16.92 24.86 30.26
N LEU A 260 -17.64 25.17 29.18
CA LEU A 260 -18.29 24.18 28.34
C LEU A 260 -17.62 23.98 26.99
N GLY A 261 -17.02 25.02 26.43
CA GLY A 261 -16.53 24.98 25.05
C GLY A 261 -15.09 24.50 24.97
N GLY A 262 -14.83 23.64 23.98
CA GLY A 262 -13.53 23.03 23.85
C GLY A 262 -12.64 23.54 22.72
N ALA A 263 -13.22 24.16 21.70
CA ALA A 263 -12.47 24.55 20.53
C ALA A 263 -13.34 25.45 19.66
N THR A 264 -12.68 26.32 18.88
CA THR A 264 -13.42 27.22 18.02
C THR A 264 -12.54 27.69 16.87
N ASP A 265 -13.14 28.50 16.02
CA ASP A 265 -12.49 29.15 14.89
C ASP A 265 -12.97 30.59 14.97
N ASP A 266 -12.09 31.51 15.38
CA ASP A 266 -12.57 32.85 15.71
C ASP A 266 -11.39 33.82 15.67
N TRP A 267 -11.72 35.10 15.76
CA TRP A 267 -10.71 36.16 15.65
C TRP A 267 -9.63 35.99 16.70
N ILE A 268 -8.38 36.21 16.28
CA ILE A 268 -7.24 35.79 17.10
C ILE A 268 -7.12 36.63 18.37
N ALA A 269 -7.20 37.96 18.24
CA ALA A 269 -6.96 38.80 19.42
C ALA A 269 -8.05 38.63 20.47
N SER A 270 -9.32 38.76 20.06
CA SER A 270 -10.39 38.68 21.05
C SER A 270 -10.51 37.27 21.63
N THR A 271 -10.25 36.23 20.84
CA THR A 271 -10.31 34.89 21.41
C THR A 271 -9.14 34.66 22.36
N SER A 272 -7.98 35.24 22.07
CA SER A 272 -6.83 35.12 22.96
C SER A 272 -7.04 35.88 24.27
N SER A 273 -7.98 36.82 24.31
CA SER A 273 -8.23 37.58 25.54
C SER A 273 -8.79 36.73 26.67
N TYR A 274 -9.33 35.55 26.37
CA TYR A 274 -10.05 34.80 27.40
C TYR A 274 -9.13 34.12 28.39
N ASN A 275 -7.89 33.81 28.01
CA ASN A 275 -6.98 33.18 28.96
C ASN A 275 -6.80 34.06 30.19
N ARG A 276 -6.56 35.35 29.99
N ARG A 276 -6.56 35.35 29.99
CA ARG A 276 -6.44 36.25 31.12
CA ARG A 276 -6.44 36.23 31.14
C ARG A 276 -7.80 36.56 31.74
C ARG A 276 -7.81 36.54 31.74
N ASN A 277 -8.82 36.74 30.90
CA ASN A 277 -10.15 37.06 31.39
C ASN A 277 -10.69 36.02 32.37
N LEU A 278 -10.45 34.74 32.09
CA LEU A 278 -11.06 33.67 32.87
C LEU A 278 -10.07 32.97 33.80
N ALA A 279 -8.87 33.53 33.95
CA ALA A 279 -7.80 32.85 34.69
C ALA A 279 -8.23 32.52 36.12
N ASP A 280 -8.99 33.42 36.76
CA ASP A 280 -9.44 33.13 38.12
C ASP A 280 -10.72 32.30 38.13
N LYS A 281 -11.65 32.59 37.22
CA LYS A 281 -12.93 31.87 37.23
C LYS A 281 -12.74 30.39 36.93
N ILE A 282 -11.84 30.08 36.01
CA ILE A 282 -11.62 28.70 35.58
C ILE A 282 -10.12 28.43 35.68
N PRO A 283 -9.62 28.04 36.86
CA PRO A 283 -8.18 27.84 37.02
C PRO A 283 -7.63 26.83 36.03
N GLY A 284 -6.52 27.20 35.38
CA GLY A 284 -5.90 26.36 34.39
C GLY A 284 -6.40 26.56 32.97
N PHE A 285 -7.45 27.35 32.78
CA PHE A 285 -8.01 27.60 31.45
C PHE A 285 -6.90 28.00 30.48
N ASN A 286 -6.83 27.30 29.34
CA ASN A 286 -5.78 27.58 28.37
C ASN A 286 -6.34 27.28 26.98
N LEU A 287 -6.94 28.31 26.37
CA LEU A 287 -7.46 28.23 25.01
C LEU A 287 -6.36 28.72 24.07
N LYS A 288 -5.79 27.80 23.30
CA LYS A 288 -4.51 28.02 22.63
C LYS A 288 -4.69 28.00 21.12
N LEU A 289 -4.01 28.95 20.45
CA LEU A 289 -4.04 29.00 18.99
C LEU A 289 -3.21 27.88 18.39
N VAL A 290 -3.77 27.21 17.39
CA VAL A 290 -3.06 26.19 16.63
C VAL A 290 -3.18 26.54 15.15
N LEU A 291 -2.25 26.03 14.36
CA LEU A 291 -2.33 26.22 12.91
C LEU A 291 -3.55 25.47 12.38
N PRO A 292 -4.10 25.91 11.25
CA PRO A 292 -5.26 25.21 10.68
C PRO A 292 -4.99 23.72 10.55
N TYR A 293 -5.97 22.90 10.94
CA TYR A 293 -5.78 21.46 10.87
C TYR A 293 -5.67 21.02 9.41
N GLU A 294 -4.81 20.03 9.16
CA GLU A 294 -4.52 19.63 7.79
C GLU A 294 -5.57 18.64 7.30
N LEU A 295 -5.93 18.76 6.03
CA LEU A 295 -6.82 17.81 5.39
C LEU A 295 -6.08 17.32 4.15
N ASN A 296 -5.58 16.09 4.20
CA ASN A 296 -4.83 15.48 3.10
C ASN A 296 -3.71 16.40 2.62
N GLY A 297 -2.96 16.94 3.58
CA GLY A 297 -1.81 17.78 3.28
C GLY A 297 -2.11 19.25 3.06
N ASN A 298 -3.38 19.63 3.00
CA ASN A 298 -3.76 21.03 2.82
C ASN A 298 -3.74 21.69 4.19
N ALA A 299 -2.83 22.64 4.38
CA ALA A 299 -2.62 23.29 5.68
C ALA A 299 -3.15 24.72 5.70
N LYS A 300 -3.91 25.13 4.70
CA LYS A 300 -4.30 26.52 4.53
C LYS A 300 -5.64 26.83 5.17
N THR A 301 -5.81 28.08 5.57
CA THR A 301 -7.11 28.64 5.92
C THR A 301 -7.42 29.77 4.95
N ARG A 302 -8.71 29.94 4.65
CA ARG A 302 -9.14 31.08 3.86
C ARG A 302 -9.56 32.27 4.71
N HIS A 303 -9.40 32.20 6.02
CA HIS A 303 -9.67 33.33 6.92
C HIS A 303 -8.55 34.36 6.79
N ALA A 304 -8.90 35.53 6.28
CA ALA A 304 -7.96 36.63 6.21
C ALA A 304 -8.74 37.93 6.39
N ARG A 305 -8.07 38.93 6.94
CA ARG A 305 -8.68 40.25 7.00
C ARG A 305 -8.79 40.80 5.58
N THR A 306 -9.90 41.46 5.30
CA THR A 306 -10.05 42.23 4.06
C THR A 306 -9.47 43.63 4.25
N THR A 307 -9.36 44.38 3.15
CA THR A 307 -8.91 45.76 3.28
C THR A 307 -9.97 46.64 3.93
N TYR A 308 -11.24 46.26 3.80
CA TYR A 308 -12.32 47.06 4.37
C TYR A 308 -13.53 46.17 4.60
N LEU A 309 -14.50 46.70 5.33
CA LEU A 309 -15.78 46.04 5.54
C LEU A 309 -16.86 47.11 5.53
N GLY A 310 -17.77 47.03 4.56
CA GLY A 310 -18.87 48.00 4.52
C GLY A 310 -18.41 49.42 4.24
N GLY A 311 -19.32 50.36 4.51
CA GLY A 311 -19.03 51.77 4.31
C GLY A 311 -20.27 52.60 4.54
N TRP A 312 -20.15 53.90 4.27
CA TRP A 312 -21.33 54.77 4.33
C TRP A 312 -21.23 55.83 3.25
N GLY A 313 -22.40 56.33 2.83
CA GLY A 313 -22.47 57.37 1.84
C GLY A 313 -23.52 58.41 2.22
N ILE A 314 -23.64 59.42 1.39
CA ILE A 314 -24.59 60.51 1.57
C ILE A 314 -25.70 60.34 0.55
N SER A 315 -26.96 60.38 1.00
CA SER A 315 -28.04 60.07 0.08
C SER A 315 -28.42 61.30 -0.75
N LYS A 316 -29.14 61.04 -1.85
CA LYS A 316 -29.63 62.12 -2.69
C LYS A 316 -30.61 63.03 -1.95
N ASP A 317 -31.17 62.56 -0.84
CA ASP A 317 -32.16 63.33 -0.12
C ASP A 317 -31.57 64.19 0.99
N ALA A 318 -30.27 64.08 1.25
CA ALA A 318 -29.64 64.92 2.27
C ALA A 318 -29.64 66.38 1.85
N LYS A 319 -30.07 67.26 2.76
CA LYS A 319 -30.17 68.68 2.44
C LYS A 319 -28.81 69.36 2.42
N ASP A 320 -27.87 68.91 3.26
CA ASP A 320 -26.60 69.61 3.47
C ASP A 320 -25.43 68.64 3.32
N PRO A 321 -25.11 68.25 2.08
CA PRO A 321 -24.01 67.28 1.89
C PRO A 321 -22.64 67.82 2.26
N VAL A 322 -22.39 69.13 2.14
CA VAL A 322 -21.08 69.65 2.52
C VAL A 322 -20.83 69.43 4.00
N SER A 323 -21.86 69.69 4.83
CA SER A 323 -21.74 69.43 6.25
C SER A 323 -21.49 67.94 6.52
N LEU A 324 -22.06 67.06 5.68
CA LEU A 324 -21.92 65.63 5.93
C LEU A 324 -20.57 65.10 5.47
N ILE A 325 -20.00 65.63 4.38
CA ILE A 325 -18.66 65.18 4.02
C ILE A 325 -17.64 65.67 5.06
N LYS A 326 -17.92 66.82 5.69
CA LYS A 326 -17.06 67.26 6.79
C LYS A 326 -17.16 66.33 7.99
N TYR A 327 -18.36 65.78 8.24
CA TYR A 327 -18.51 64.77 9.28
C TYR A 327 -17.73 63.51 8.91
N PHE A 328 -17.85 63.04 7.66
CA PHE A 328 -17.03 61.92 7.20
C PHE A 328 -15.54 62.20 7.39
N ASP A 329 -15.11 63.44 7.10
CA ASP A 329 -13.69 63.78 7.18
C ASP A 329 -13.18 63.82 8.61
N TYR A 330 -14.06 64.12 9.57
CA TYR A 330 -13.65 64.19 10.98
C TYR A 330 -13.02 62.88 11.44
N TRP A 331 -13.57 61.76 10.99
CA TRP A 331 -13.07 60.45 11.40
C TRP A 331 -11.69 60.13 10.83
N TYR A 332 -11.21 60.93 9.87
CA TYR A 332 -9.87 60.76 9.33
C TYR A 332 -8.88 61.79 9.85
N SER A 333 -9.33 62.71 10.72
CA SER A 333 -8.39 63.54 11.44
C SER A 333 -7.66 62.71 12.48
N VAL A 334 -6.50 63.22 12.92
CA VAL A 334 -5.76 62.48 13.95
C VAL A 334 -6.63 62.28 15.18
N GLU A 335 -7.36 63.32 15.59
CA GLU A 335 -8.19 63.23 16.77
C GLU A 335 -9.43 62.35 16.53
N GLY A 336 -10.07 62.51 15.38
CA GLY A 336 -11.26 61.72 15.09
C GLY A 336 -10.95 60.24 14.93
N ARG A 337 -9.84 59.92 14.28
CA ARG A 337 -9.45 58.52 14.13
C ARG A 337 -9.08 57.90 15.47
N ARG A 338 -8.38 58.64 16.33
CA ARG A 338 -8.08 58.11 17.66
C ARG A 338 -9.35 57.88 18.46
N LEU A 339 -10.33 58.80 18.33
CA LEU A 339 -11.58 58.65 19.03
C LEU A 339 -12.32 57.37 18.61
N TRP A 340 -12.46 57.17 17.30
CA TRP A 340 -13.15 55.98 16.80
C TRP A 340 -12.47 54.71 17.25
N ASN A 341 -11.13 54.71 17.30
CA ASN A 341 -10.39 53.49 17.59
C ASN A 341 -10.25 53.20 19.07
N PHE A 342 -10.04 54.23 19.90
CA PHE A 342 -9.61 54.04 21.28
C PHE A 342 -10.66 54.42 22.32
N GLY A 343 -11.71 55.13 21.95
CA GLY A 343 -12.66 55.61 22.95
C GLY A 343 -12.32 57.00 23.46
N ILE A 344 -12.57 57.24 24.74
CA ILE A 344 -12.51 58.58 25.33
C ILE A 344 -11.26 58.70 26.20
N GLU A 345 -10.51 59.78 25.99
CA GLU A 345 -9.35 60.06 26.83
C GLU A 345 -9.78 60.32 28.26
N GLY A 346 -9.07 59.70 29.21
CA GLY A 346 -9.41 59.79 30.61
C GLY A 346 -10.38 58.72 31.09
N SER A 347 -10.94 57.94 30.18
CA SER A 347 -11.85 56.85 30.51
C SER A 347 -11.33 55.53 29.97
N GLU A 348 -11.20 55.39 28.65
CA GLU A 348 -10.69 54.16 28.05
C GLU A 348 -9.18 54.17 27.91
N TYR A 349 -8.56 55.34 27.80
CA TYR A 349 -7.11 55.41 27.63
C TYR A 349 -6.60 56.72 28.22
N THR A 350 -5.30 56.74 28.48
CA THR A 350 -4.58 57.99 28.77
C THR A 350 -3.42 58.08 27.79
N LEU A 351 -2.96 59.30 27.57
CA LEU A 351 -1.80 59.53 26.71
C LEU A 351 -0.53 59.43 27.54
N VAL A 352 0.37 58.53 27.12
CA VAL A 352 1.67 58.35 27.76
C VAL A 352 2.71 58.59 26.68
N ASP A 353 3.47 59.68 26.83
CA ASP A 353 4.42 60.12 25.81
C ASP A 353 3.75 60.22 24.45
N GLY A 354 2.53 60.78 24.44
CA GLY A 354 1.79 61.03 23.23
C GLY A 354 1.02 59.86 22.67
N LYS A 355 1.19 58.65 23.20
CA LYS A 355 0.60 57.44 22.66
C LYS A 355 -0.48 56.88 23.58
N PRO A 356 -1.62 56.45 23.04
CA PRO A 356 -2.69 55.91 23.89
C PRO A 356 -2.28 54.62 24.59
N VAL A 357 -2.55 54.55 25.88
CA VAL A 357 -2.39 53.33 26.68
C VAL A 357 -3.72 53.10 27.39
N PHE A 358 -4.30 51.92 27.22
CA PHE A 358 -5.62 51.66 27.78
C PHE A 358 -5.56 51.63 29.31
N THR A 359 -6.70 51.94 29.92
CA THR A 359 -6.85 51.98 31.37
C THR A 359 -7.31 50.62 31.90
N ASP A 360 -7.33 50.51 33.24
CA ASP A 360 -7.84 49.29 33.86
C ASP A 360 -9.27 49.00 33.44
N LYS A 361 -10.05 50.05 33.14
CA LYS A 361 -11.43 49.83 32.71
C LYS A 361 -11.49 48.96 31.48
N VAL A 362 -10.54 49.12 30.57
CA VAL A 362 -10.51 48.31 29.36
C VAL A 362 -9.74 47.01 29.59
N LEU A 363 -8.54 47.09 30.16
CA LEU A 363 -7.64 45.93 30.20
C LEU A 363 -7.88 45.00 31.38
N LYS A 364 -8.51 45.47 32.46
CA LYS A 364 -8.79 44.64 33.63
C LYS A 364 -10.17 45.03 34.13
N ASN A 365 -11.17 44.82 33.29
CA ASN A 365 -12.49 45.39 33.55
C ASN A 365 -13.08 44.82 34.83
N PRO A 366 -13.46 45.67 35.78
CA PRO A 366 -14.00 45.17 37.07
C PRO A 366 -15.29 44.38 36.94
N ASP A 367 -16.06 44.53 35.87
CA ASP A 367 -17.27 43.74 35.69
C ASP A 367 -17.03 42.47 34.88
N GLY A 368 -15.77 42.09 34.68
CA GLY A 368 -15.40 40.86 33.98
C GLY A 368 -15.52 40.89 32.48
N LYS A 369 -15.69 42.06 31.88
CA LYS A 369 -15.76 42.22 30.43
C LYS A 369 -14.37 42.14 29.78
N THR A 370 -14.33 41.61 28.56
CA THR A 370 -13.12 41.60 27.75
C THR A 370 -12.81 43.01 27.23
N PRO A 371 -11.54 43.27 26.86
CA PRO A 371 -11.19 44.62 26.38
C PRO A 371 -11.97 45.11 25.17
N LEU A 372 -12.17 44.28 24.15
CA LEU A 372 -12.90 44.75 22.96
C LEU A 372 -14.38 44.94 23.25
N ALA A 373 -14.95 44.12 24.13
CA ALA A 373 -16.34 44.32 24.53
C ALA A 373 -16.51 45.68 25.21
N VAL A 374 -15.55 46.04 26.07
CA VAL A 374 -15.58 47.35 26.73
C VAL A 374 -15.51 48.47 25.69
N LEU A 375 -14.59 48.35 24.74
CA LEU A 375 -14.45 49.39 23.73
C LEU A 375 -15.73 49.54 22.90
N ARG A 376 -16.33 48.42 22.49
CA ARG A 376 -17.56 48.55 21.71
C ARG A 376 -18.69 49.17 22.52
N GLU A 377 -18.73 48.93 23.84
CA GLU A 377 -19.80 49.48 24.66
C GLU A 377 -19.75 51.00 24.76
N VAL A 378 -18.60 51.64 24.54
CA VAL A 378 -18.55 53.10 24.53
C VAL A 378 -18.67 53.66 23.13
N GLY A 379 -18.81 52.81 22.11
CA GLY A 379 -18.95 53.27 20.75
C GLY A 379 -17.70 53.25 19.91
N ALA A 380 -16.59 52.76 20.46
CA ALA A 380 -15.40 52.59 19.63
C ALA A 380 -15.58 51.39 18.71
N GLN A 381 -14.85 51.41 17.60
CA GLN A 381 -14.84 50.35 16.60
C GLN A 381 -16.20 50.15 15.94
N TYR A 382 -17.10 51.12 16.02
CA TYR A 382 -18.43 50.96 15.44
C TYR A 382 -18.33 51.14 13.93
N ARG A 383 -18.56 50.07 13.19
CA ARG A 383 -18.37 50.07 11.74
C ARG A 383 -19.20 51.14 11.06
N LEU A 384 -18.52 52.09 10.40
CA LEU A 384 -19.20 53.12 9.61
C LEU A 384 -18.42 53.29 8.31
N GLY A 385 -17.62 54.35 8.23
CA GLY A 385 -16.67 54.51 7.14
C GLY A 385 -15.36 55.08 7.65
N ALA A 386 -14.84 54.52 8.74
CA ALA A 386 -13.65 55.01 9.39
C ALA A 386 -12.43 54.16 9.03
N PHE A 387 -11.26 54.57 9.54
CA PHE A 387 -9.98 53.92 9.25
C PHE A 387 -9.44 53.35 10.56
N GLN A 388 -9.47 52.02 10.69
CA GLN A 388 -8.94 51.38 11.88
C GLN A 388 -7.44 51.62 12.03
N ASP A 389 -6.99 51.67 13.28
CA ASP A 389 -5.59 51.86 13.65
C ASP A 389 -5.14 50.61 14.40
N ALA A 390 -4.20 49.87 13.81
CA ALA A 390 -3.76 48.62 14.43
C ALA A 390 -3.14 48.84 15.80
N GLN A 391 -2.71 50.06 16.13
CA GLN A 391 -2.22 50.32 17.46
C GLN A 391 -3.30 50.15 18.52
N TYR A 392 -4.57 50.36 18.16
CA TYR A 392 -5.65 50.08 19.11
C TYR A 392 -5.67 48.59 19.45
N GLU A 393 -5.53 47.74 18.44
CA GLU A 393 -5.62 46.30 18.65
C GLU A 393 -4.41 45.80 19.43
N LEU A 394 -3.21 46.24 19.04
CA LEU A 394 -2.00 45.88 19.78
C LEU A 394 -2.03 46.43 21.20
N GLY A 395 -2.82 47.48 21.45
CA GLY A 395 -2.91 48.05 22.78
C GLY A 395 -3.59 47.17 23.81
N TRP A 396 -4.44 46.24 23.38
CA TRP A 396 -5.07 45.31 24.30
C TRP A 396 -4.80 43.84 23.99
N ALA A 397 -4.30 43.51 22.80
CA ALA A 397 -4.00 42.11 22.47
C ALA A 397 -2.95 41.55 23.42
N SER A 398 -3.15 40.31 23.84
CA SER A 398 -2.21 39.61 24.70
C SER A 398 -0.92 39.31 23.94
N GLU A 399 0.12 38.94 24.70
CA GLU A 399 1.37 38.54 24.07
C GLU A 399 1.15 37.30 23.20
N SER A 400 0.28 36.39 23.63
CA SER A 400 -0.03 35.21 22.85
C SER A 400 -0.74 35.57 21.55
N ALA A 401 -1.60 36.59 21.58
CA ALA A 401 -2.24 37.05 20.35
C ALA A 401 -1.22 37.65 19.39
N LYS A 402 -0.29 38.45 19.89
CA LYS A 402 0.72 39.04 19.02
C LYS A 402 1.62 37.97 18.42
N ALA A 403 2.04 36.99 19.22
CA ALA A 403 2.76 35.85 18.67
C ALA A 403 1.91 35.07 17.68
N GLY A 404 0.60 35.08 17.88
CA GLY A 404 -0.29 34.35 16.99
C GLY A 404 -0.36 34.94 15.58
N TYR A 405 -0.41 36.28 15.47
CA TYR A 405 -0.31 36.91 14.16
C TYR A 405 0.93 36.42 13.42
N LYS A 406 2.07 36.48 14.10
CA LYS A 406 3.34 36.09 13.49
C LYS A 406 3.37 34.61 13.18
N TYR A 407 2.78 33.80 14.05
CA TYR A 407 2.70 32.35 13.85
C TYR A 407 1.96 32.02 12.55
N TYR A 408 0.81 32.65 12.33
CA TYR A 408 0.06 32.38 11.11
C TYR A 408 0.78 32.91 9.88
N MET A 409 1.39 34.09 9.99
CA MET A 409 2.08 34.65 8.83
C MET A 409 3.38 33.88 8.52
N ASP A 410 4.16 33.57 9.56
CA ASP A 410 5.44 32.88 9.34
C ASP A 410 5.24 31.52 8.69
N ASN A 411 4.16 30.83 9.04
CA ASN A 411 3.91 29.49 8.51
C ASN A 411 3.11 29.48 7.22
N ASP A 412 2.78 30.66 6.69
CA ASP A 412 2.22 30.80 5.34
C ASP A 412 0.91 30.05 5.18
N VAL A 413 0.09 30.01 6.24
CA VAL A 413 -1.15 29.24 6.19
C VAL A 413 -2.36 30.05 5.72
N VAL A 414 -2.24 31.37 5.59
CA VAL A 414 -3.38 32.24 5.30
C VAL A 414 -3.41 32.53 3.81
N LEU A 415 -4.59 32.34 3.19
CA LEU A 415 -4.84 32.74 1.82
C LEU A 415 -5.58 34.07 1.81
N ASP A 416 -5.12 34.99 0.98
CA ASP A 416 -5.74 36.31 0.91
C ASP A 416 -7.20 36.17 0.49
N GLU A 417 -8.04 37.06 1.02
N GLU A 417 -8.07 37.01 1.06
CA GLU A 417 -9.43 37.08 0.61
CA GLU A 417 -9.47 37.03 0.62
C GLU A 417 -9.56 37.63 -0.81
C GLU A 417 -9.57 37.62 -0.78
N LEU A 418 -10.56 37.13 -1.51
CA LEU A 418 -10.88 37.63 -2.81
C LEU A 418 -11.42 39.02 -2.65
N PRO A 419 -10.75 40.01 -3.38
CA PRO A 419 -11.32 41.37 -3.20
C PRO A 419 -12.75 41.52 -3.65
N ILE A 420 -13.50 42.49 -3.12
CA ILE A 420 -14.91 42.64 -3.49
C ILE A 420 -14.90 43.35 -4.82
N LEU A 421 -15.13 42.59 -5.86
CA LEU A 421 -15.11 43.13 -7.20
C LEU A 421 -16.22 44.16 -7.47
N LYS A 422 -15.99 45.01 -8.48
CA LYS A 422 -16.92 46.03 -8.88
C LYS A 422 -17.24 45.90 -10.37
N TYR A 423 -18.42 46.39 -10.78
CA TYR A 423 -18.95 46.07 -12.10
C TYR A 423 -19.59 47.30 -12.73
N THR A 424 -19.72 47.25 -14.06
CA THR A 424 -20.54 48.22 -14.78
C THR A 424 -22.00 48.12 -14.32
N LYS A 425 -22.75 49.20 -14.56
CA LYS A 425 -24.07 49.37 -13.96
C LYS A 425 -24.97 48.14 -14.12
N GLU A 426 -25.15 47.67 -15.36
CA GLU A 426 -26.11 46.59 -15.58
C GLU A 426 -25.61 45.27 -15.01
N LYS A 427 -24.32 44.97 -15.17
CA LYS A 427 -23.77 43.76 -14.57
C LYS A 427 -23.82 43.82 -13.05
N SER A 428 -23.65 45.00 -12.47
CA SER A 428 -23.69 45.11 -11.02
C SER A 428 -25.11 44.93 -10.49
N LYS A 429 -26.12 45.35 -11.27
CA LYS A 429 -27.47 45.01 -10.89
C LYS A 429 -27.71 43.51 -10.99
N GLU A 430 -27.24 42.89 -12.08
CA GLU A 430 -27.51 41.46 -12.25
C GLU A 430 -26.76 40.64 -11.19
N PHE A 431 -25.46 40.91 -11.01
CA PHE A 431 -24.67 40.08 -10.11
C PHE A 431 -25.25 40.07 -8.71
N VAL A 432 -25.50 41.24 -8.14
CA VAL A 432 -26.01 41.30 -6.76
C VAL A 432 -27.35 40.58 -6.67
N SER A 433 -28.17 40.69 -7.73
CA SER A 433 -29.43 39.96 -7.75
C SER A 433 -29.20 38.46 -7.67
N ILE A 434 -28.28 37.94 -8.49
CA ILE A 434 -27.98 36.51 -8.48
C ILE A 434 -27.32 36.10 -7.18
N ASP A 435 -26.30 36.85 -6.77
CA ASP A 435 -25.57 36.52 -5.56
C ASP A 435 -26.50 36.48 -4.35
N THR A 436 -27.45 37.42 -4.27
CA THR A 436 -28.39 37.44 -3.16
C THR A 436 -29.34 36.24 -3.23
N ALA A 437 -29.81 35.92 -4.43
CA ALA A 437 -30.72 34.79 -4.59
C ALA A 437 -30.03 33.48 -4.22
N MET A 438 -28.79 33.29 -4.70
CA MET A 438 -28.07 32.07 -4.37
C MET A 438 -27.79 31.99 -2.87
N ARG A 439 -27.45 33.12 -2.25
CA ARG A 439 -27.16 33.12 -0.81
C ARG A 439 -28.32 32.54 -0.02
N ALA A 440 -29.56 32.92 -0.38
CA ALA A 440 -30.72 32.39 0.34
C ALA A 440 -30.83 30.87 0.17
N VAL A 441 -30.58 30.36 -1.03
CA VAL A 441 -30.68 28.91 -1.27
C VAL A 441 -29.62 28.18 -0.46
N VAL A 442 -28.39 28.69 -0.50
CA VAL A 442 -27.30 28.04 0.23
C VAL A 442 -27.60 27.96 1.71
N GLU A 443 -28.05 29.08 2.30
CA GLU A 443 -28.25 29.12 3.74
C GLU A 443 -29.44 28.29 4.16
N GLU A 444 -30.44 28.16 3.29
CA GLU A 444 -31.57 27.27 3.57
C GLU A 444 -31.12 25.81 3.58
N LYS A 445 -30.46 25.37 2.50
CA LYS A 445 -30.11 23.96 2.39
C LYS A 445 -29.01 23.57 3.36
N ALA A 446 -28.02 24.46 3.59
CA ALA A 446 -26.94 24.12 4.51
C ALA A 446 -27.49 23.85 5.92
N GLN A 447 -28.46 24.66 6.36
CA GLN A 447 -29.08 24.41 7.66
C GLN A 447 -29.82 23.08 7.67
N GLN A 448 -30.68 22.85 6.67
CA GLN A 448 -31.42 21.58 6.62
C GLN A 448 -30.48 20.40 6.61
N TRP A 449 -29.39 20.47 5.84
CA TRP A 449 -28.48 19.34 5.73
C TRP A 449 -27.72 19.10 7.03
N ILE A 450 -27.20 20.17 7.66
CA ILE A 450 -26.46 19.98 8.89
C ILE A 450 -27.37 19.49 10.00
N LEU A 451 -28.57 20.06 10.08
CA LEU A 451 -29.49 19.72 11.16
C LEU A 451 -30.19 18.38 10.94
N GLY A 452 -30.02 17.77 9.77
CA GLY A 452 -30.56 16.45 9.50
C GLY A 452 -31.96 16.40 8.94
N SER A 453 -32.54 17.52 8.52
CA SER A 453 -33.88 17.50 7.93
C SER A 453 -33.89 17.30 6.43
N GLY A 454 -32.72 17.31 5.78
CA GLY A 454 -32.65 16.96 4.38
C GLY A 454 -31.43 16.07 4.15
N ASP A 455 -31.45 15.36 3.02
CA ASP A 455 -30.38 14.42 2.71
C ASP A 455 -29.54 15.00 1.58
N ILE A 456 -28.32 15.40 1.91
CA ILE A 456 -27.47 16.09 0.94
C ILE A 456 -27.10 15.18 -0.22
N ASP A 457 -26.88 13.88 0.05
CA ASP A 457 -26.54 12.99 -1.06
C ASP A 457 -27.68 12.93 -2.06
N LYS A 458 -28.92 12.92 -1.56
CA LYS A 458 -30.08 12.86 -2.44
C LYS A 458 -30.34 14.20 -3.14
N GLU A 459 -30.04 15.31 -2.46
CA GLU A 459 -30.52 16.63 -2.89
C GLU A 459 -29.46 17.52 -3.52
N TRP A 460 -28.19 17.12 -3.53
CA TRP A 460 -27.12 18.02 -3.97
C TRP A 460 -27.31 18.43 -5.43
N ASP A 461 -27.56 17.46 -6.30
CA ASP A 461 -27.65 17.75 -7.73
C ASP A 461 -28.79 18.73 -8.02
N ALA A 462 -29.95 18.53 -7.39
CA ALA A 462 -31.05 19.48 -7.58
C ALA A 462 -30.71 20.86 -7.04
N TYR A 463 -29.97 20.92 -5.96
CA TYR A 463 -29.47 22.19 -5.44
C TYR A 463 -28.58 22.92 -6.41
N ILE A 464 -27.62 22.23 -6.98
CA ILE A 464 -26.83 22.80 -8.03
C ILE A 464 -27.67 23.37 -9.19
N LYS A 465 -28.64 22.59 -9.66
CA LYS A 465 -29.51 23.03 -10.72
C LYS A 465 -30.26 24.29 -10.29
N ARG A 466 -30.63 24.35 -9.05
CA ARG A 466 -31.28 25.53 -8.52
C ARG A 466 -30.38 26.75 -8.61
N LEU A 467 -29.15 26.61 -8.17
CA LEU A 467 -28.22 27.73 -8.28
C LEU A 467 -28.03 28.13 -9.74
N GLU A 468 -27.96 27.14 -10.65
CA GLU A 468 -27.79 27.45 -12.05
C GLU A 468 -29.02 28.15 -12.60
N ASN A 469 -30.20 27.71 -12.18
CA ASN A 469 -31.45 28.34 -12.60
C ASN A 469 -31.49 29.80 -12.19
N LEU A 470 -30.90 30.13 -11.03
CA LEU A 470 -30.88 31.50 -10.58
C LEU A 470 -29.80 32.34 -11.27
N GLY A 471 -28.88 31.70 -11.99
CA GLY A 471 -27.90 32.43 -12.78
C GLY A 471 -26.44 32.24 -12.39
N LEU A 472 -26.11 31.09 -11.78
CA LEU A 472 -24.74 30.85 -11.34
C LEU A 472 -23.73 31.03 -12.47
N SER A 473 -24.02 30.48 -13.66
CA SER A 473 -23.07 30.61 -14.76
C SER A 473 -22.86 32.07 -15.14
N LYS A 474 -23.90 32.86 -15.13
CA LYS A 474 -23.79 34.23 -15.45
C LYS A 474 -23.02 34.99 -14.38
N ALA A 475 -23.33 34.72 -13.13
CA ALA A 475 -22.58 35.33 -12.03
C ALA A 475 -21.08 35.05 -12.17
N GLU A 476 -20.70 33.79 -12.38
CA GLU A 476 -19.29 33.48 -12.59
C GLU A 476 -18.70 34.27 -13.74
N GLN A 477 -19.48 34.46 -14.79
CA GLN A 477 -18.97 35.15 -15.96
C GLN A 477 -18.73 36.63 -15.64
N ILE A 478 -19.68 37.24 -14.92
CA ILE A 478 -19.52 38.60 -14.44
C ILE A 478 -18.31 38.67 -13.50
N GLN A 479 -18.15 37.67 -12.65
CA GLN A 479 -17.01 37.62 -11.74
C GLN A 479 -15.70 37.63 -12.51
N ASN A 480 -15.53 36.69 -13.44
CA ASN A 480 -14.27 36.63 -14.18
C ASN A 480 -14.05 37.83 -15.09
N GLU A 481 -15.11 38.55 -15.48
CA GLU A 481 -14.88 39.78 -16.25
C GLU A 481 -14.23 40.85 -15.37
N ALA A 482 -14.68 40.94 -14.13
CA ALA A 482 -14.20 41.99 -13.24
C ALA A 482 -12.92 41.63 -12.51
N PHE A 483 -12.37 40.46 -12.76
CA PHE A 483 -11.17 40.00 -12.06
C PHE A 483 -9.92 40.28 -12.88
N PRO B 10 4.77 -7.21 35.59
CA PRO B 10 5.14 -6.96 34.19
C PRO B 10 6.12 -5.80 34.06
N LYS B 11 6.98 -5.87 33.06
CA LYS B 11 7.94 -4.80 32.76
C LYS B 11 7.29 -3.78 31.85
N GLU B 12 6.97 -2.61 32.40
CA GLU B 12 6.42 -1.52 31.62
C GLU B 12 7.41 -1.12 30.52
N THR B 13 6.92 -1.12 29.29
CA THR B 13 7.76 -0.91 28.10
C THR B 13 7.07 0.10 27.20
N THR B 14 7.72 1.23 26.96
CA THR B 14 7.11 2.24 26.08
C THR B 14 7.30 1.83 24.63
N ILE B 15 6.31 2.18 23.81
CA ILE B 15 6.34 1.85 22.40
C ILE B 15 5.63 2.96 21.64
N PHE B 16 6.12 3.26 20.45
CA PHE B 16 5.35 4.02 19.47
C PHE B 16 4.81 3.02 18.45
N ALA B 17 3.49 2.89 18.39
CA ALA B 17 2.89 1.91 17.48
C ALA B 17 1.55 2.40 16.98
N MET B 18 1.41 2.50 15.66
CA MET B 18 0.14 2.79 15.01
C MET B 18 -0.01 1.86 13.81
N HIS B 19 -1.25 1.62 13.42
CA HIS B 19 -1.52 0.86 12.21
C HIS B 19 -2.94 1.14 11.74
N LEU B 20 -3.09 1.39 10.44
CA LEU B 20 -4.38 1.67 9.83
C LEU B 20 -5.12 2.76 10.59
N GLY B 21 -4.36 3.80 10.99
CA GLY B 21 -4.91 4.97 11.65
C GLY B 21 -5.26 4.80 13.12
N LYS B 22 -4.89 3.69 13.75
CA LYS B 22 -5.23 3.43 15.15
C LYS B 22 -3.97 3.20 15.95
N ALA B 23 -3.78 4.01 17.00
CA ALA B 23 -2.73 3.74 17.96
C ALA B 23 -2.99 2.40 18.65
N LEU B 24 -1.92 1.60 18.81
CA LEU B 24 -2.05 0.30 19.45
C LEU B 24 -2.61 0.46 20.86
N ASP B 25 -3.69 -0.27 21.15
CA ASP B 25 -4.26 -0.36 22.48
C ASP B 25 -3.80 -1.66 23.11
N PRO B 26 -2.88 -1.64 24.08
CA PRO B 26 -2.38 -2.90 24.66
C PRO B 26 -3.44 -3.64 25.46
N ASN B 27 -4.63 -3.08 25.66
CA ASN B 27 -5.71 -3.81 26.32
C ASN B 27 -6.50 -4.69 25.38
N LEU B 28 -6.21 -4.66 24.08
CA LEU B 28 -6.86 -5.60 23.17
C LEU B 28 -6.53 -7.03 23.56
N PRO B 29 -7.46 -7.97 23.35
CA PRO B 29 -7.23 -9.36 23.82
C PRO B 29 -5.91 -9.96 23.38
N VAL B 30 -5.47 -9.73 22.14
CA VAL B 30 -4.21 -10.29 21.68
C VAL B 30 -3.04 -9.81 22.55
N PHE B 31 -3.06 -8.54 22.92
CA PHE B 31 -1.92 -8.00 23.66
C PHE B 31 -2.03 -8.22 25.16
N VAL B 32 -3.24 -8.43 25.69
CA VAL B 32 -3.34 -8.96 27.04
C VAL B 32 -2.71 -10.34 27.13
N LYS B 33 -2.99 -11.19 26.14
CA LYS B 33 -2.41 -12.53 26.11
C LYS B 33 -0.89 -12.45 25.95
N ALA B 34 -0.42 -11.58 25.06
CA ALA B 34 1.04 -11.41 24.91
C ALA B 34 1.67 -10.95 26.21
N GLU B 35 1.01 -10.04 26.92
CA GLU B 35 1.54 -9.60 28.22
C GLU B 35 1.62 -10.76 29.21
N LYS B 36 0.55 -11.57 29.29
CA LYS B 36 0.58 -12.74 30.16
C LYS B 36 1.74 -13.66 29.80
N ASP B 37 1.97 -13.87 28.51
CA ASP B 37 2.97 -14.84 28.06
C ASP B 37 4.40 -14.32 28.19
N THR B 38 4.61 -13.01 28.09
CA THR B 38 5.95 -12.45 28.02
C THR B 38 6.36 -11.60 29.21
N ASN B 39 5.40 -11.19 30.05
CA ASN B 39 5.64 -10.26 31.14
C ASN B 39 6.07 -8.87 30.65
N ILE B 40 5.77 -8.54 29.40
CA ILE B 40 6.01 -7.22 28.84
C ILE B 40 4.68 -6.49 28.76
N LYS B 41 4.59 -5.34 29.42
CA LYS B 41 3.39 -4.51 29.41
C LYS B 41 3.68 -3.27 28.56
N LEU B 42 3.07 -3.20 27.39
CA LEU B 42 3.29 -2.09 26.47
C LEU B 42 2.55 -0.84 26.93
N VAL B 43 3.17 0.32 26.76
CA VAL B 43 2.53 1.61 26.99
C VAL B 43 2.83 2.47 25.78
N ASN B 44 1.77 2.85 25.05
CA ASN B 44 1.94 3.57 23.80
C ASN B 44 2.21 5.05 24.08
N VAL B 45 3.21 5.61 23.40
CA VAL B 45 3.44 7.06 23.45
C VAL B 45 2.60 7.80 22.42
N ALA B 46 2.02 7.11 21.46
CA ALA B 46 0.98 7.68 20.63
C ALA B 46 -0.35 7.62 21.38
N SER B 47 -1.06 8.74 21.41
CA SER B 47 -2.32 8.80 22.15
C SER B 47 -3.48 8.39 21.24
N GLN B 48 -4.63 8.13 21.87
CA GLN B 48 -5.73 7.50 21.14
C GLN B 48 -6.36 8.41 20.09
N ASN B 49 -6.13 9.72 20.18
CA ASN B 49 -6.67 10.64 19.17
C ASN B 49 -5.72 10.88 18.01
N GLN B 50 -4.55 10.24 18.00
CA GLN B 50 -3.63 10.36 16.88
C GLN B 50 -3.97 9.32 15.82
N THR B 51 -4.13 9.77 14.57
CA THR B 51 -4.47 8.88 13.48
C THR B 51 -3.58 9.01 12.24
N ASP B 52 -2.73 10.04 12.16
CA ASP B 52 -1.78 10.19 11.07
C ASP B 52 -0.44 9.63 11.55
N GLN B 53 -0.09 8.43 11.06
CA GLN B 53 1.11 7.75 11.57
C GLN B 53 2.38 8.49 11.18
N ILE B 54 2.43 9.09 9.99
CA ILE B 54 3.67 9.76 9.57
C ILE B 54 3.92 10.99 10.44
N GLN B 55 2.91 11.84 10.61
CA GLN B 55 3.09 13.03 11.43
C GLN B 55 3.34 12.68 12.90
N ALA B 56 2.68 11.62 13.38
CA ALA B 56 2.91 11.18 14.76
C ALA B 56 4.33 10.65 14.94
N TYR B 57 4.83 9.87 13.99
CA TYR B 57 6.20 9.39 14.05
C TYR B 57 7.18 10.54 14.05
N ASN B 58 6.99 11.50 13.13
CA ASN B 58 7.91 12.63 13.06
C ASN B 58 7.91 13.42 14.36
N LEU B 59 6.73 13.64 14.94
CA LEU B 59 6.66 14.35 16.21
C LEU B 59 7.36 13.56 17.32
N MET B 60 7.14 12.24 17.34
CA MET B 60 7.80 11.39 18.32
C MET B 60 9.31 11.55 18.27
N LEU B 61 9.88 11.70 17.07
CA LEU B 61 11.33 11.85 16.94
C LEU B 61 11.86 13.14 17.53
N THR B 62 11.02 14.16 17.69
CA THR B 62 11.53 15.45 18.18
C THR B 62 11.73 15.46 19.69
N GLU B 63 11.30 14.42 20.39
CA GLU B 63 11.51 14.38 21.83
C GLU B 63 12.94 14.01 22.22
N GLY B 64 13.77 13.57 21.26
CA GLY B 64 15.13 13.20 21.56
C GLY B 64 15.19 11.84 22.20
N LYS B 65 14.67 11.74 23.43
CA LYS B 65 14.51 10.44 24.08
C LYS B 65 13.44 9.65 23.35
N LEU B 66 13.79 8.49 22.88
CA LEU B 66 12.87 7.64 22.14
C LEU B 66 12.18 6.62 23.05
N PRO B 67 10.98 6.16 22.69
CA PRO B 67 10.37 5.03 23.44
C PRO B 67 11.23 3.79 23.29
N ASP B 68 10.99 2.81 24.17
CA ASP B 68 11.79 1.59 24.16
C ASP B 68 11.71 0.87 22.82
N ILE B 69 10.51 0.77 22.26
CA ILE B 69 10.29 0.13 20.97
C ILE B 69 9.72 1.16 20.01
N VAL B 70 10.27 1.22 18.80
CA VAL B 70 9.76 2.10 17.75
C VAL B 70 9.27 1.25 16.59
N SER B 71 7.97 1.34 16.30
CA SER B 71 7.34 0.66 15.18
C SER B 71 6.94 1.71 14.15
N TYR B 72 7.13 1.40 12.87
CA TYR B 72 6.83 2.37 11.82
C TYR B 72 6.58 1.65 10.50
N GLU B 73 5.63 2.19 9.71
CA GLU B 73 5.29 1.56 8.44
C GLU B 73 6.32 1.85 7.35
N LEU B 74 7.10 2.93 7.47
CA LEU B 74 8.08 3.32 6.45
C LEU B 74 9.46 2.80 6.85
N SER B 75 9.85 1.65 6.28
CA SER B 75 11.05 0.97 6.77
C SER B 75 12.33 1.74 6.46
N ALA B 76 12.36 2.51 5.36
CA ALA B 76 13.56 3.28 5.04
C ALA B 76 13.85 4.32 6.12
N ASP B 77 12.80 4.92 6.68
CA ASP B 77 12.98 5.87 7.76
C ASP B 77 13.46 5.18 9.04
N LEU B 78 12.94 3.98 9.33
CA LEU B 78 13.45 3.23 10.47
C LEU B 78 14.92 2.90 10.29
N GLU B 79 15.30 2.46 9.09
CA GLU B 79 16.69 2.12 8.84
C GLU B 79 17.57 3.35 8.98
N ASN B 80 17.07 4.51 8.57
CA ASN B 80 17.82 5.74 8.77
C ASN B 80 17.95 6.07 10.25
N LEU B 81 16.88 5.84 11.02
CA LEU B 81 16.96 6.05 12.46
C LEU B 81 18.05 5.17 13.07
N GLY B 82 18.18 3.93 12.59
CA GLY B 82 19.24 3.06 13.08
C GLY B 82 20.61 3.54 12.64
N ILE B 83 20.75 3.90 11.37
CA ILE B 83 21.97 4.54 10.91
C ILE B 83 22.21 5.79 11.71
N GLU B 84 21.24 6.50 12.19
CA GLU B 84 21.64 7.62 12.99
C GLU B 84 21.79 7.29 14.46
N GLY B 85 21.62 6.03 14.85
CA GLY B 85 21.89 5.69 16.23
C GLY B 85 20.70 5.75 17.11
N GLY B 86 19.54 6.10 16.56
CA GLY B 86 18.31 6.09 17.34
C GLY B 86 17.83 4.69 17.63
N LEU B 87 18.07 3.76 16.71
CA LEU B 87 17.82 2.34 16.94
C LEU B 87 19.14 1.60 17.06
N ILE B 88 19.18 0.55 17.87
CA ILE B 88 20.41 -0.20 18.09
C ILE B 88 20.50 -1.38 17.13
N PRO B 89 21.72 -1.80 16.77
CA PRO B 89 21.86 -3.06 15.99
C PRO B 89 21.34 -4.24 16.79
N LEU B 90 20.67 -5.17 16.11
CA LEU B 90 20.01 -6.28 16.77
C LEU B 90 20.64 -7.64 16.52
N GLU B 91 21.59 -7.76 15.58
CA GLU B 91 21.99 -9.10 15.14
C GLU B 91 22.70 -9.87 16.24
N ASP B 92 23.47 -9.20 17.10
CA ASP B 92 24.08 -9.90 18.22
C ASP B 92 23.03 -10.26 19.27
N LEU B 93 22.10 -9.34 19.54
CA LEU B 93 20.99 -9.65 20.44
C LEU B 93 20.20 -10.86 19.95
N ILE B 94 20.00 -10.97 18.64
CA ILE B 94 19.27 -12.09 18.07
C ILE B 94 20.06 -13.38 18.25
N ASN B 95 21.35 -13.35 17.92
CA ASN B 95 22.17 -14.55 18.01
C ASN B 95 22.25 -15.07 19.44
N GLN B 96 22.27 -14.16 20.41
CA GLN B 96 22.39 -14.55 21.81
C GLN B 96 21.07 -14.92 22.45
N HIS B 97 19.97 -14.25 22.06
CA HIS B 97 18.75 -14.33 22.86
C HIS B 97 17.47 -14.63 22.09
N ALA B 98 17.51 -14.72 20.76
CA ALA B 98 16.29 -14.84 19.96
C ALA B 98 16.37 -16.05 19.05
N PRO B 99 16.20 -17.26 19.61
CA PRO B 99 16.38 -18.46 18.79
C PRO B 99 15.34 -18.63 17.70
N ASN B 100 14.09 -18.20 17.91
CA ASN B 100 13.11 -18.29 16.84
C ASN B 100 13.47 -17.35 15.69
N LEU B 101 13.82 -16.11 16.02
CA LEU B 101 14.27 -15.16 15.00
C LEU B 101 15.61 -15.57 14.41
N LYS B 102 16.52 -16.03 15.26
CA LYS B 102 17.79 -16.52 14.77
C LYS B 102 17.55 -17.63 13.74
N LYS B 103 16.65 -18.55 14.07
CA LYS B 103 16.31 -19.62 13.14
C LYS B 103 15.69 -19.06 11.87
N PHE B 104 14.69 -18.19 12.02
CA PHE B 104 13.97 -17.63 10.89
C PHE B 104 14.93 -16.97 9.89
N PHE B 105 15.89 -16.20 10.41
CA PHE B 105 16.84 -15.48 9.55
C PHE B 105 17.86 -16.42 8.91
N GLU B 106 18.29 -17.46 9.63
CA GLU B 106 19.20 -18.41 9.01
C GLU B 106 18.53 -19.18 7.90
N GLU B 107 17.23 -19.50 8.06
CA GLU B 107 16.48 -20.31 7.10
C GLU B 107 15.78 -19.55 5.96
N ASN B 108 15.58 -18.24 6.06
CA ASN B 108 14.82 -17.48 5.06
C ASN B 108 15.73 -16.38 4.54
N PRO B 109 16.67 -16.72 3.67
CA PRO B 109 17.65 -15.72 3.22
C PRO B 109 17.03 -14.51 2.54
N ARG B 110 15.98 -14.70 1.76
CA ARG B 110 15.34 -13.56 1.12
C ARG B 110 14.71 -12.63 2.15
N TYR B 111 14.06 -13.21 3.18
CA TYR B 111 13.50 -12.35 4.22
C TYR B 111 14.60 -11.72 5.05
N LYS B 112 15.69 -12.44 5.29
CA LYS B 112 16.83 -11.83 5.97
C LYS B 112 17.37 -10.65 5.16
N LYS B 113 17.27 -10.67 3.86
CA LYS B 113 17.64 -9.51 3.18
C LYS B 113 16.77 -8.32 3.53
N ASP B 114 15.45 -8.47 3.78
CA ASP B 114 14.68 -7.27 4.15
C ASP B 114 15.16 -6.62 5.44
N ALA B 115 15.83 -7.36 6.33
CA ALA B 115 16.17 -6.88 7.67
C ALA B 115 17.56 -6.26 7.78
N VAL B 116 18.41 -6.50 6.82
CA VAL B 116 19.79 -6.07 6.90
C VAL B 116 20.04 -4.75 6.20
N ALA B 117 20.54 -3.79 6.95
CA ALA B 117 20.79 -2.51 6.42
C ALA B 117 22.00 -2.50 5.51
N VAL B 118 22.16 -1.35 4.91
CA VAL B 118 23.13 -1.17 3.90
C VAL B 118 24.51 -1.19 4.51
N ASP B 119 24.60 -0.98 5.82
CA ASP B 119 25.83 -1.02 6.60
C ASP B 119 26.06 -2.33 7.29
N GLY B 120 25.28 -3.33 6.98
CA GLY B 120 25.44 -4.64 7.56
C GLY B 120 24.65 -5.01 8.81
N HIS B 121 24.17 -4.00 9.50
CA HIS B 121 23.46 -4.16 10.75
C HIS B 121 21.97 -4.44 10.51
N ILE B 122 21.35 -5.08 11.48
CA ILE B 122 19.90 -5.24 11.54
C ILE B 122 19.36 -4.21 12.52
N TYR B 123 18.58 -3.26 12.02
CA TYR B 123 17.99 -2.23 12.87
C TYR B 123 16.52 -2.46 13.15
N MET B 124 15.89 -3.41 12.47
CA MET B 124 14.46 -3.60 12.60
C MET B 124 14.12 -5.03 12.22
N ILE B 125 13.09 -5.56 12.86
CA ILE B 125 12.45 -6.80 12.42
C ILE B 125 11.26 -6.38 11.56
N PRO B 126 11.25 -6.69 10.26
CA PRO B 126 10.11 -6.31 9.42
C PRO B 126 8.86 -7.07 9.82
N ASN B 127 7.72 -6.53 9.42
CA ASN B 127 6.46 -7.28 9.50
C ASN B 127 6.29 -8.00 8.17
N TYR B 128 6.55 -9.30 8.15
CA TYR B 128 6.62 -10.06 6.91
C TYR B 128 5.25 -10.52 6.46
N TYR B 129 4.95 -10.33 5.18
CA TYR B 129 3.88 -11.11 4.57
C TYR B 129 4.33 -12.56 4.41
N ASP B 130 3.37 -13.45 4.18
CA ASP B 130 3.72 -14.84 3.86
C ASP B 130 3.84 -14.97 2.34
N TYR B 131 4.85 -14.26 1.81
CA TYR B 131 4.93 -14.00 0.38
C TYR B 131 5.01 -15.29 -0.43
N PHE B 132 5.76 -16.28 0.06
CA PHE B 132 5.97 -17.47 -0.74
C PHE B 132 4.81 -18.44 -0.66
N ASN B 133 3.72 -18.07 0.02
CA ASN B 133 2.47 -18.81 -0.02
C ASN B 133 1.34 -18.02 -0.67
N ILE B 134 1.28 -16.71 -0.47
CA ILE B 134 0.36 -15.84 -1.19
C ILE B 134 1.11 -14.56 -1.56
N LYS B 135 1.26 -14.31 -2.86
CA LYS B 135 2.03 -13.16 -3.31
C LYS B 135 1.22 -12.14 -4.11
N VAL B 136 -0.06 -12.41 -4.40
CA VAL B 136 -0.91 -11.38 -5.00
C VAL B 136 -1.50 -10.50 -3.90
N SER B 137 -1.97 -9.32 -4.29
CA SER B 137 -2.61 -8.44 -3.32
C SER B 137 -3.95 -7.96 -3.84
N GLN B 138 -3.95 -6.84 -4.57
CA GLN B 138 -5.19 -6.26 -5.05
C GLN B 138 -5.58 -6.81 -6.41
N GLY B 139 -6.89 -6.83 -6.66
CA GLY B 139 -7.42 -7.15 -7.97
C GLY B 139 -8.61 -6.25 -8.28
N TYR B 140 -9.05 -6.33 -9.53
CA TYR B 140 -10.15 -5.50 -10.02
C TYR B 140 -11.45 -6.28 -9.91
N PHE B 141 -12.48 -5.63 -9.37
CA PHE B 141 -13.78 -6.24 -9.15
C PHE B 141 -14.87 -5.39 -9.80
N ILE B 142 -15.93 -6.05 -10.25
CA ILE B 142 -17.05 -5.35 -10.89
C ILE B 142 -18.34 -6.08 -10.53
N ARG B 143 -19.44 -5.33 -10.47
CA ARG B 143 -20.75 -5.84 -10.12
C ARG B 143 -21.32 -6.58 -11.32
N GLN B 144 -21.08 -7.90 -11.35
CA GLN B 144 -21.58 -8.73 -12.44
C GLN B 144 -23.09 -8.70 -12.52
N ASP B 145 -23.78 -8.61 -11.38
CA ASP B 145 -25.24 -8.51 -11.41
C ASP B 145 -25.71 -7.21 -12.03
N TRP B 146 -24.91 -6.15 -11.94
CA TRP B 146 -25.29 -4.90 -12.61
C TRP B 146 -25.02 -4.97 -14.11
N LEU B 147 -23.95 -5.66 -14.51
CA LEU B 147 -23.74 -5.93 -15.94
C LEU B 147 -24.93 -6.68 -16.52
N GLU B 148 -25.37 -7.73 -15.82
CA GLU B 148 -26.48 -8.53 -16.32
C GLU B 148 -27.76 -7.71 -16.39
N LYS B 149 -28.04 -6.93 -15.34
CA LYS B 149 -29.25 -6.12 -15.31
C LYS B 149 -29.29 -5.10 -16.44
N LEU B 150 -28.13 -4.57 -16.84
CA LEU B 150 -28.08 -3.55 -17.89
C LEU B 150 -27.80 -4.12 -19.27
N GLY B 151 -27.67 -5.44 -19.40
CA GLY B 151 -27.41 -6.02 -20.71
C GLY B 151 -26.02 -5.75 -21.25
N LEU B 152 -25.03 -5.63 -20.38
CA LEU B 152 -23.66 -5.28 -20.74
C LEU B 152 -22.74 -6.48 -20.53
N LYS B 153 -21.71 -6.55 -21.36
CA LYS B 153 -20.67 -7.57 -21.16
C LYS B 153 -19.60 -7.05 -20.22
N GLU B 154 -18.78 -7.97 -19.74
N GLU B 154 -18.77 -7.98 -19.73
CA GLU B 154 -17.64 -7.61 -18.90
CA GLU B 154 -17.64 -7.61 -18.90
C GLU B 154 -16.67 -6.75 -19.70
C GLU B 154 -16.67 -6.75 -19.70
N PRO B 155 -16.38 -5.53 -19.26
CA PRO B 155 -15.44 -4.69 -20.02
C PRO B 155 -14.05 -5.26 -19.94
N ARG B 156 -13.32 -5.21 -21.07
CA ARG B 156 -11.98 -5.78 -21.10
C ARG B 156 -10.88 -4.74 -21.33
N THR B 157 -11.23 -3.54 -21.78
CA THR B 157 -10.27 -2.46 -21.94
C THR B 157 -10.64 -1.30 -21.03
N VAL B 158 -9.67 -0.39 -20.84
CA VAL B 158 -9.94 0.82 -20.06
C VAL B 158 -11.07 1.62 -20.68
N ASP B 159 -11.10 1.71 -22.01
CA ASP B 159 -12.17 2.45 -22.69
C ASP B 159 -13.52 1.81 -22.44
N GLU B 160 -13.58 0.47 -22.44
CA GLU B 160 -14.84 -0.21 -22.16
C GLU B 160 -15.26 -0.03 -20.71
N LEU B 161 -14.29 0.00 -19.80
CA LEU B 161 -14.62 0.27 -18.39
C LEU B 161 -15.26 1.65 -18.24
N TYR B 162 -14.66 2.66 -18.88
CA TYR B 162 -15.25 3.99 -18.88
C TYR B 162 -16.70 3.94 -19.33
N THR B 163 -16.96 3.29 -20.47
CA THR B 163 -18.32 3.19 -21.00
C THR B 163 -19.24 2.46 -20.02
N THR B 164 -18.71 1.42 -19.37
CA THR B 164 -19.47 0.65 -18.40
C THR B 164 -19.80 1.48 -17.16
N LEU B 165 -18.82 2.21 -16.63
CA LEU B 165 -19.06 3.03 -15.45
C LEU B 165 -20.08 4.12 -15.75
N LYS B 166 -20.04 4.68 -16.97
CA LYS B 166 -21.05 5.67 -17.36
C LYS B 166 -22.44 5.07 -17.31
N ALA B 167 -22.57 3.82 -17.76
CA ALA B 167 -23.87 3.15 -17.68
C ALA B 167 -24.29 2.93 -16.24
N PHE B 168 -23.34 2.56 -15.36
CA PHE B 168 -23.65 2.41 -13.95
C PHE B 168 -24.16 3.72 -13.35
N ARG B 169 -23.57 4.84 -13.78
CA ARG B 169 -23.94 6.13 -13.20
C ARG B 169 -25.28 6.61 -13.75
N GLU B 170 -25.57 6.33 -15.02
CA GLU B 170 -26.70 6.95 -15.70
C GLU B 170 -27.93 6.06 -15.81
N LYS B 171 -27.80 4.74 -15.67
CA LYS B 171 -28.90 3.84 -16.01
C LYS B 171 -29.48 3.10 -14.81
N ASP B 172 -29.23 3.58 -13.59
CA ASP B 172 -29.92 3.13 -12.40
C ASP B 172 -29.88 1.61 -12.20
N PRO B 173 -28.69 0.99 -12.18
CA PRO B 173 -28.64 -0.46 -12.01
C PRO B 173 -29.16 -0.97 -10.68
N ASN B 174 -29.18 -0.16 -9.62
CA ASN B 174 -29.75 -0.68 -8.37
C ASN B 174 -31.26 -0.46 -8.30
N GLY B 175 -31.84 0.15 -9.34
CA GLY B 175 -33.27 0.09 -9.56
C GLY B 175 -34.14 0.98 -8.70
N ASN B 176 -33.57 1.96 -8.00
CA ASN B 176 -34.37 2.77 -7.09
C ASN B 176 -34.81 4.12 -7.68
N GLY B 177 -34.61 4.33 -8.98
CA GLY B 177 -35.02 5.58 -9.60
C GLY B 177 -34.27 6.80 -9.16
N LYS B 178 -33.16 6.63 -8.44
CA LYS B 178 -32.29 7.69 -7.99
C LYS B 178 -30.94 7.55 -8.64
N LYS B 179 -30.33 8.68 -8.96
CA LYS B 179 -28.97 8.72 -9.50
C LYS B 179 -27.99 8.76 -8.33
N ASP B 180 -27.91 7.62 -7.64
CA ASP B 180 -27.10 7.47 -6.43
C ASP B 180 -25.91 6.56 -6.61
N GLU B 181 -25.76 5.94 -7.79
CA GLU B 181 -24.70 4.97 -8.00
C GLU B 181 -23.32 5.60 -7.94
N VAL B 182 -22.39 4.89 -7.31
CA VAL B 182 -20.97 5.26 -7.25
C VAL B 182 -20.23 4.21 -8.09
N PRO B 183 -19.97 4.48 -9.37
CA PRO B 183 -19.53 3.38 -10.26
C PRO B 183 -18.20 2.75 -9.84
N PHE B 184 -17.18 3.56 -9.54
CA PHE B 184 -15.87 3.07 -9.15
C PHE B 184 -15.44 3.74 -7.86
N PHE B 185 -15.01 2.93 -6.89
CA PHE B 185 -14.60 3.43 -5.59
C PHE B 185 -13.33 2.69 -5.17
N VAL B 186 -12.67 3.24 -4.15
CA VAL B 186 -11.46 2.64 -3.60
C VAL B 186 -11.57 2.65 -2.08
N ARG B 187 -10.54 2.13 -1.41
CA ARG B 187 -10.52 2.04 0.05
C ARG B 187 -9.13 2.40 0.53
N ALA B 188 -9.02 3.42 1.39
CA ALA B 188 -7.71 3.97 1.73
C ALA B 188 -7.82 4.84 2.98
N ASN B 189 -6.68 5.04 3.66
CA ASN B 189 -6.60 6.01 4.74
C ASN B 189 -5.48 7.03 4.55
N ASN B 190 -4.93 7.13 3.34
CA ASN B 190 -4.04 8.24 3.00
C ASN B 190 -4.09 8.44 1.48
N VAL B 191 -3.49 9.54 1.03
CA VAL B 191 -3.58 9.92 -0.39
C VAL B 191 -2.81 8.94 -1.26
N ARG B 192 -1.66 8.46 -0.79
CA ARG B 192 -0.91 7.49 -1.58
C ARG B 192 -1.76 6.26 -1.86
N LYS B 193 -2.50 5.77 -0.87
CA LYS B 193 -3.31 4.57 -1.07
C LYS B 193 -4.47 4.84 -2.03
N VAL B 194 -5.03 6.06 -2.01
CA VAL B 194 -6.06 6.41 -2.98
C VAL B 194 -5.49 6.37 -4.39
N LEU B 195 -4.36 7.06 -4.62
CA LEU B 195 -3.74 7.07 -5.93
C LEU B 195 -3.35 5.66 -6.37
N THR B 196 -2.85 4.83 -5.43
CA THR B 196 -2.42 3.47 -5.76
C THR B 196 -3.55 2.70 -6.44
N SER B 197 -4.77 2.85 -5.95
CA SER B 197 -5.89 2.08 -6.47
C SER B 197 -6.63 2.78 -7.59
N LEU B 198 -6.15 3.95 -8.02
CA LEU B 198 -6.73 4.68 -9.15
C LEU B 198 -5.84 4.72 -10.39
N VAL B 199 -4.52 4.86 -10.25
CA VAL B 199 -3.68 5.05 -11.41
C VAL B 199 -3.20 3.74 -12.04
N ASP B 200 -3.31 2.63 -11.32
CA ASP B 200 -2.89 1.36 -11.91
C ASP B 200 -3.80 0.96 -13.07
N LEU B 201 -5.07 1.39 -13.03
CA LEU B 201 -5.99 1.24 -14.15
C LEU B 201 -5.35 1.65 -15.47
N PHE B 202 -4.60 2.76 -15.44
CA PHE B 202 -4.02 3.38 -16.62
C PHE B 202 -2.54 3.02 -16.79
N LYS B 203 -2.09 1.94 -16.13
CA LYS B 203 -0.73 1.43 -16.25
C LYS B 203 0.31 2.45 -15.80
N ALA B 204 -0.08 3.30 -14.86
CA ALA B 204 0.83 4.25 -14.23
C ALA B 204 1.18 3.75 -12.83
N SER B 205 2.14 4.43 -12.20
CA SER B 205 2.56 4.06 -10.86
C SER B 205 2.73 5.32 -10.01
N PRO B 206 2.28 5.28 -8.75
CA PRO B 206 2.55 6.40 -7.84
C PRO B 206 3.90 6.33 -7.14
N ILE B 207 4.71 5.32 -7.41
CA ILE B 207 5.98 5.13 -6.70
C ILE B 207 7.09 4.79 -7.69
N TRP B 208 8.22 4.30 -7.19
CA TRP B 208 9.29 3.85 -8.07
C TRP B 208 9.01 2.44 -8.59
N TYR B 209 9.47 2.18 -9.81
CA TYR B 209 9.30 0.87 -10.47
C TYR B 209 10.43 0.67 -11.46
N GLU B 210 10.62 -0.57 -11.90
CA GLU B 210 11.63 -0.92 -12.89
C GLU B 210 10.96 -1.35 -14.19
N GLU B 211 11.59 -1.01 -15.31
CA GLU B 211 10.96 -1.18 -16.62
C GLU B 211 12.04 -1.25 -17.69
N ASN B 212 12.10 -2.39 -18.41
CA ASN B 212 13.17 -2.68 -19.36
C ASN B 212 14.55 -2.32 -18.80
N GLY B 213 14.78 -2.64 -17.53
CA GLY B 213 16.08 -2.46 -16.92
C GLY B 213 16.34 -1.09 -16.35
N MET B 214 15.33 -0.23 -16.25
CA MET B 214 15.52 1.15 -15.78
C MET B 214 14.56 1.42 -14.62
N VAL B 215 15.07 2.07 -13.58
CA VAL B 215 14.26 2.40 -12.40
C VAL B 215 13.81 3.85 -12.53
N LYS B 216 12.49 4.05 -12.49
CA LYS B 216 11.89 5.35 -12.76
C LYS B 216 10.93 5.74 -11.64
N TYR B 217 10.68 7.05 -11.54
CA TYR B 217 9.73 7.59 -10.58
C TYR B 217 8.38 7.72 -11.28
N GLY B 218 7.44 6.87 -10.91
CA GLY B 218 6.13 6.83 -11.53
C GLY B 218 5.45 8.17 -11.74
N PRO B 219 5.37 9.01 -10.69
CA PRO B 219 4.64 10.28 -10.82
C PRO B 219 5.26 11.29 -11.79
N ALA B 220 6.47 11.07 -12.29
CA ALA B 220 7.08 11.97 -13.26
C ALA B 220 6.91 11.48 -14.70
N GLN B 221 6.17 10.40 -14.91
CA GLN B 221 6.03 9.81 -16.23
C GLN B 221 4.77 10.30 -16.93
N LYS B 222 4.81 10.30 -18.26
CA LYS B 222 3.64 10.72 -19.02
C LYS B 222 2.48 9.76 -18.85
N GLU B 223 2.74 8.50 -18.47
CA GLU B 223 1.64 7.58 -18.17
C GLU B 223 0.87 8.05 -16.94
N PHE B 224 1.58 8.66 -15.98
CA PHE B 224 0.94 9.22 -14.80
C PHE B 224 0.13 10.46 -15.18
N LYS B 225 0.67 11.31 -16.07
CA LYS B 225 -0.08 12.47 -16.52
C LYS B 225 -1.40 12.04 -17.16
N HIS B 226 -1.35 11.02 -18.02
CA HIS B 226 -2.59 10.55 -18.64
C HIS B 226 -3.54 9.98 -17.60
N ALA B 227 -3.03 9.21 -16.64
CA ALA B 227 -3.89 8.64 -15.60
C ALA B 227 -4.63 9.74 -14.84
N ILE B 228 -3.90 10.76 -14.39
CA ILE B 228 -4.54 11.83 -13.63
C ILE B 228 -5.55 12.58 -14.50
N LYS B 229 -5.18 12.85 -15.75
CA LYS B 229 -6.08 13.56 -16.66
C LYS B 229 -7.38 12.77 -16.87
N GLU B 230 -7.28 11.47 -17.07
CA GLU B 230 -8.46 10.62 -17.21
C GLU B 230 -9.28 10.60 -15.93
N LEU B 231 -8.61 10.45 -14.78
CA LEU B 231 -9.31 10.43 -13.50
C LEU B 231 -10.02 11.76 -13.24
N SER B 232 -9.41 12.87 -13.65
CA SER B 232 -10.09 14.16 -13.51
C SER B 232 -11.37 14.17 -14.33
N LYS B 233 -11.33 13.60 -15.53
CA LYS B 233 -12.52 13.53 -16.38
C LYS B 233 -13.55 12.60 -15.78
N TRP B 234 -13.13 11.41 -15.34
CA TRP B 234 -14.08 10.48 -14.73
C TRP B 234 -14.66 11.05 -13.46
N TYR B 235 -13.86 11.82 -12.71
CA TYR B 235 -14.37 12.47 -11.50
C TYR B 235 -15.46 13.48 -11.84
N LYS B 236 -15.20 14.32 -12.84
CA LYS B 236 -16.19 15.32 -13.25
C LYS B 236 -17.49 14.67 -13.67
N GLU B 237 -17.42 13.53 -14.34
CA GLU B 237 -18.60 12.85 -14.86
C GLU B 237 -19.23 11.92 -13.83
N GLY B 238 -18.77 11.95 -12.60
CA GLY B 238 -19.39 11.16 -11.54
C GLY B 238 -19.13 9.67 -11.64
N LEU B 239 -18.06 9.26 -12.33
CA LEU B 239 -17.77 7.85 -12.52
C LEU B 239 -16.87 7.28 -11.44
N ILE B 240 -16.07 8.10 -10.78
CA ILE B 240 -15.36 7.68 -9.59
C ILE B 240 -15.93 8.45 -8.41
N ASP B 241 -15.94 7.80 -7.26
CA ASP B 241 -16.44 8.34 -6.01
C ASP B 241 -16.00 9.79 -5.80
N GLU B 242 -16.98 10.68 -5.61
CA GLU B 242 -16.67 12.09 -5.34
C GLU B 242 -15.82 12.22 -4.07
N GLU B 243 -15.93 11.27 -3.15
CA GLU B 243 -15.20 11.28 -1.89
C GLU B 243 -13.96 10.36 -1.90
N ILE B 244 -13.36 10.11 -3.07
CA ILE B 244 -12.21 9.21 -3.13
C ILE B 244 -11.17 9.55 -2.06
N PHE B 245 -10.88 10.84 -1.87
CA PHE B 245 -9.79 11.24 -1.00
C PHE B 245 -10.20 11.37 0.47
N THR B 246 -11.49 11.38 0.78
CA THR B 246 -11.91 11.59 2.16
C THR B 246 -12.75 10.47 2.76
N ARG B 247 -13.28 9.54 1.97
CA ARG B 247 -14.25 8.60 2.53
C ARG B 247 -13.61 7.67 3.56
N GLY B 248 -12.32 7.35 3.41
CA GLY B 248 -11.64 6.57 4.43
C GLY B 248 -11.89 5.07 4.30
N LEU B 249 -11.46 4.34 5.34
CA LEU B 249 -11.41 2.89 5.28
C LEU B 249 -12.80 2.24 5.35
N GLU B 250 -13.85 2.98 5.71
CA GLU B 250 -15.20 2.43 5.69
C GLU B 250 -15.83 2.48 4.30
N SER B 251 -15.10 2.98 3.30
CA SER B 251 -15.70 3.23 1.98
C SER B 251 -16.35 1.97 1.42
N ARG B 252 -15.60 0.88 1.36
CA ARG B 252 -16.09 -0.34 0.72
C ARG B 252 -17.30 -0.91 1.46
N ASP B 253 -17.22 -0.98 2.80
CA ASP B 253 -18.35 -1.48 3.57
C ASP B 253 -19.59 -0.65 3.33
N TYR B 254 -19.46 0.67 3.34
CA TYR B 254 -20.62 1.53 3.17
C TYR B 254 -21.19 1.44 1.77
N LEU B 255 -20.33 1.55 0.75
CA LEU B 255 -20.83 1.61 -0.62
C LEU B 255 -21.38 0.27 -1.09
N LEU B 256 -20.80 -0.85 -0.63
CA LEU B 256 -21.35 -2.14 -1.03
C LEU B 256 -22.61 -2.49 -0.26
N SER B 257 -22.62 -2.26 1.05
CA SER B 257 -23.77 -2.71 1.84
C SER B 257 -25.01 -1.87 1.57
N ASN B 258 -24.83 -0.65 1.08
CA ASN B 258 -25.95 0.19 0.66
C ASN B 258 -26.24 0.09 -0.84
N ASN B 259 -25.59 -0.85 -1.53
CA ASN B 259 -25.85 -1.14 -2.94
C ASN B 259 -25.62 0.08 -3.84
N LEU B 260 -24.54 0.81 -3.55
CA LEU B 260 -24.16 1.99 -4.31
C LEU B 260 -22.95 1.76 -5.19
N GLY B 261 -22.03 0.88 -4.78
CA GLY B 261 -20.75 0.73 -5.44
C GLY B 261 -20.79 -0.30 -6.56
N GLY B 262 -20.17 0.06 -7.69
CA GLY B 262 -20.22 -0.79 -8.86
C GLY B 262 -18.94 -1.52 -9.23
N ALA B 263 -17.79 -1.04 -8.76
CA ALA B 263 -16.49 -1.58 -9.17
C ALA B 263 -15.41 -1.01 -8.27
N THR B 264 -14.34 -1.78 -8.10
CA THR B 264 -13.26 -1.30 -7.25
C THR B 264 -11.96 -2.00 -7.64
N ASP B 265 -10.89 -1.61 -6.95
CA ASP B 265 -9.56 -2.19 -7.04
C ASP B 265 -9.10 -2.34 -5.60
N ASP B 266 -9.06 -3.57 -5.09
CA ASP B 266 -8.89 -3.79 -3.66
C ASP B 266 -8.38 -5.21 -3.43
N TRP B 267 -7.98 -5.46 -2.18
CA TRP B 267 -7.41 -6.76 -1.82
C TRP B 267 -8.38 -7.89 -2.12
N ILE B 268 -7.84 -9.00 -2.65
CA ILE B 268 -8.69 -10.02 -3.25
C ILE B 268 -9.52 -10.76 -2.19
N ALA B 269 -8.89 -11.16 -1.08
CA ALA B 269 -9.60 -11.99 -0.11
C ALA B 269 -10.74 -11.20 0.57
N SER B 270 -10.43 -10.02 1.10
CA SER B 270 -11.45 -9.26 1.80
C SER B 270 -12.55 -8.78 0.84
N THR B 271 -12.17 -8.39 -0.37
CA THR B 271 -13.20 -7.94 -1.32
C THR B 271 -14.07 -9.11 -1.78
N SER B 272 -13.52 -10.32 -1.87
CA SER B 272 -14.31 -11.48 -2.26
C SER B 272 -15.29 -11.92 -1.17
N SER B 273 -15.10 -11.46 0.07
CA SER B 273 -15.99 -11.88 1.15
C SER B 273 -17.38 -11.27 1.06
N TYR B 274 -17.58 -10.23 0.24
CA TYR B 274 -18.85 -9.52 0.29
C TYR B 274 -19.99 -10.28 -0.36
N ASN B 275 -19.70 -11.16 -1.32
CA ASN B 275 -20.77 -11.93 -1.95
C ASN B 275 -21.56 -12.72 -0.91
N ARG B 276 -20.84 -13.41 -0.02
CA ARG B 276 -21.47 -14.12 1.09
C ARG B 276 -22.13 -13.15 2.07
N ASN B 277 -21.42 -12.09 2.43
CA ASN B 277 -21.87 -11.12 3.42
C ASN B 277 -23.21 -10.50 3.03
N LEU B 278 -23.38 -10.17 1.75
CA LEU B 278 -24.53 -9.39 1.29
C LEU B 278 -25.54 -10.24 0.51
N ALA B 279 -25.40 -11.57 0.53
CA ALA B 279 -26.23 -12.43 -0.30
C ALA B 279 -27.71 -12.27 -0.02
N ASP B 280 -28.08 -12.13 1.26
CA ASP B 280 -29.48 -12.00 1.64
C ASP B 280 -29.95 -10.56 1.60
N LYS B 281 -29.08 -9.61 1.93
CA LYS B 281 -29.49 -8.22 2.04
C LYS B 281 -29.56 -7.54 0.67
N ILE B 282 -28.78 -8.02 -0.30
CA ILE B 282 -28.88 -7.57 -1.69
C ILE B 282 -28.99 -8.80 -2.57
N PRO B 283 -30.19 -9.32 -2.82
CA PRO B 283 -30.33 -10.54 -3.63
C PRO B 283 -29.70 -10.38 -5.01
N GLY B 284 -28.89 -11.37 -5.39
CA GLY B 284 -28.21 -11.34 -6.66
C GLY B 284 -26.85 -10.67 -6.64
N PHE B 285 -26.47 -10.02 -5.53
CA PHE B 285 -25.18 -9.34 -5.41
C PHE B 285 -24.03 -10.23 -5.85
N ASN B 286 -23.22 -9.72 -6.78
CA ASN B 286 -22.11 -10.51 -7.32
C ASN B 286 -20.98 -9.54 -7.68
N LEU B 287 -20.12 -9.28 -6.71
CA LEU B 287 -18.91 -8.48 -6.95
C LEU B 287 -17.80 -9.45 -7.31
N LYS B 288 -17.41 -9.43 -8.58
CA LYS B 288 -16.64 -10.50 -9.19
C LYS B 288 -15.28 -9.99 -9.64
N LEU B 289 -14.25 -10.81 -9.40
CA LEU B 289 -12.89 -10.49 -9.83
C LEU B 289 -12.75 -10.61 -11.34
N VAL B 290 -12.12 -9.61 -11.95
CA VAL B 290 -11.78 -9.66 -13.37
C VAL B 290 -10.30 -9.38 -13.51
N LEU B 291 -9.74 -9.82 -14.64
CA LEU B 291 -8.34 -9.52 -14.92
C LEU B 291 -8.18 -8.02 -15.16
N PRO B 292 -7.00 -7.47 -14.87
CA PRO B 292 -6.78 -6.03 -15.11
C PRO B 292 -7.19 -5.64 -16.52
N TYR B 293 -7.85 -4.50 -16.63
CA TYR B 293 -8.32 -4.04 -17.93
C TYR B 293 -7.14 -3.68 -18.81
N GLU B 294 -7.26 -3.98 -20.10
CA GLU B 294 -6.18 -3.73 -21.04
C GLU B 294 -6.18 -2.28 -21.50
N LEU B 295 -4.98 -1.70 -21.59
CA LEU B 295 -4.76 -0.39 -22.21
C LEU B 295 -3.74 -0.58 -23.33
N ASN B 296 -4.20 -0.51 -24.58
CA ASN B 296 -3.33 -0.64 -25.75
C ASN B 296 -2.49 -1.91 -25.68
N GLY B 297 -3.14 -3.02 -25.34
CA GLY B 297 -2.48 -4.31 -25.28
C GLY B 297 -1.75 -4.62 -23.98
N ASN B 298 -1.63 -3.65 -23.08
CA ASN B 298 -0.97 -3.87 -21.79
C ASN B 298 -2.01 -4.44 -20.82
N ALA B 299 -1.80 -5.68 -20.39
CA ALA B 299 -2.76 -6.38 -19.54
C ALA B 299 -2.27 -6.56 -18.10
N LYS B 300 -1.18 -5.89 -17.71
CA LYS B 300 -0.55 -6.12 -16.41
C LYS B 300 -1.08 -5.19 -15.34
N THR B 301 -0.97 -5.64 -14.09
CA THR B 301 -1.13 -4.78 -12.93
C THR B 301 0.17 -4.76 -12.15
N ARG B 302 0.46 -3.62 -11.52
CA ARG B 302 1.60 -3.53 -10.61
C ARG B 302 1.20 -3.80 -9.17
N HIS B 303 -0.05 -4.20 -8.91
CA HIS B 303 -0.46 -4.61 -7.57
C HIS B 303 0.13 -5.98 -7.27
N ALA B 304 1.04 -6.06 -6.30
CA ALA B 304 1.59 -7.32 -5.85
C ALA B 304 1.88 -7.21 -4.36
N ARG B 305 1.78 -8.32 -3.66
CA ARG B 305 2.21 -8.31 -2.27
C ARG B 305 3.73 -8.13 -2.23
N THR B 306 4.20 -7.33 -1.28
CA THR B 306 5.61 -7.22 -0.97
C THR B 306 6.01 -8.34 0.00
N THR B 307 7.31 -8.50 0.21
CA THR B 307 7.75 -9.48 1.20
C THR B 307 7.45 -9.02 2.62
N TYR B 308 7.36 -7.71 2.84
CA TYR B 308 7.12 -7.18 4.19
C TYR B 308 6.50 -5.80 4.09
N LEU B 309 6.02 -5.32 5.23
CA LEU B 309 5.52 -3.95 5.36
C LEU B 309 5.94 -3.43 6.73
N GLY B 310 6.79 -2.40 6.75
CA GLY B 310 7.18 -1.81 8.01
C GLY B 310 8.00 -2.74 8.89
N GLY B 311 8.12 -2.36 10.16
CA GLY B 311 8.85 -3.16 11.12
C GLY B 311 8.95 -2.42 12.44
N TRP B 312 9.73 -3.01 13.36
CA TRP B 312 9.99 -2.34 14.63
C TRP B 312 11.40 -2.64 15.09
N GLY B 313 11.95 -1.71 15.88
CA GLY B 313 13.28 -1.84 16.44
C GLY B 313 13.31 -1.40 17.89
N ILE B 314 14.49 -1.51 18.49
CA ILE B 314 14.73 -1.14 19.88
C ILE B 314 15.58 0.12 19.89
N SER B 315 15.15 1.11 20.66
CA SER B 315 15.82 2.41 20.61
C SER B 315 17.07 2.43 21.48
N LYS B 316 17.87 3.48 21.24
CA LYS B 316 19.06 3.76 22.04
C LYS B 316 18.74 3.97 23.51
N ASP B 317 17.49 4.33 23.82
CA ASP B 317 17.07 4.66 25.18
C ASP B 317 16.46 3.49 25.95
N ALA B 318 16.24 2.34 25.31
CA ALA B 318 15.71 1.19 26.03
C ALA B 318 16.74 0.68 27.03
N LYS B 319 16.32 0.58 28.29
CA LYS B 319 17.25 0.21 29.34
C LYS B 319 17.55 -1.29 29.36
N ASP B 320 16.63 -2.11 28.87
CA ASP B 320 16.77 -3.57 28.92
C ASP B 320 16.55 -4.15 27.53
N PRO B 321 17.52 -3.98 26.62
CA PRO B 321 17.34 -4.50 25.25
C PRO B 321 17.28 -6.01 25.16
N VAL B 322 17.92 -6.74 26.08
CA VAL B 322 17.84 -8.21 26.05
C VAL B 322 16.41 -8.66 26.24
N SER B 323 15.71 -8.06 27.21
CA SER B 323 14.31 -8.41 27.43
C SER B 323 13.46 -8.10 26.21
N LEU B 324 13.80 -7.04 25.47
CA LEU B 324 12.98 -6.65 24.33
C LEU B 324 13.25 -7.51 23.10
N ILE B 325 14.48 -7.96 22.89
CA ILE B 325 14.69 -8.88 21.78
C ILE B 325 14.00 -10.22 22.07
N LYS B 326 13.91 -10.61 23.35
CA LYS B 326 13.14 -11.79 23.69
C LYS B 326 11.65 -11.57 23.43
N TYR B 327 11.18 -10.34 23.64
CA TYR B 327 9.81 -10.00 23.28
C TYR B 327 9.60 -10.10 21.78
N PHE B 328 10.52 -9.52 21.00
CA PHE B 328 10.47 -9.68 19.55
C PHE B 328 10.46 -11.16 19.16
N ASP B 329 11.27 -11.98 19.85
CA ASP B 329 11.36 -13.39 19.50
C ASP B 329 10.09 -14.14 19.84
N TYR B 330 9.35 -13.71 20.86
CA TYR B 330 8.10 -14.37 21.22
C TYR B 330 7.15 -14.43 20.03
N TRP B 331 7.10 -13.36 19.24
CA TRP B 331 6.19 -13.34 18.11
C TRP B 331 6.58 -14.31 17.01
N TYR B 332 7.79 -14.88 17.07
CA TYR B 332 8.23 -15.89 16.13
C TYR B 332 8.20 -17.31 16.71
N SER B 333 7.75 -17.46 17.95
CA SER B 333 7.44 -18.79 18.47
C SER B 333 6.15 -19.31 17.83
N VAL B 334 5.93 -20.61 17.97
CA VAL B 334 4.69 -21.20 17.46
C VAL B 334 3.48 -20.49 18.05
N GLU B 335 3.47 -20.31 19.37
CA GLU B 335 2.31 -19.73 20.03
C GLU B 335 2.19 -18.23 19.75
N GLY B 336 3.31 -17.51 19.77
CA GLY B 336 3.26 -16.09 19.52
C GLY B 336 2.86 -15.76 18.10
N ARG B 337 3.37 -16.52 17.13
CA ARG B 337 2.99 -16.28 15.74
C ARG B 337 1.53 -16.62 15.50
N ARG B 338 1.04 -17.71 16.10
CA ARG B 338 -0.38 -18.05 15.99
C ARG B 338 -1.26 -16.99 16.62
N LEU B 339 -0.85 -16.46 17.77
CA LEU B 339 -1.62 -15.42 18.44
C LEU B 339 -1.72 -14.17 17.56
N TRP B 340 -0.58 -13.72 17.03
CA TRP B 340 -0.59 -12.52 16.19
C TRP B 340 -1.51 -12.70 14.98
N ASN B 341 -1.53 -13.90 14.41
CA ASN B 341 -2.25 -14.14 13.15
C ASN B 341 -3.73 -14.43 13.35
N PHE B 342 -4.07 -15.23 14.38
CA PHE B 342 -5.40 -15.82 14.50
C PHE B 342 -6.24 -15.28 15.65
N GLY B 343 -5.66 -14.53 16.58
CA GLY B 343 -6.42 -14.11 17.74
C GLY B 343 -6.33 -15.06 18.92
N ILE B 344 -7.42 -15.20 19.66
CA ILE B 344 -7.45 -15.90 20.95
C ILE B 344 -8.11 -17.26 20.78
N GLU B 345 -7.46 -18.30 21.30
CA GLU B 345 -8.04 -19.64 21.30
C GLU B 345 -9.29 -19.68 22.16
N GLY B 346 -10.35 -20.30 21.64
CA GLY B 346 -11.63 -20.33 22.33
C GLY B 346 -12.52 -19.15 22.03
N SER B 347 -12.01 -18.15 21.32
CA SER B 347 -12.79 -16.97 20.95
C SER B 347 -12.80 -16.79 19.43
N GLU B 348 -11.64 -16.54 18.81
CA GLU B 348 -11.55 -16.39 17.37
C GLU B 348 -11.31 -17.71 16.65
N TYR B 349 -10.71 -18.69 17.32
CA TYR B 349 -10.43 -19.97 16.69
C TYR B 349 -10.41 -21.06 17.76
N THR B 350 -10.50 -22.31 17.30
CA THR B 350 -10.19 -23.47 18.11
C THR B 350 -9.14 -24.31 17.39
N LEU B 351 -8.42 -25.13 18.17
CA LEU B 351 -7.44 -26.05 17.61
C LEU B 351 -8.16 -27.34 17.25
N VAL B 352 -8.08 -27.71 15.98
CA VAL B 352 -8.69 -28.93 15.45
C VAL B 352 -7.59 -29.71 14.75
N ASP B 353 -7.28 -30.91 15.25
CA ASP B 353 -6.12 -31.66 14.75
C ASP B 353 -4.87 -30.80 14.82
N GLY B 354 -4.74 -30.02 15.89
CA GLY B 354 -3.56 -29.22 16.14
C GLY B 354 -3.48 -27.92 15.35
N LYS B 355 -4.47 -27.63 14.50
CA LYS B 355 -4.41 -26.49 13.59
C LYS B 355 -5.56 -25.52 13.86
N PRO B 356 -5.34 -24.22 13.72
CA PRO B 356 -6.41 -23.24 14.01
C PRO B 356 -7.52 -23.30 12.97
N VAL B 357 -8.76 -23.31 13.45
CA VAL B 357 -9.95 -23.17 12.62
C VAL B 357 -10.80 -22.05 13.21
N PHE B 358 -11.15 -21.07 12.38
CA PHE B 358 -11.88 -19.93 12.91
C PHE B 358 -13.29 -20.30 13.35
N THR B 359 -13.80 -19.54 14.30
CA THR B 359 -15.15 -19.71 14.83
C THR B 359 -16.12 -18.84 14.04
N ASP B 360 -17.41 -19.07 14.29
CA ASP B 360 -18.44 -18.23 13.68
C ASP B 360 -18.34 -16.77 14.11
N LYS B 361 -17.72 -16.46 15.26
CA LYS B 361 -17.50 -15.06 15.62
C LYS B 361 -16.72 -14.35 14.52
N VAL B 362 -15.76 -15.05 13.92
CA VAL B 362 -14.94 -14.49 12.84
C VAL B 362 -15.60 -14.70 11.48
N LEU B 363 -16.09 -15.91 11.20
CA LEU B 363 -16.53 -16.27 9.87
C LEU B 363 -17.97 -15.85 9.56
N LYS B 364 -18.80 -15.60 10.59
CA LYS B 364 -20.18 -15.18 10.38
C LYS B 364 -20.58 -14.11 11.39
N ASN B 365 -19.92 -12.96 11.34
CA ASN B 365 -20.24 -11.88 12.26
C ASN B 365 -21.65 -11.37 12.00
N PRO B 366 -22.51 -11.29 13.02
CA PRO B 366 -23.90 -10.88 12.78
C PRO B 366 -24.06 -9.48 12.22
N ASP B 367 -23.10 -8.60 12.40
CA ASP B 367 -23.23 -7.22 11.95
C ASP B 367 -22.62 -6.98 10.56
N GLY B 368 -22.33 -8.04 9.82
CA GLY B 368 -21.79 -7.87 8.48
C GLY B 368 -20.33 -7.47 8.43
N LYS B 369 -19.60 -7.58 9.53
CA LYS B 369 -18.18 -7.31 9.49
C LYS B 369 -17.47 -8.44 8.75
N THR B 370 -16.44 -8.09 7.98
CA THR B 370 -15.66 -9.12 7.32
C THR B 370 -14.87 -9.90 8.37
N PRO B 371 -14.47 -11.14 8.05
CA PRO B 371 -13.64 -11.89 9.00
C PRO B 371 -12.39 -11.14 9.43
N LEU B 372 -11.73 -10.46 8.49
CA LEU B 372 -10.53 -9.72 8.84
C LEU B 372 -10.84 -8.53 9.72
N ALA B 373 -12.01 -7.89 9.50
CA ALA B 373 -12.40 -6.80 10.39
C ALA B 373 -12.59 -7.29 11.82
N VAL B 374 -13.19 -8.48 11.98
CA VAL B 374 -13.33 -9.07 13.31
C VAL B 374 -11.96 -9.32 13.93
N LEU B 375 -11.06 -9.91 13.15
CA LEU B 375 -9.72 -10.22 13.65
C LEU B 375 -8.97 -8.97 14.08
N ARG B 376 -9.06 -7.90 13.31
CA ARG B 376 -8.36 -6.67 13.70
C ARG B 376 -8.93 -6.10 14.99
N GLU B 377 -10.23 -6.28 15.23
CA GLU B 377 -10.85 -5.70 16.43
C GLU B 377 -10.32 -6.33 17.70
N VAL B 378 -9.82 -7.57 17.65
CA VAL B 378 -9.25 -8.19 18.85
C VAL B 378 -7.74 -7.99 18.93
N GLY B 379 -7.12 -7.31 17.96
CA GLY B 379 -5.70 -7.09 17.98
C GLY B 379 -4.89 -8.04 17.12
N ALA B 380 -5.54 -8.93 16.37
CA ALA B 380 -4.81 -9.77 15.44
C ALA B 380 -4.44 -8.97 14.19
N GLN B 381 -3.39 -9.43 13.50
CA GLN B 381 -2.89 -8.84 12.26
C GLN B 381 -2.40 -7.41 12.45
N TYR B 382 -2.10 -7.00 13.68
CA TYR B 382 -1.66 -5.63 13.96
C TYR B 382 -0.20 -5.47 13.54
N ARG B 383 0.03 -4.68 12.49
CA ARG B 383 1.37 -4.56 11.90
C ARG B 383 2.39 -4.10 12.94
N LEU B 384 3.38 -4.95 13.19
CA LEU B 384 4.49 -4.62 14.09
C LEU B 384 5.78 -5.08 13.43
N GLY B 385 6.32 -6.21 13.88
CA GLY B 385 7.41 -6.86 13.19
C GLY B 385 7.26 -8.37 13.24
N ALA B 386 6.05 -8.86 12.97
CA ALA B 386 5.72 -10.27 13.05
C ALA B 386 5.71 -10.90 11.67
N PHE B 387 5.46 -12.21 11.63
CA PHE B 387 5.50 -13.01 10.41
C PHE B 387 4.09 -13.52 10.13
N GLN B 388 3.46 -12.95 9.10
CA GLN B 388 2.13 -13.38 8.73
C GLN B 388 2.15 -14.85 8.30
N ASP B 389 1.05 -15.54 8.57
CA ASP B 389 0.87 -16.97 8.25
C ASP B 389 -0.26 -17.07 7.25
N ALA B 390 0.04 -17.49 6.02
CA ALA B 390 -1.01 -17.54 5.00
C ALA B 390 -2.15 -18.47 5.38
N GLN B 391 -1.91 -19.39 6.33
CA GLN B 391 -3.01 -20.23 6.81
C GLN B 391 -4.10 -19.41 7.49
N TYR B 392 -3.74 -18.26 8.03
CA TYR B 392 -4.74 -17.36 8.60
C TYR B 392 -5.66 -16.89 7.47
N GLU B 393 -5.05 -16.45 6.37
CA GLU B 393 -5.82 -15.88 5.29
C GLU B 393 -6.67 -16.95 4.62
N LEU B 394 -6.07 -18.12 4.35
CA LEU B 394 -6.81 -19.23 3.79
C LEU B 394 -7.90 -19.73 4.73
N GLY B 395 -7.76 -19.47 6.03
CA GLY B 395 -8.75 -19.91 7.00
C GLY B 395 -10.08 -19.18 6.91
N TRP B 396 -10.10 -17.96 6.37
CA TRP B 396 -11.35 -17.24 6.18
C TRP B 396 -11.64 -16.86 4.74
N ALA B 397 -10.65 -16.93 3.85
CA ALA B 397 -10.88 -16.59 2.44
C ALA B 397 -11.94 -17.50 1.83
N SER B 398 -12.83 -16.90 1.03
CA SER B 398 -13.84 -17.69 0.33
C SER B 398 -13.21 -18.56 -0.74
N GLU B 399 -13.99 -19.53 -1.23
CA GLU B 399 -13.52 -20.32 -2.35
C GLU B 399 -13.29 -19.44 -3.58
N SER B 400 -14.14 -18.41 -3.76
CA SER B 400 -13.95 -17.48 -4.87
C SER B 400 -12.66 -16.67 -4.70
N ALA B 401 -12.26 -16.36 -3.49
CA ALA B 401 -11.01 -15.67 -3.27
C ALA B 401 -9.83 -16.56 -3.67
N LYS B 402 -9.86 -17.79 -3.20
CA LYS B 402 -8.83 -18.72 -3.55
C LYS B 402 -8.71 -18.90 -5.08
N ALA B 403 -9.82 -19.08 -5.73
CA ALA B 403 -9.82 -19.18 -7.18
C ALA B 403 -9.23 -17.92 -7.85
N GLY B 404 -9.44 -16.80 -7.17
CA GLY B 404 -9.01 -15.50 -7.58
C GLY B 404 -7.51 -15.37 -7.54
N TYR B 405 -6.89 -15.80 -6.45
CA TYR B 405 -5.44 -15.81 -6.42
C TYR B 405 -4.90 -16.57 -7.67
N LYS B 406 -5.47 -17.73 -7.90
CA LYS B 406 -5.00 -18.56 -9.00
C LYS B 406 -5.29 -17.96 -10.37
N TYR B 407 -6.42 -17.30 -10.51
CA TYR B 407 -6.78 -16.64 -11.73
C TYR B 407 -5.71 -15.63 -12.15
N TYR B 408 -5.29 -14.80 -11.21
CA TYR B 408 -4.30 -13.77 -11.47
C TYR B 408 -2.93 -14.36 -11.79
N MET B 409 -2.53 -15.32 -11.00
CA MET B 409 -1.28 -16.02 -11.23
C MET B 409 -1.27 -16.81 -12.54
N ASP B 410 -2.35 -17.54 -12.80
CA ASP B 410 -2.47 -18.34 -14.02
C ASP B 410 -2.28 -17.47 -15.29
N ASN B 411 -2.88 -16.29 -15.27
CA ASN B 411 -2.83 -15.37 -16.38
C ASN B 411 -1.59 -14.49 -16.42
N ASP B 412 -0.76 -14.59 -15.41
CA ASP B 412 0.54 -13.94 -15.41
C ASP B 412 0.39 -12.42 -15.53
N VAL B 413 -0.65 -11.87 -14.88
CA VAL B 413 -0.93 -10.44 -15.00
C VAL B 413 -0.23 -9.59 -13.94
N VAL B 414 0.40 -10.21 -12.95
CA VAL B 414 0.95 -9.49 -11.80
C VAL B 414 2.44 -9.23 -12.03
N LEU B 415 2.85 -7.97 -11.87
CA LEU B 415 4.26 -7.59 -11.83
C LEU B 415 4.71 -7.42 -10.39
N ASP B 416 5.82 -8.05 -10.02
CA ASP B 416 6.33 -7.90 -8.65
C ASP B 416 6.72 -6.46 -8.36
N GLU B 417 6.62 -6.12 -7.11
CA GLU B 417 6.98 -4.81 -6.67
C GLU B 417 8.47 -4.59 -6.63
N LEU B 418 8.88 -3.39 -6.92
CA LEU B 418 10.30 -3.08 -6.89
C LEU B 418 10.76 -3.07 -5.46
N PRO B 419 11.72 -4.03 -5.14
CA PRO B 419 12.05 -4.06 -3.71
C PRO B 419 12.77 -2.76 -3.27
N ILE B 420 13.21 -2.14 -2.04
N ILE B 420 12.52 -1.72 -2.47
CA ILE B 420 14.31 -1.16 -1.84
CA ILE B 420 12.98 -1.64 -1.14
C ILE B 420 15.61 -1.67 -2.43
C ILE B 420 14.26 -0.93 -1.43
N LEU B 421 16.31 -0.77 -3.09
N LEU B 421 15.36 -1.62 -1.58
CA LEU B 421 17.65 -1.03 -3.57
CA LEU B 421 16.62 -0.94 -1.68
C LEU B 421 18.65 -0.40 -2.60
C LEU B 421 16.90 -0.08 -0.46
N LYS B 422 19.66 -1.14 -2.15
N LYS B 422 18.19 -0.06 -0.08
CA LYS B 422 20.55 -0.62 -1.12
CA LYS B 422 18.66 0.20 1.28
C LYS B 422 22.00 -0.54 -1.61
C LYS B 422 19.42 1.50 1.71
N TYR B 423 22.61 0.65 -1.55
N TYR B 423 20.52 1.82 1.04
CA TYR B 423 23.97 0.92 -2.08
CA TYR B 423 21.23 3.08 1.21
C TYR B 423 25.02 1.49 -1.17
C TYR B 423 22.38 2.98 2.16
N THR B 424 24.92 2.76 -0.77
N THR B 424 23.52 3.38 1.61
CA THR B 424 25.80 3.21 0.29
CA THR B 424 24.63 3.76 2.48
C THR B 424 24.89 3.93 1.27
C THR B 424 24.23 4.95 3.35
N LYS B 425 25.28 4.00 2.55
N LYS B 425 24.89 5.04 4.51
CA LYS B 425 24.44 4.73 3.49
CA LYS B 425 24.70 6.08 5.52
C LYS B 425 24.17 6.13 2.97
C LYS B 425 24.26 7.42 4.93
N GLU B 426 25.17 6.73 2.32
N GLU B 426 24.91 7.91 3.88
CA GLU B 426 25.05 8.12 1.90
CA GLU B 426 24.53 9.26 3.49
C GLU B 426 23.98 8.26 0.83
C GLU B 426 23.70 9.36 2.22
N LYS B 427 24.06 7.45 -0.21
N LYS B 427 23.83 8.47 1.24
CA LYS B 427 22.96 7.40 -1.15
CA LYS B 427 22.77 8.40 0.24
C LYS B 427 21.64 7.08 -0.44
C LYS B 427 21.43 8.29 0.93
N SER B 428 21.71 6.31 0.69
N SER B 428 21.33 7.34 1.87
CA SER B 428 20.57 5.95 1.56
CA SER B 428 20.09 7.12 2.58
C SER B 428 20.20 7.01 2.53
C SER B 428 19.55 8.38 3.21
N LYS B 429 20.54 8.26 2.28
N LYS B 429 20.38 9.34 3.44
CA LYS B 429 20.07 9.31 3.16
CA LYS B 429 19.78 10.53 3.86
C LYS B 429 19.46 10.44 2.34
C LYS B 429 19.76 11.52 2.71
N GLU B 430 20.27 11.07 1.54
CA GLU B 430 19.92 11.68 0.28
C GLU B 430 18.64 11.09 -0.34
N PHE B 431 18.69 9.84 -0.76
CA PHE B 431 17.52 9.33 -1.53
C PHE B 431 16.23 9.50 -0.74
N VAL B 432 16.22 9.05 0.51
CA VAL B 432 15.02 9.12 1.32
C VAL B 432 14.54 10.55 1.49
N SER B 433 15.48 11.49 1.66
CA SER B 433 15.11 12.89 1.82
C SER B 433 14.37 13.43 0.58
N ILE B 434 14.90 13.11 -0.61
CA ILE B 434 14.28 13.57 -1.85
C ILE B 434 12.94 12.90 -2.06
N ASP B 435 12.89 11.57 -1.89
CA ASP B 435 11.66 10.81 -2.09
C ASP B 435 10.53 11.35 -1.23
N THR B 436 10.85 11.70 0.02
CA THR B 436 9.84 12.23 0.93
C THR B 436 9.35 13.60 0.49
N ALA B 437 10.26 14.47 0.04
CA ALA B 437 9.85 15.79 -0.43
C ALA B 437 8.98 15.68 -1.67
N MET B 438 9.36 14.83 -2.62
CA MET B 438 8.58 14.68 -3.85
C MET B 438 7.19 14.13 -3.54
N ARG B 439 7.09 13.21 -2.58
CA ARG B 439 5.80 12.63 -2.23
C ARG B 439 4.78 13.71 -1.89
N ALA B 440 5.18 14.72 -1.11
CA ALA B 440 4.27 15.79 -0.76
C ALA B 440 3.80 16.55 -1.99
N VAL B 441 4.69 16.79 -2.95
CA VAL B 441 4.33 17.52 -4.16
C VAL B 441 3.34 16.71 -4.99
N VAL B 442 3.64 15.42 -5.19
CA VAL B 442 2.76 14.58 -6.00
C VAL B 442 1.36 14.54 -5.39
N GLU B 443 1.28 14.35 -4.07
CA GLU B 443 -0.04 14.20 -3.45
C GLU B 443 -0.80 15.51 -3.44
N GLU B 444 -0.11 16.64 -3.38
CA GLU B 444 -0.80 17.92 -3.50
C GLU B 444 -1.36 18.12 -4.90
N LYS B 445 -0.52 17.96 -5.92
CA LYS B 445 -0.95 18.26 -7.29
C LYS B 445 -1.94 17.24 -7.81
N ALA B 446 -1.75 15.95 -7.49
CA ALA B 446 -2.67 14.93 -7.96
C ALA B 446 -4.09 15.19 -7.46
N GLN B 447 -4.24 15.60 -6.20
CA GLN B 447 -5.55 15.94 -5.68
C GLN B 447 -6.17 17.12 -6.41
N GLN B 448 -5.40 18.21 -6.55
CA GLN B 448 -5.90 19.39 -7.23
C GLN B 448 -6.34 19.05 -8.65
N TRP B 449 -5.53 18.26 -9.36
CA TRP B 449 -5.84 17.95 -10.76
C TRP B 449 -7.06 17.06 -10.88
N ILE B 450 -7.18 16.02 -10.05
CA ILE B 450 -8.35 15.15 -10.16
C ILE B 450 -9.61 15.91 -9.75
N LEU B 451 -9.53 16.70 -8.68
CA LEU B 451 -10.70 17.40 -8.16
C LEU B 451 -11.07 18.63 -8.97
N GLY B 452 -10.24 19.03 -9.93
CA GLY B 452 -10.56 20.13 -10.81
C GLY B 452 -10.14 21.51 -10.35
N SER B 453 -9.37 21.61 -9.27
CA SER B 453 -8.89 22.91 -8.82
C SER B 453 -7.59 23.33 -9.48
N GLY B 454 -6.95 22.44 -10.24
CA GLY B 454 -5.83 22.80 -11.06
C GLY B 454 -5.96 22.12 -12.42
N ASP B 455 -5.23 22.65 -13.39
CA ASP B 455 -5.28 22.16 -14.77
C ASP B 455 -3.95 21.49 -15.09
N ILE B 456 -3.98 20.17 -15.24
CA ILE B 456 -2.74 19.40 -15.37
C ILE B 456 -1.99 19.76 -16.66
N ASP B 457 -2.73 20.03 -17.74
CA ASP B 457 -2.05 20.38 -19.00
C ASP B 457 -1.22 21.64 -18.83
N LYS B 458 -1.76 22.64 -18.14
CA LYS B 458 -1.04 23.89 -17.94
C LYS B 458 0.05 23.77 -16.90
N GLU B 459 -0.12 22.88 -15.91
CA GLU B 459 0.74 22.87 -14.73
C GLU B 459 1.77 21.75 -14.73
N TRP B 460 1.71 20.82 -15.69
CA TRP B 460 2.57 19.64 -15.64
C TRP B 460 4.05 20.00 -15.68
N ASP B 461 4.44 20.89 -16.61
CA ASP B 461 5.87 21.23 -16.76
C ASP B 461 6.43 21.83 -15.48
N ALA B 462 5.70 22.77 -14.88
CA ALA B 462 6.15 23.38 -13.63
C ALA B 462 6.24 22.36 -12.51
N TYR B 463 5.35 21.38 -12.52
CA TYR B 463 5.39 20.31 -11.53
C TYR B 463 6.63 19.44 -11.70
N ILE B 464 6.98 19.11 -12.95
CA ILE B 464 8.20 18.36 -13.20
C ILE B 464 9.42 19.17 -12.78
N LYS B 465 9.45 20.45 -13.15
CA LYS B 465 10.54 21.31 -12.69
C LYS B 465 10.63 21.35 -11.18
N ARG B 466 9.49 21.36 -10.49
CA ARG B 466 9.50 21.37 -9.03
C ARG B 466 10.10 20.08 -8.47
N LEU B 467 9.74 18.93 -9.03
CA LEU B 467 10.38 17.68 -8.59
C LEU B 467 11.87 17.69 -8.89
N GLU B 468 12.26 18.25 -10.05
CA GLU B 468 13.67 18.30 -10.40
C GLU B 468 14.44 19.20 -9.43
N ASN B 469 13.84 20.33 -9.04
CA ASN B 469 14.49 21.20 -8.06
C ASN B 469 14.68 20.50 -6.73
N LEU B 470 13.77 19.59 -6.37
CA LEU B 470 13.88 18.84 -5.13
C LEU B 470 14.88 17.70 -5.20
N GLY B 471 15.37 17.36 -6.38
CA GLY B 471 16.42 16.37 -6.52
C GLY B 471 16.01 15.11 -7.27
N LEU B 472 15.00 15.20 -8.13
CA LEU B 472 14.52 14.02 -8.86
C LEU B 472 15.65 13.35 -9.62
N SER B 473 16.44 14.13 -10.36
CA SER B 473 17.52 13.57 -11.15
C SER B 473 18.54 12.85 -10.28
N LYS B 474 18.83 13.42 -9.11
CA LYS B 474 19.64 12.70 -8.12
C LYS B 474 19.12 11.40 -7.69
N ALA B 475 17.90 11.42 -7.24
CA ALA B 475 17.21 10.22 -6.79
C ALA B 475 17.22 9.18 -7.90
N GLU B 476 16.91 9.61 -9.12
CA GLU B 476 16.91 8.73 -10.27
C GLU B 476 18.18 7.93 -10.42
N GLN B 477 19.28 8.31 -9.81
CA GLN B 477 20.26 7.28 -9.72
C GLN B 477 20.61 6.80 -8.34
N ILE B 478 20.43 7.60 -7.29
CA ILE B 478 20.58 6.96 -6.00
C ILE B 478 19.81 5.65 -6.01
N GLN B 479 18.62 5.66 -6.63
CA GLN B 479 17.88 4.43 -6.84
C GLN B 479 18.67 3.46 -7.69
N ASN B 480 19.02 3.89 -8.90
CA ASN B 480 19.73 3.02 -9.81
C ASN B 480 21.12 2.64 -9.28
N GLU B 481 21.58 3.29 -8.21
CA GLU B 481 22.78 2.89 -7.43
C GLU B 481 22.50 1.61 -6.62
N ALA B 482 21.39 1.64 -5.92
CA ALA B 482 20.91 0.45 -5.34
C ALA B 482 20.49 -0.38 -6.55
N PHE B 483 19.41 -1.10 -6.45
CA PHE B 483 19.02 -2.03 -7.48
C PHE B 483 20.12 -3.06 -7.78
N PRO C 10 50.53 -29.48 -14.38
CA PRO C 10 49.37 -30.33 -14.10
C PRO C 10 49.68 -31.41 -13.07
N LYS C 11 48.84 -31.41 -12.03
CA LYS C 11 48.86 -32.35 -10.93
C LYS C 11 47.89 -33.54 -11.15
N GLU C 12 48.46 -34.70 -11.50
CA GLU C 12 47.72 -35.90 -11.76
C GLU C 12 46.89 -36.23 -10.52
N THR C 13 45.57 -36.32 -10.71
CA THR C 13 44.60 -36.49 -9.62
C THR C 13 43.63 -37.58 -10.02
N THR C 14 43.61 -38.67 -9.26
CA THR C 14 42.70 -39.76 -9.59
C THR C 14 41.28 -39.48 -9.10
N ILE C 15 40.31 -39.97 -9.87
CA ILE C 15 38.91 -39.78 -9.56
C ILE C 15 38.15 -41.02 -10.02
N PHE C 16 37.13 -41.39 -9.26
CA PHE C 16 36.10 -42.30 -9.73
C PHE C 16 34.90 -41.44 -10.08
N ALA C 17 34.52 -41.42 -11.35
CA ALA C 17 33.42 -40.56 -11.78
C ALA C 17 32.70 -41.21 -12.95
N MET C 18 31.40 -41.43 -12.78
CA MET C 18 30.53 -41.88 -13.85
C MET C 18 29.24 -41.08 -13.79
N HIS C 19 28.58 -40.96 -14.92
CA HIS C 19 27.27 -40.31 -14.96
C HIS C 19 26.53 -40.76 -16.20
N LEU C 20 25.26 -41.13 -16.03
CA LEU C 20 24.42 -41.57 -17.14
C LEU C 20 25.10 -42.68 -17.93
N GLY C 21 25.75 -43.59 -17.22
CA GLY C 21 26.38 -44.76 -17.80
C GLY C 21 27.71 -44.54 -18.47
N LYS C 22 28.32 -43.36 -18.31
CA LYS C 22 29.56 -43.04 -18.99
C LYS C 22 30.61 -42.63 -17.97
N ALA C 23 31.75 -43.31 -17.98
CA ALA C 23 32.90 -42.85 -17.19
C ALA C 23 33.37 -41.50 -17.71
N LEU C 24 33.66 -40.59 -16.78
CA LEU C 24 34.12 -39.25 -17.14
C LEU C 24 35.37 -39.32 -18.01
N ASP C 25 35.32 -38.67 -19.17
CA ASP C 25 36.50 -38.50 -20.01
C ASP C 25 37.06 -37.10 -19.77
N PRO C 26 38.19 -36.97 -19.08
CA PRO C 26 38.73 -35.62 -18.80
C PRO C 26 39.24 -34.89 -20.04
N ASN C 27 39.25 -35.52 -21.20
CA ASN C 27 39.63 -34.85 -22.43
C ASN C 27 38.48 -34.11 -23.09
N LEU C 28 37.26 -34.22 -22.54
CA LEU C 28 36.15 -33.43 -23.01
C LEU C 28 36.47 -31.94 -22.85
N PRO C 29 35.94 -31.09 -23.74
CA PRO C 29 36.30 -29.66 -23.71
C PRO C 29 36.13 -28.99 -22.35
N VAL C 30 35.05 -29.28 -21.62
CA VAL C 30 34.82 -28.67 -20.32
C VAL C 30 35.97 -29.00 -19.37
N PHE C 31 36.46 -30.24 -19.40
CA PHE C 31 37.48 -30.63 -18.44
C PHE C 31 38.89 -30.31 -18.91
N VAL C 32 39.09 -30.13 -20.22
CA VAL C 32 40.32 -29.51 -20.69
C VAL C 32 40.45 -28.10 -20.11
N LYS C 33 39.36 -27.33 -20.19
CA LYS C 33 39.35 -25.97 -19.67
C LYS C 33 39.54 -25.95 -18.16
N ALA C 34 38.85 -26.84 -17.44
CA ALA C 34 39.01 -26.87 -15.99
C ALA C 34 40.45 -27.18 -15.59
N GLU C 35 41.09 -28.09 -16.32
CA GLU C 35 42.50 -28.40 -16.03
C GLU C 35 43.38 -27.18 -16.23
N LYS C 36 43.16 -26.43 -17.31
CA LYS C 36 43.91 -25.21 -17.55
C LYS C 36 43.70 -24.18 -16.45
N ASP C 37 42.46 -24.05 -15.96
CA ASP C 37 42.15 -23.04 -14.95
C ASP C 37 42.65 -23.43 -13.57
N THR C 38 42.70 -24.73 -13.25
CA THR C 38 42.97 -25.18 -11.90
C THR C 38 44.30 -25.92 -11.74
N ASN C 39 44.91 -26.35 -12.84
CA ASN C 39 46.12 -27.17 -12.83
C ASN C 39 45.88 -28.55 -12.23
N ILE C 40 44.63 -28.97 -12.13
CA ILE C 40 44.27 -30.32 -11.70
C ILE C 40 43.99 -31.16 -12.95
N LYS C 41 44.72 -32.25 -13.13
CA LYS C 41 44.53 -33.16 -14.26
C LYS C 41 43.87 -34.45 -13.75
N LEU C 42 42.61 -34.63 -14.09
CA LEU C 42 41.88 -35.81 -13.63
C LEU C 42 42.27 -37.05 -14.43
N VAL C 43 42.36 -38.17 -13.72
CA VAL C 43 42.58 -39.49 -14.31
C VAL C 43 41.55 -40.45 -13.70
N ASN C 44 40.66 -40.98 -14.53
CA ASN C 44 39.56 -41.78 -14.02
C ASN C 44 40.04 -43.20 -13.70
N VAL C 45 39.65 -43.70 -12.53
CA VAL C 45 39.90 -45.10 -12.19
C VAL C 45 38.79 -46.01 -12.73
N ALA C 46 37.66 -45.45 -13.15
CA ALA C 46 36.68 -46.20 -13.93
C ALA C 46 37.11 -46.23 -15.40
N SER C 47 37.10 -47.41 -16.01
CA SER C 47 37.52 -47.55 -17.39
C SER C 47 36.35 -47.33 -18.35
N GLN C 48 36.69 -47.15 -19.64
CA GLN C 48 35.69 -46.72 -20.62
C GLN C 48 34.63 -47.79 -20.90
N ASN C 49 34.88 -49.05 -20.53
CA ASN C 49 33.86 -50.08 -20.75
C ASN C 49 32.94 -50.28 -19.54
N GLN C 50 33.11 -49.51 -18.47
CA GLN C 50 32.22 -49.60 -17.32
C GLN C 50 31.03 -48.67 -17.53
N THR C 51 29.81 -49.21 -17.39
CA THR C 51 28.60 -48.43 -17.57
C THR C 51 27.59 -48.58 -16.45
N ASP C 52 27.78 -49.54 -15.54
CA ASP C 52 26.93 -49.71 -14.36
C ASP C 52 27.62 -49.00 -13.21
N GLN C 53 27.11 -47.82 -12.84
CA GLN C 53 27.80 -47.01 -11.83
C GLN C 53 27.79 -47.66 -10.47
N ILE C 54 26.70 -48.34 -10.11
CA ILE C 54 26.62 -48.96 -8.79
C ILE C 54 27.64 -50.10 -8.67
N GLN C 55 27.65 -51.00 -9.65
CA GLN C 55 28.59 -52.11 -9.58
C GLN C 55 30.03 -51.61 -9.69
N ALA C 56 30.27 -50.57 -10.48
CA ALA C 56 31.62 -50.01 -10.58
C ALA C 56 32.06 -49.39 -9.25
N TYR C 57 31.16 -48.68 -8.58
CA TYR C 57 31.50 -48.10 -7.27
C TYR C 57 31.82 -49.20 -6.27
N ASN C 58 30.98 -50.23 -6.19
CA ASN C 58 31.24 -51.30 -5.25
C ASN C 58 32.57 -51.98 -5.53
N LEU C 59 32.89 -52.20 -6.81
CA LEU C 59 34.17 -52.79 -7.16
C LEU C 59 35.32 -51.86 -6.76
N MET C 60 35.15 -50.56 -6.99
CA MET C 60 36.17 -49.58 -6.66
C MET C 60 36.56 -49.63 -5.19
N LEU C 61 35.58 -49.90 -4.31
CA LEU C 61 35.90 -49.94 -2.89
C LEU C 61 36.83 -51.11 -2.56
N THR C 62 36.78 -52.17 -3.37
CA THR C 62 37.60 -53.37 -3.17
C THR C 62 38.96 -53.32 -3.86
N GLU C 63 39.24 -52.30 -4.65
CA GLU C 63 40.38 -52.36 -5.57
C GLU C 63 41.70 -51.91 -4.94
N GLY C 64 41.68 -51.39 -3.72
CA GLY C 64 42.90 -50.89 -3.12
C GLY C 64 42.70 -49.51 -2.53
N LYS C 65 43.72 -48.66 -2.59
CA LYS C 65 43.59 -47.29 -2.12
C LYS C 65 42.51 -46.58 -2.93
N LEU C 66 41.78 -45.71 -2.25
CA LEU C 66 40.73 -45.01 -2.96
C LEU C 66 41.33 -43.91 -3.83
N PRO C 67 40.64 -43.54 -4.92
CA PRO C 67 41.11 -42.41 -5.73
C PRO C 67 41.05 -41.13 -4.91
N ASP C 68 41.76 -40.11 -5.39
CA ASP C 68 41.83 -38.83 -4.68
C ASP C 68 40.44 -38.26 -4.48
N ILE C 69 39.60 -38.30 -5.51
CA ILE C 69 38.23 -37.81 -5.46
C ILE C 69 37.30 -38.99 -5.73
N VAL C 70 36.24 -39.11 -4.93
CA VAL C 70 35.21 -40.13 -5.12
C VAL C 70 33.89 -39.42 -5.41
N SER C 71 33.36 -39.65 -6.61
CA SER C 71 32.06 -39.12 -7.03
C SER C 71 31.07 -40.27 -7.14
N TYR C 72 29.84 -40.06 -6.68
CA TYR C 72 28.86 -41.13 -6.69
C TYR C 72 27.45 -40.57 -6.66
N GLU C 73 26.54 -41.22 -7.38
CA GLU C 73 25.17 -40.73 -7.43
C GLU C 73 24.38 -41.03 -6.17
N LEU C 74 24.78 -42.02 -5.38
CA LEU C 74 24.06 -42.41 -4.16
C LEU C 74 24.72 -41.75 -2.96
N SER C 75 24.17 -40.61 -2.54
CA SER C 75 24.85 -39.80 -1.53
C SER C 75 24.89 -40.48 -0.18
N ALA C 76 23.90 -41.32 0.14
CA ALA C 76 23.90 -42.03 1.41
C ALA C 76 25.09 -42.96 1.54
N ASP C 77 25.49 -43.60 0.43
CA ASP C 77 26.68 -44.45 0.45
C ASP C 77 27.94 -43.63 0.64
N LEU C 78 28.00 -42.44 0.02
CA LEU C 78 29.15 -41.56 0.22
C LEU C 78 29.30 -41.18 1.68
N GLU C 79 28.20 -40.82 2.35
CA GLU C 79 28.28 -40.47 3.76
C GLU C 79 28.70 -41.65 4.61
N ASN C 80 28.23 -42.85 4.24
CA ASN C 80 28.68 -44.05 4.93
C ASN C 80 30.18 -44.21 4.79
N LEU C 81 30.72 -43.97 3.58
CA LEU C 81 32.16 -44.06 3.39
C LEU C 81 32.89 -43.03 4.24
N GLY C 82 32.31 -41.82 4.37
CA GLY C 82 32.92 -40.83 5.23
C GLY C 82 32.87 -41.24 6.70
N ILE C 83 31.72 -41.76 7.13
CA ILE C 83 31.61 -42.26 8.50
C ILE C 83 32.61 -43.36 8.77
N GLU C 84 32.94 -44.17 7.77
CA GLU C 84 33.92 -45.23 7.95
C GLU C 84 35.34 -44.75 7.73
N GLY C 85 35.54 -43.44 7.51
CA GLY C 85 36.86 -42.87 7.36
C GLY C 85 37.44 -42.91 5.96
N GLY C 86 36.73 -43.47 4.98
CA GLY C 86 37.24 -43.48 3.62
C GLY C 86 37.26 -42.10 2.99
N LEU C 87 36.27 -41.27 3.31
CA LEU C 87 36.25 -39.86 2.92
C LEU C 87 36.52 -39.01 4.16
N ILE C 88 37.20 -37.89 3.95
CA ILE C 88 37.59 -37.03 5.07
C ILE C 88 36.54 -35.96 5.29
N PRO C 89 36.37 -35.46 6.51
CA PRO C 89 35.49 -34.30 6.73
C PRO C 89 36.02 -33.09 5.99
N LEU C 90 35.09 -32.30 5.44
CA LEU C 90 35.47 -31.18 4.60
C LEU C 90 35.21 -29.82 5.22
N GLU C 91 34.54 -29.75 6.38
CA GLU C 91 34.04 -28.47 6.85
C GLU C 91 35.16 -27.52 7.23
N ASP C 92 36.25 -28.03 7.81
CA ASP C 92 37.38 -27.16 8.13
C ASP C 92 38.14 -26.77 6.88
N LEU C 93 38.32 -27.71 5.94
CA LEU C 93 38.91 -27.37 4.65
C LEU C 93 38.10 -26.28 3.95
N ILE C 94 36.77 -26.35 4.03
CA ILE C 94 35.94 -25.32 3.40
C ILE C 94 36.12 -23.98 4.11
N ASN C 95 36.07 -23.98 5.44
CA ASN C 95 36.18 -22.73 6.19
C ASN C 95 37.50 -22.02 5.93
N GLN C 96 38.59 -22.77 5.77
CA GLN C 96 39.90 -22.16 5.57
C GLN C 96 40.22 -21.86 4.10
N HIS C 97 39.75 -22.69 3.17
CA HIS C 97 40.28 -22.67 1.82
C HIS C 97 39.24 -22.63 0.69
N ALA C 98 37.95 -22.64 0.99
CA ALA C 98 36.91 -22.68 -0.04
C ALA C 98 35.93 -21.53 0.16
N PRO C 99 36.33 -20.30 -0.17
CA PRO C 99 35.46 -19.15 0.11
C PRO C 99 34.17 -19.15 -0.71
N ASN C 100 34.20 -19.67 -1.95
CA ASN C 100 32.98 -19.70 -2.75
C ASN C 100 31.96 -20.64 -2.13
N LEU C 101 32.39 -21.84 -1.73
CA LEU C 101 31.50 -22.78 -1.06
C LEU C 101 31.03 -22.26 0.30
N LYS C 102 31.93 -21.62 1.04
CA LYS C 102 31.56 -21.08 2.35
C LYS C 102 30.37 -20.12 2.22
N LYS C 103 30.50 -19.26 1.22
CA LYS C 103 29.50 -18.24 0.87
C LYS C 103 28.19 -18.84 0.35
N PHE C 104 28.33 -19.86 -0.48
CA PHE C 104 27.20 -20.60 -1.04
C PHE C 104 26.38 -21.24 0.08
N PHE C 105 27.05 -21.82 1.07
CA PHE C 105 26.35 -22.47 2.16
C PHE C 105 25.65 -21.45 3.05
N GLU C 106 26.24 -20.27 3.20
CA GLU C 106 25.60 -19.21 3.98
C GLU C 106 24.40 -18.65 3.25
N GLU C 107 24.50 -18.49 1.93
CA GLU C 107 23.42 -17.93 1.15
C GLU C 107 22.33 -18.95 0.91
N ASN C 108 22.63 -20.24 1.10
CA ASN C 108 21.69 -21.33 0.84
C ASN C 108 21.70 -22.31 2.01
N PRO C 109 21.06 -21.95 3.13
CA PRO C 109 21.07 -22.84 4.30
C PRO C 109 20.42 -24.18 4.04
N ARG C 110 19.38 -24.21 3.21
CA ARG C 110 18.73 -25.47 2.87
C ARG C 110 19.70 -26.40 2.16
N TYR C 111 20.54 -25.85 1.28
CA TYR C 111 21.52 -26.68 0.59
C TYR C 111 22.62 -27.15 1.53
N LYS C 112 23.02 -26.30 2.49
CA LYS C 112 24.01 -26.74 3.47
C LYS C 112 23.50 -27.95 4.24
N LYS C 113 22.19 -28.02 4.47
CA LYS C 113 21.60 -29.16 5.16
C LYS C 113 21.87 -30.46 4.42
N ASP C 114 21.82 -30.42 3.09
CA ASP C 114 22.10 -31.61 2.30
C ASP C 114 23.53 -32.08 2.47
N ALA C 115 24.44 -31.18 2.82
CA ALA C 115 25.86 -31.49 2.83
C ALA C 115 26.35 -31.99 4.19
N VAL C 116 25.55 -31.85 5.24
CA VAL C 116 25.97 -32.19 6.60
C VAL C 116 25.47 -33.59 6.94
N ALA C 117 26.42 -34.46 7.29
CA ALA C 117 26.09 -35.83 7.66
C ALA C 117 25.47 -35.86 9.05
N VAL C 118 25.00 -37.05 9.42
CA VAL C 118 24.31 -37.22 10.70
C VAL C 118 25.22 -36.85 11.86
N ASP C 119 26.52 -37.11 11.74
CA ASP C 119 27.49 -36.84 12.80
C ASP C 119 28.00 -35.40 12.81
N GLY C 120 27.42 -34.52 11.99
CA GLY C 120 27.83 -33.13 11.96
C GLY C 120 28.93 -32.79 10.97
N HIS C 121 29.58 -33.79 10.37
CA HIS C 121 30.64 -33.57 9.40
C HIS C 121 30.08 -33.42 8.00
N ILE C 122 30.85 -32.74 7.14
CA ILE C 122 30.60 -32.68 5.71
C ILE C 122 31.56 -33.65 5.02
N TYR C 123 31.01 -34.70 4.39
CA TYR C 123 31.84 -35.66 3.67
C TYR C 123 31.79 -35.49 2.15
N MET C 124 30.88 -34.68 1.64
CA MET C 124 30.70 -34.55 0.21
C MET C 124 30.08 -33.19 -0.09
N ILE C 125 30.42 -32.66 -1.27
CA ILE C 125 29.71 -31.54 -1.85
C ILE C 125 28.66 -32.11 -2.80
N PRO C 126 27.37 -31.92 -2.54
CA PRO C 126 26.35 -32.45 -3.45
C PRO C 126 26.37 -31.76 -4.81
N ASN C 127 25.79 -32.45 -5.79
CA ASN C 127 25.52 -31.81 -7.08
C ASN C 127 24.12 -31.22 -6.99
N TYR C 128 24.05 -29.91 -6.84
CA TYR C 128 22.78 -29.25 -6.55
C TYR C 128 22.03 -28.93 -7.84
N TYR C 129 20.74 -29.23 -7.86
CA TYR C 129 19.87 -28.58 -8.84
C TYR C 129 19.66 -27.13 -8.44
N ASP C 130 19.16 -26.33 -9.39
CA ASP C 130 18.77 -24.95 -9.07
C ASP C 130 17.32 -24.94 -8.60
N TYR C 131 17.12 -25.60 -7.46
CA TYR C 131 15.78 -25.99 -7.02
C TYR C 131 14.87 -24.79 -6.82
N PHE C 132 15.40 -23.69 -6.28
CA PHE C 132 14.55 -22.56 -5.98
C PHE C 132 14.27 -21.68 -7.19
N ASN C 133 14.72 -22.09 -8.37
CA ASN C 133 14.34 -21.46 -9.62
C ASN C 133 13.53 -22.37 -10.54
N ILE C 134 13.86 -23.67 -10.58
CA ILE C 134 13.04 -24.67 -11.25
C ILE C 134 13.01 -25.91 -10.36
N LYS C 135 11.82 -26.27 -9.87
CA LYS C 135 11.70 -27.42 -9.00
C LYS C 135 10.83 -28.54 -9.56
N VAL C 136 10.21 -28.34 -10.73
CA VAL C 136 9.52 -29.45 -11.38
C VAL C 136 10.55 -30.28 -12.14
N SER C 137 10.18 -31.53 -12.42
CA SER C 137 11.09 -32.39 -13.18
C SER C 137 10.34 -33.01 -14.36
N GLN C 138 9.72 -34.17 -14.15
CA GLN C 138 9.05 -34.86 -15.22
C GLN C 138 7.60 -34.44 -15.33
N GLY C 139 7.07 -34.52 -16.54
CA GLY C 139 5.66 -34.29 -16.79
C GLY C 139 5.14 -35.28 -17.81
N TYR C 140 3.83 -35.27 -17.99
CA TYR C 140 3.15 -36.19 -18.90
C TYR C 140 2.92 -35.52 -20.25
N PHE C 141 3.27 -36.23 -21.32
CA PHE C 141 3.17 -35.72 -22.68
C PHE C 141 2.35 -36.68 -23.53
N ILE C 142 1.64 -36.14 -24.51
CA ILE C 142 0.85 -36.96 -25.42
C ILE C 142 0.88 -36.34 -26.81
N ARG C 143 0.80 -37.21 -27.82
CA ARG C 143 0.84 -36.80 -29.23
C ARG C 143 -0.50 -36.19 -29.59
N GLN C 144 -0.57 -34.89 -29.38
CA GLN C 144 -1.75 -34.13 -29.71
C GLN C 144 -2.17 -34.28 -31.20
N ASP C 145 -1.19 -34.31 -32.10
CA ASP C 145 -1.55 -34.48 -33.50
C ASP C 145 -2.17 -35.85 -33.76
N TRP C 146 -1.83 -36.85 -32.94
CA TRP C 146 -2.48 -38.15 -33.06
C TRP C 146 -3.90 -38.12 -32.50
N LEU C 147 -4.12 -37.39 -31.40
CA LEU C 147 -5.48 -37.19 -30.89
C LEU C 147 -6.36 -36.58 -31.97
N GLU C 148 -5.88 -35.53 -32.63
CA GLU C 148 -6.64 -34.84 -33.66
C GLU C 148 -6.92 -35.77 -34.85
N LYS C 149 -5.92 -36.52 -35.30
CA LYS C 149 -6.12 -37.41 -36.44
C LYS C 149 -7.17 -38.48 -36.15
N LEU C 150 -7.25 -38.95 -34.91
CA LEU C 150 -8.18 -39.99 -34.51
C LEU C 150 -9.49 -39.45 -33.96
N GLY C 151 -9.66 -38.13 -33.90
CA GLY C 151 -10.90 -37.54 -33.41
C GLY C 151 -11.12 -37.72 -31.93
N LEU C 152 -10.05 -37.75 -31.14
CA LEU C 152 -10.13 -38.02 -29.72
C LEU C 152 -9.79 -36.77 -28.92
N LYS C 153 -10.44 -36.63 -27.77
CA LYS C 153 -10.11 -35.55 -26.85
C LYS C 153 -8.92 -35.96 -26.01
N GLU C 154 -8.31 -34.98 -25.39
CA GLU C 154 -7.22 -35.23 -24.46
C GLU C 154 -7.73 -36.06 -23.28
N PRO C 155 -7.16 -37.23 -23.01
CA PRO C 155 -7.61 -38.01 -21.85
C PRO C 155 -7.23 -37.31 -20.55
N ARG C 156 -8.13 -37.38 -19.57
CA ARG C 156 -7.90 -36.73 -18.29
C ARG C 156 -7.81 -37.70 -17.12
N THR C 157 -8.25 -38.93 -17.28
CA THR C 157 -8.12 -39.92 -16.22
C THR C 157 -7.26 -41.07 -16.71
N VAL C 158 -6.82 -41.89 -15.76
CA VAL C 158 -6.04 -43.08 -16.09
C VAL C 158 -6.84 -44.01 -17.01
N ASP C 159 -8.15 -44.15 -16.75
CA ASP C 159 -8.98 -44.99 -17.60
C ASP C 159 -9.07 -44.42 -19.01
N GLU C 160 -9.17 -43.11 -19.13
CA GLU C 160 -9.20 -42.50 -20.46
C GLU C 160 -7.85 -42.62 -21.15
N LEU C 161 -6.76 -42.54 -20.39
CA LEU C 161 -5.46 -42.78 -20.99
C LEU C 161 -5.38 -44.20 -21.55
N TYR C 162 -5.84 -45.19 -20.78
CA TYR C 162 -5.88 -46.57 -21.26
C TYR C 162 -6.61 -46.66 -22.59
N THR C 163 -7.83 -46.11 -22.67
CA THR C 163 -8.60 -46.15 -23.90
C THR C 163 -7.89 -45.42 -25.03
N THR C 164 -7.24 -44.30 -24.70
CA THR C 164 -6.52 -43.54 -25.72
C THR C 164 -5.32 -44.31 -26.25
N LEU C 165 -4.54 -44.93 -25.36
CA LEU C 165 -3.40 -45.72 -25.81
C LEU C 165 -3.84 -46.91 -26.66
N LYS C 166 -4.97 -47.53 -26.30
CA LYS C 166 -5.47 -48.62 -27.14
C LYS C 166 -5.80 -48.11 -28.53
N ALA C 167 -6.35 -46.89 -28.63
CA ALA C 167 -6.61 -46.33 -29.95
C ALA C 167 -5.31 -46.06 -30.70
N PHE C 168 -4.29 -45.55 -30.01
CA PHE C 168 -2.99 -45.33 -30.66
C PHE C 168 -2.44 -46.64 -31.21
N ARG C 169 -2.64 -47.74 -30.49
CA ARG C 169 -2.07 -49.02 -30.89
C ARG C 169 -2.83 -49.64 -32.06
N GLU C 170 -4.15 -49.48 -32.08
CA GLU C 170 -4.99 -50.24 -33.00
C GLU C 170 -5.43 -49.46 -34.24
N LYS C 171 -5.35 -48.13 -34.22
CA LYS C 171 -5.97 -47.30 -35.24
C LYS C 171 -4.95 -46.59 -36.14
N ASP C 172 -3.70 -47.02 -36.13
CA ASP C 172 -2.70 -46.57 -37.09
C ASP C 172 -2.58 -45.06 -37.22
N PRO C 173 -2.34 -44.34 -36.11
CA PRO C 173 -2.26 -42.86 -36.21
C PRO C 173 -1.13 -42.34 -37.07
N ASN C 174 -0.02 -43.08 -37.26
CA ASN C 174 1.02 -42.56 -38.14
C ASN C 174 0.77 -42.92 -39.61
N GLY C 175 -0.29 -43.64 -39.91
CA GLY C 175 -0.84 -43.76 -41.24
C GLY C 175 -0.14 -44.68 -42.21
N ASN C 176 0.77 -45.53 -41.74
CA ASN C 176 1.55 -46.37 -42.64
C ASN C 176 0.95 -47.76 -42.81
N GLY C 177 -0.27 -47.98 -42.33
CA GLY C 177 -0.85 -49.29 -42.46
C GLY C 177 -0.15 -50.37 -41.69
N LYS C 178 0.73 -50.01 -40.77
CA LYS C 178 1.47 -50.97 -39.95
C LYS C 178 1.04 -50.82 -38.50
N LYS C 179 0.95 -51.94 -37.81
CA LYS C 179 0.69 -51.92 -36.36
C LYS C 179 2.04 -51.80 -35.65
N ASP C 180 2.64 -50.63 -35.82
CA ASP C 180 3.98 -50.36 -35.31
C ASP C 180 3.99 -49.34 -34.18
N GLU C 181 2.84 -48.79 -33.82
CA GLU C 181 2.78 -47.73 -32.83
C GLU C 181 3.21 -48.22 -31.44
N VAL C 182 3.98 -47.38 -30.75
CA VAL C 182 4.34 -47.62 -29.36
C VAL C 182 3.63 -46.57 -28.53
N PRO C 183 2.46 -46.87 -27.98
CA PRO C 183 1.62 -45.79 -27.41
C PRO C 183 2.27 -45.05 -26.24
N PHE C 184 2.82 -45.77 -25.28
CA PHE C 184 3.45 -45.16 -24.11
C PHE C 184 4.85 -45.72 -23.95
N PHE C 185 5.82 -44.82 -23.77
CA PHE C 185 7.22 -45.21 -23.63
C PHE C 185 7.83 -44.36 -22.53
N VAL C 186 9.01 -44.76 -22.06
CA VAL C 186 9.76 -44.04 -21.04
C VAL C 186 11.22 -43.98 -21.47
N ARG C 187 12.05 -43.36 -20.63
CA ARG C 187 13.47 -43.18 -20.92
C ARG C 187 14.26 -43.40 -19.64
N ALA C 188 15.20 -44.34 -19.66
CA ALA C 188 15.84 -44.80 -18.44
C ALA C 188 17.11 -45.57 -18.77
N ASN C 189 18.02 -45.64 -17.79
CA ASN C 189 19.18 -46.52 -17.93
C ASN C 189 19.32 -47.48 -16.75
N ASN C 190 18.28 -47.64 -15.93
CA ASN C 190 18.23 -48.72 -14.96
C ASN C 190 16.77 -49.02 -14.64
N VAL C 191 16.55 -50.11 -13.90
CA VAL C 191 15.18 -50.58 -13.65
C VAL C 191 14.43 -49.59 -12.78
N ARG C 192 15.10 -49.00 -11.79
CA ARG C 192 14.42 -48.03 -10.93
C ARG C 192 13.86 -46.87 -11.75
N LYS C 193 14.62 -46.37 -12.72
CA LYS C 193 14.14 -45.26 -13.53
C LYS C 193 13.00 -45.66 -14.45
N VAL C 194 12.99 -46.91 -14.94
CA VAL C 194 11.84 -47.39 -15.71
C VAL C 194 10.58 -47.39 -14.84
N LEU C 195 10.68 -48.00 -13.66
CA LEU C 195 9.52 -48.05 -12.77
C LEU C 195 9.07 -46.65 -12.39
N THR C 196 10.02 -45.73 -12.15
CA THR C 196 9.70 -44.38 -11.74
C THR C 196 8.74 -43.71 -12.72
N SER C 197 8.96 -43.92 -14.01
CA SER C 197 8.16 -43.25 -15.04
C SER C 197 6.96 -44.07 -15.48
N LEU C 198 6.73 -45.23 -14.88
CA LEU C 198 5.57 -46.05 -15.17
C LEU C 198 4.57 -46.11 -14.02
N VAL C 199 5.02 -46.15 -12.77
CA VAL C 199 4.07 -46.37 -11.68
C VAL C 199 3.47 -45.07 -11.15
N ASP C 200 4.04 -43.92 -11.48
CA ASP C 200 3.46 -42.66 -11.01
C ASP C 200 2.10 -42.41 -11.65
N LEU C 201 1.89 -42.91 -12.87
CA LEU C 201 0.57 -42.88 -13.51
C LEU C 201 -0.52 -43.33 -12.55
N PHE C 202 -0.25 -44.37 -11.78
CA PHE C 202 -1.25 -45.01 -10.93
C PHE C 202 -1.12 -44.55 -9.48
N LYS C 203 -0.45 -43.42 -9.25
CA LYS C 203 -0.30 -42.81 -7.92
C LYS C 203 0.45 -43.74 -6.96
N ALA C 204 1.35 -44.56 -7.49
CA ALA C 204 2.25 -45.38 -6.69
C ALA C 204 3.64 -44.79 -6.71
N SER C 205 4.51 -45.35 -5.88
CA SER C 205 5.90 -44.91 -5.80
C SER C 205 6.81 -46.13 -5.75
N PRO C 206 7.94 -46.11 -6.45
CA PRO C 206 8.93 -47.19 -6.34
C PRO C 206 9.92 -47.02 -5.20
N ILE C 207 9.80 -45.94 -4.41
CA ILE C 207 10.77 -45.66 -3.35
C ILE C 207 10.02 -45.30 -2.07
N TRP C 208 10.74 -44.74 -1.10
CA TRP C 208 10.11 -44.30 0.14
C TRP C 208 9.41 -42.96 -0.08
N TYR C 209 8.32 -42.75 0.65
CA TYR C 209 7.55 -41.52 0.54
C TYR C 209 6.85 -41.25 1.87
N GLU C 210 6.40 -40.02 2.03
CA GLU C 210 5.69 -39.56 3.22
C GLU C 210 4.25 -39.20 2.86
N GLU C 211 3.32 -39.47 3.77
CA GLU C 211 1.95 -39.02 3.58
C GLU C 211 1.19 -39.04 4.90
N ASN C 212 0.30 -38.06 5.08
CA ASN C 212 -0.43 -37.84 6.32
C ASN C 212 0.50 -38.09 7.51
N GLY C 213 1.74 -37.63 7.39
CA GLY C 213 2.74 -37.68 8.45
C GLY C 213 3.64 -38.91 8.50
N MET C 214 3.34 -40.01 7.79
CA MET C 214 4.09 -41.25 7.97
C MET C 214 4.92 -41.61 6.72
N VAL C 215 6.08 -42.22 6.96
CA VAL C 215 7.02 -42.62 5.92
C VAL C 215 6.87 -44.11 5.61
N LYS C 216 6.59 -44.43 4.34
CA LYS C 216 6.29 -45.79 3.92
C LYS C 216 7.11 -46.17 2.71
N TYR C 217 7.23 -47.48 2.48
CA TYR C 217 7.98 -48.01 1.35
C TYR C 217 6.98 -48.27 0.21
N GLY C 218 7.08 -47.46 -0.84
CA GLY C 218 6.19 -47.55 -1.98
C GLY C 218 5.92 -48.94 -2.53
N PRO C 219 6.98 -49.74 -2.79
CA PRO C 219 6.77 -51.06 -3.40
C PRO C 219 6.00 -52.05 -2.54
N ALA C 220 5.75 -51.75 -1.25
CA ALA C 220 4.99 -52.64 -0.39
C ALA C 220 3.53 -52.22 -0.25
N GLN C 221 3.10 -51.20 -0.99
CA GLN C 221 1.75 -50.67 -0.89
C GLN C 221 0.85 -51.30 -1.94
N LYS C 222 -0.44 -51.41 -1.60
N LYS C 222 -0.45 -51.40 -1.61
CA LYS C 222 -1.40 -51.95 -2.57
CA LYS C 222 -1.40 -51.94 -2.57
C LYS C 222 -1.52 -51.07 -3.81
C LYS C 222 -1.51 -51.07 -3.81
N GLU C 223 -1.20 -49.77 -3.68
CA GLU C 223 -1.19 -48.90 -4.86
C GLU C 223 -0.12 -49.34 -5.85
N PHE C 224 0.99 -49.86 -5.33
CA PHE C 224 2.04 -50.40 -6.19
C PHE C 224 1.59 -51.72 -6.82
N LYS C 225 0.91 -52.57 -6.04
CA LYS C 225 0.37 -53.80 -6.61
C LYS C 225 -0.56 -53.50 -7.76
N HIS C 226 -1.45 -52.52 -7.59
CA HIS C 226 -2.37 -52.15 -8.67
C HIS C 226 -1.60 -51.59 -9.87
N ALA C 227 -0.61 -50.75 -9.61
CA ALA C 227 0.17 -50.19 -10.72
C ALA C 227 0.82 -51.29 -11.54
N ILE C 228 1.48 -52.23 -10.88
CA ILE C 228 2.15 -53.32 -11.59
C ILE C 228 1.13 -54.17 -12.34
N LYS C 229 -0.01 -54.45 -11.69
CA LYS C 229 -1.05 -55.24 -12.33
C LYS C 229 -1.58 -54.55 -13.59
N GLU C 230 -1.84 -53.25 -13.51
CA GLU C 230 -2.29 -52.52 -14.69
C GLU C 230 -1.21 -52.51 -15.77
N LEU C 231 0.05 -52.26 -15.37
CA LEU C 231 1.15 -52.24 -16.33
C LEU C 231 1.34 -53.60 -16.99
N SER C 232 1.13 -54.68 -16.24
CA SER C 232 1.19 -56.01 -16.84
C SER C 232 0.13 -56.17 -17.92
N LYS C 233 -1.08 -55.67 -17.65
CA LYS C 233 -2.15 -55.75 -18.64
C LYS C 233 -1.84 -54.87 -19.85
N TRP C 234 -1.40 -53.63 -19.60
CA TRP C 234 -1.06 -52.73 -20.70
C TRP C 234 0.12 -53.27 -21.50
N TYR C 235 1.07 -53.95 -20.85
CA TYR C 235 2.18 -54.55 -21.57
C TYR C 235 1.69 -55.63 -22.53
N LYS C 236 0.85 -56.54 -22.04
CA LYS C 236 0.33 -57.62 -22.89
C LYS C 236 -0.43 -57.09 -24.09
N GLU C 237 -1.12 -55.96 -23.93
CA GLU C 237 -1.93 -55.39 -25.00
C GLU C 237 -1.16 -54.46 -25.91
N GLY C 238 0.17 -54.38 -25.75
CA GLY C 238 0.98 -53.56 -26.63
C GLY C 238 0.85 -52.08 -26.41
N LEU C 239 0.38 -51.66 -25.23
CA LEU C 239 0.15 -50.25 -24.96
C LEU C 239 1.36 -49.56 -24.36
N ILE C 240 2.22 -50.29 -23.65
CA ILE C 240 3.50 -49.74 -23.23
C ILE C 240 4.60 -50.47 -23.99
N ASP C 241 5.67 -49.73 -24.29
CA ASP C 241 6.84 -50.22 -25.02
C ASP C 241 7.26 -51.60 -24.56
N GLU C 242 7.30 -52.57 -25.48
CA GLU C 242 7.75 -53.91 -25.14
C GLU C 242 9.18 -53.89 -24.60
N GLU C 243 9.97 -52.90 -25.00
CA GLU C 243 11.36 -52.77 -24.58
C GLU C 243 11.54 -51.79 -23.42
N ILE C 244 10.51 -51.59 -22.59
CA ILE C 244 10.61 -50.62 -21.50
C ILE C 244 11.88 -50.83 -20.68
N PHE C 245 12.22 -52.09 -20.38
CA PHE C 245 13.34 -52.34 -19.49
C PHE C 245 14.69 -52.42 -20.20
N THR C 246 14.72 -52.49 -21.54
CA THR C 246 15.99 -52.67 -22.24
C THR C 246 16.34 -51.57 -23.24
N ARG C 247 15.39 -50.72 -23.64
CA ARG C 247 15.67 -49.81 -24.75
C ARG C 247 16.73 -48.78 -24.40
N GLY C 248 16.83 -48.37 -23.14
CA GLY C 248 17.90 -47.48 -22.74
C GLY C 248 17.60 -46.01 -23.02
N LEU C 249 18.65 -45.20 -22.87
CA LEU C 249 18.47 -43.75 -22.91
C LEU C 249 18.18 -43.20 -24.30
N GLU C 250 18.36 -44.01 -25.35
CA GLU C 250 18.00 -43.57 -26.70
C GLU C 250 16.52 -43.76 -27.00
N SER C 251 15.73 -44.26 -26.04
CA SER C 251 14.36 -44.65 -26.29
C SER C 251 13.55 -43.51 -26.90
N ARG C 252 13.56 -42.35 -26.24
CA ARG C 252 12.73 -41.22 -26.66
C ARG C 252 13.14 -40.73 -28.05
N ASP C 253 14.43 -40.51 -28.27
CA ASP C 253 14.91 -40.03 -29.57
CA ASP C 253 14.85 -40.01 -29.57
C ASP C 253 14.51 -40.99 -30.68
N TYR C 254 14.66 -42.29 -30.44
CA TYR C 254 14.33 -43.26 -31.47
C TYR C 254 12.82 -43.31 -31.73
N LEU C 255 12.02 -43.42 -30.68
CA LEU C 255 10.59 -43.62 -30.86
C LEU C 255 9.91 -42.37 -31.39
N LEU C 256 10.40 -41.18 -31.02
CA LEU C 256 9.80 -39.96 -31.53
C LEU C 256 10.24 -39.67 -32.97
N SER C 257 11.53 -39.82 -33.26
CA SER C 257 12.01 -39.43 -34.60
C SER C 257 11.56 -40.40 -35.69
N ASN C 258 11.19 -41.63 -35.34
CA ASN C 258 10.62 -42.57 -36.29
C ASN C 258 9.10 -42.58 -36.28
N ASN C 259 8.49 -41.63 -35.57
CA ASN C 259 7.03 -41.45 -35.53
C ASN C 259 6.34 -42.70 -34.98
N LEU C 260 6.90 -43.28 -33.93
CA LEU C 260 6.33 -44.45 -33.28
C LEU C 260 5.71 -44.16 -31.92
N GLY C 261 6.21 -43.17 -31.19
CA GLY C 261 5.80 -42.95 -29.80
C GLY C 261 4.62 -42.00 -29.66
N GLY C 262 3.68 -42.38 -28.79
CA GLY C 262 2.46 -41.62 -28.63
C GLY C 262 2.33 -40.82 -27.35
N ALA C 263 3.09 -41.19 -26.31
CA ALA C 263 2.94 -40.55 -25.00
C ALA C 263 4.09 -40.98 -24.11
N THR C 264 4.44 -40.14 -23.15
CA THR C 264 5.55 -40.48 -22.26
C THR C 264 5.40 -39.72 -20.95
N ASP C 265 6.33 -40.01 -20.04
CA ASP C 265 6.46 -39.34 -18.75
C ASP C 265 7.95 -39.06 -18.61
N ASP C 266 8.34 -37.81 -18.76
CA ASP C 266 9.76 -37.50 -18.92
C ASP C 266 10.00 -36.02 -18.59
N TRP C 267 11.28 -35.68 -18.49
CA TRP C 267 11.68 -34.32 -18.12
C TRP C 267 11.09 -33.29 -19.08
N ILE C 268 10.61 -32.18 -18.53
CA ILE C 268 9.75 -31.28 -19.29
C ILE C 268 10.54 -30.55 -20.37
N ALA C 269 11.70 -30.00 -20.03
CA ALA C 269 12.42 -29.17 -21.00
C ALA C 269 12.92 -30.00 -22.18
N SER C 270 13.61 -31.12 -21.90
CA SER C 270 14.17 -31.91 -22.99
C SER C 270 13.07 -32.58 -23.82
N THR C 271 11.98 -33.02 -23.18
CA THR C 271 10.90 -33.64 -23.96
C THR C 271 10.18 -32.60 -24.82
N SER C 272 10.08 -31.36 -24.32
CA SER C 272 9.48 -30.29 -25.11
C SER C 272 10.32 -29.88 -26.30
N SER C 273 11.59 -30.29 -26.34
N SER C 273 11.58 -30.29 -26.37
CA SER C 273 12.49 -29.94 -27.44
CA SER C 273 12.41 -29.86 -27.48
C SER C 273 12.09 -30.57 -28.75
C SER C 273 12.07 -30.56 -28.78
N TYR C 274 11.32 -31.66 -28.73
CA TYR C 274 11.12 -32.45 -29.93
C TYR C 274 10.17 -31.79 -30.91
N ASN C 275 9.25 -30.95 -30.42
CA ASN C 275 8.33 -30.28 -31.34
C ASN C 275 9.10 -29.48 -32.38
N ARG C 276 10.07 -28.68 -31.95
CA ARG C 276 10.87 -27.95 -32.91
C ARG C 276 11.82 -28.87 -33.67
N ASN C 277 12.45 -29.81 -32.96
CA ASN C 277 13.41 -30.72 -33.57
C ASN C 277 12.82 -31.47 -34.76
N LEU C 278 11.57 -31.91 -34.65
CA LEU C 278 10.97 -32.81 -35.63
C LEU C 278 9.92 -32.12 -36.51
N ALA C 279 9.83 -30.79 -36.48
CA ALA C 279 8.74 -30.10 -37.16
C ALA C 279 8.72 -30.40 -38.66
N ASP C 280 9.89 -30.44 -39.29
CA ASP C 280 9.96 -30.69 -40.72
C ASP C 280 9.97 -32.19 -41.04
N LYS C 281 10.53 -33.01 -40.16
CA LYS C 281 10.66 -34.42 -40.45
C LYS C 281 9.37 -35.18 -40.22
N ILE C 282 8.55 -34.73 -39.27
CA ILE C 282 7.20 -35.27 -39.10
C ILE C 282 6.24 -34.07 -39.10
N PRO C 283 5.75 -33.63 -40.26
CA PRO C 283 4.89 -32.45 -40.28
C PRO C 283 3.66 -32.64 -39.39
N GLY C 284 3.39 -31.63 -38.56
CA GLY C 284 2.29 -31.67 -37.63
C GLY C 284 2.63 -32.25 -36.28
N PHE C 285 3.83 -32.81 -36.11
CA PHE C 285 4.25 -33.39 -34.83
C PHE C 285 3.98 -32.42 -33.68
N ASN C 286 3.27 -32.91 -32.66
CA ASN C 286 2.89 -32.06 -31.52
C ASN C 286 2.82 -32.94 -30.27
N LEU C 287 3.95 -33.03 -29.57
CA LEU C 287 4.03 -33.75 -28.29
C LEU C 287 3.81 -32.72 -27.18
N LYS C 288 2.66 -32.81 -26.51
CA LYS C 288 2.15 -31.72 -25.69
C LYS C 288 2.08 -32.13 -24.21
N LEU C 289 2.50 -31.22 -23.35
CA LEU C 289 2.42 -31.44 -21.90
C LEU C 289 0.98 -31.35 -21.43
N VAL C 290 0.57 -32.31 -20.59
CA VAL C 290 -0.73 -32.30 -19.94
C VAL C 290 -0.50 -32.47 -18.45
N LEU C 291 -1.50 -32.08 -17.66
CA LEU C 291 -1.44 -32.30 -16.23
C LEU C 291 -1.51 -33.80 -15.94
N PRO C 292 -0.94 -34.24 -14.82
CA PRO C 292 -1.03 -35.67 -14.47
C PRO C 292 -2.47 -36.17 -14.55
N TYR C 293 -2.64 -37.36 -15.10
CA TYR C 293 -3.98 -37.92 -15.25
C TYR C 293 -4.57 -38.21 -13.88
N GLU C 294 -5.87 -37.99 -13.74
N GLU C 294 -5.87 -37.97 -13.72
CA GLU C 294 -6.56 -38.23 -12.47
CA GLU C 294 -6.51 -38.19 -12.43
C GLU C 294 -6.85 -39.70 -12.27
C GLU C 294 -6.86 -39.66 -12.26
N LEU C 295 -6.73 -40.14 -11.03
CA LEU C 295 -7.18 -41.46 -10.62
C LEU C 295 -8.08 -41.26 -9.42
N ASN C 296 -9.40 -41.41 -9.61
CA ASN C 296 -10.36 -41.27 -8.52
C ASN C 296 -10.17 -39.97 -7.77
N GLY C 297 -10.03 -38.88 -8.53
CA GLY C 297 -9.89 -37.55 -7.96
C GLY C 297 -8.49 -37.16 -7.55
N ASN C 298 -7.54 -38.09 -7.58
CA ASN C 298 -6.14 -37.79 -7.25
C ASN C 298 -5.46 -37.25 -8.49
N ALA C 299 -5.06 -35.98 -8.44
CA ALA C 299 -4.47 -35.29 -9.59
C ALA C 299 -2.98 -35.03 -9.41
N LYS C 300 -2.34 -35.61 -8.40
CA LYS C 300 -0.97 -35.27 -8.05
C LYS C 300 0.02 -36.18 -8.77
N THR C 301 1.24 -35.65 -8.97
CA THR C 301 2.38 -36.45 -9.35
C THR C 301 3.44 -36.36 -8.27
N ARG C 302 4.19 -37.45 -8.07
CA ARG C 302 5.32 -37.42 -7.17
C ARG C 302 6.63 -37.09 -7.89
N HIS C 303 6.57 -36.75 -9.18
CA HIS C 303 7.74 -36.27 -9.90
C HIS C 303 8.05 -34.85 -9.46
N ALA C 304 9.20 -34.68 -8.81
CA ALA C 304 9.67 -33.35 -8.44
C ALA C 304 11.18 -33.38 -8.49
N ARG C 305 11.77 -32.24 -8.80
CA ARG C 305 13.21 -32.13 -8.71
C ARG C 305 13.61 -32.20 -7.24
N THR C 306 14.69 -32.94 -6.96
CA THR C 306 15.27 -32.87 -5.63
C THR C 306 16.17 -31.64 -5.53
N THR C 307 16.61 -31.32 -4.33
CA THR C 307 17.55 -30.22 -4.19
C THR C 307 18.92 -30.59 -4.73
N TYR C 308 19.23 -31.88 -4.75
CA TYR C 308 20.53 -32.31 -5.24
C TYR C 308 20.44 -33.76 -5.69
N LEU C 309 21.50 -34.19 -6.39
CA LEU C 309 21.64 -35.58 -6.81
C LEU C 309 23.10 -35.95 -6.71
N GLY C 310 23.42 -36.91 -5.84
CA GLY C 310 24.79 -37.36 -5.71
C GLY C 310 25.71 -36.29 -5.17
N GLY C 311 27.01 -36.55 -5.32
CA GLY C 311 28.03 -35.61 -4.87
C GLY C 311 29.42 -36.19 -5.03
N TRP C 312 30.41 -35.46 -4.53
CA TRP C 312 31.77 -36.00 -4.50
C TRP C 312 32.49 -35.55 -3.24
N GLY C 313 33.48 -36.36 -2.84
CA GLY C 313 34.29 -36.08 -1.67
C GLY C 313 35.75 -36.39 -1.92
N ILE C 314 36.56 -36.16 -0.90
CA ILE C 314 38.00 -36.36 -0.93
C ILE C 314 38.35 -37.55 -0.07
N SER C 315 39.11 -38.49 -0.61
CA SER C 315 39.38 -39.70 0.15
C SER C 315 40.53 -39.51 1.13
N LYS C 316 40.60 -40.43 2.10
CA LYS C 316 41.73 -40.45 3.04
C LYS C 316 43.06 -40.67 2.35
N ASP C 317 43.04 -41.21 1.13
CA ASP C 317 44.27 -41.52 0.41
C ASP C 317 44.77 -40.36 -0.43
N ALA C 318 43.99 -39.29 -0.55
CA ALA C 318 44.44 -38.11 -1.26
C ALA C 318 45.58 -37.45 -0.48
N LYS C 319 46.67 -37.16 -1.17
CA LYS C 319 47.83 -36.64 -0.47
C LYS C 319 47.79 -35.14 -0.26
N ASP C 320 46.97 -34.42 -1.04
CA ASP C 320 46.89 -32.96 -0.95
C ASP C 320 45.42 -32.55 -0.87
N PRO C 321 44.77 -32.74 0.28
CA PRO C 321 43.35 -32.36 0.37
C PRO C 321 43.11 -30.87 0.26
N VAL C 322 44.08 -30.03 0.66
CA VAL C 322 43.87 -28.59 0.54
C VAL C 322 43.76 -28.19 -0.94
N SER C 323 44.63 -28.75 -1.79
CA SER C 323 44.52 -28.48 -3.21
C SER C 323 43.19 -28.96 -3.77
N LEU C 324 42.67 -30.07 -3.25
CA LEU C 324 41.44 -30.62 -3.80
C LEU C 324 40.21 -29.85 -3.35
N ILE C 325 40.21 -29.30 -2.12
CA ILE C 325 39.07 -28.47 -1.73
C ILE C 325 39.05 -27.18 -2.55
N LYS C 326 40.23 -26.68 -2.94
CA LYS C 326 40.27 -25.53 -3.84
C LYS C 326 39.73 -25.90 -5.21
N TYR C 327 39.95 -27.15 -5.64
CA TYR C 327 39.39 -27.63 -6.89
C TYR C 327 37.86 -27.69 -6.80
N PHE C 328 37.34 -28.25 -5.70
CA PHE C 328 35.89 -28.22 -5.48
C PHE C 328 35.37 -26.79 -5.53
N ASP C 329 36.12 -25.85 -4.93
CA ASP C 329 35.64 -24.47 -4.85
C ASP C 329 35.65 -23.77 -6.21
N TYR C 330 36.54 -24.18 -7.11
CA TYR C 330 36.58 -23.60 -8.45
C TYR C 330 35.24 -23.72 -9.14
N TRP C 331 34.54 -24.84 -8.95
CA TRP C 331 33.26 -25.04 -9.61
C TRP C 331 32.18 -24.13 -9.05
N TYR C 332 32.44 -23.45 -7.93
CA TYR C 332 31.50 -22.50 -7.36
C TYR C 332 31.91 -21.05 -7.61
N SER C 333 33.02 -20.84 -8.32
CA SER C 333 33.33 -19.51 -8.83
C SER C 333 32.38 -19.15 -9.97
N VAL C 334 32.32 -17.86 -10.29
CA VAL C 334 31.46 -17.42 -11.39
C VAL C 334 31.85 -18.14 -12.68
N GLU C 335 33.15 -18.22 -12.97
CA GLU C 335 33.61 -18.86 -14.20
C GLU C 335 33.43 -20.37 -14.16
N GLY C 336 33.76 -20.99 -13.03
CA GLY C 336 33.68 -22.44 -12.95
C GLY C 336 32.27 -22.95 -13.02
N ARG C 337 31.34 -22.26 -12.35
CA ARG C 337 29.94 -22.67 -12.42
C ARG C 337 29.37 -22.46 -13.81
N ARG C 338 29.73 -21.35 -14.47
CA ARG C 338 29.29 -21.13 -15.84
C ARG C 338 29.84 -22.19 -16.78
N LEU C 339 31.11 -22.57 -16.59
CA LEU C 339 31.71 -23.62 -17.41
C LEU C 339 30.96 -24.94 -17.25
N TRP C 340 30.73 -25.34 -16.01
CA TRP C 340 30.04 -26.61 -15.77
C TRP C 340 28.67 -26.62 -16.42
N ASN C 341 27.97 -25.48 -16.39
CA ASN C 341 26.58 -25.43 -16.85
C ASN C 341 26.44 -25.21 -18.35
N PHE C 342 27.28 -24.37 -18.95
CA PHE C 342 27.05 -23.88 -20.31
C PHE C 342 28.02 -24.42 -21.34
N GLY C 343 29.12 -25.03 -20.94
CA GLY C 343 30.11 -25.42 -21.91
C GLY C 343 31.17 -24.37 -22.13
N ILE C 344 31.65 -24.22 -23.36
CA ILE C 344 32.83 -23.42 -23.68
C ILE C 344 32.39 -22.15 -24.39
N GLU C 345 32.91 -21.01 -23.91
CA GLU C 345 32.64 -19.72 -24.56
C GLU C 345 33.23 -19.72 -25.97
N GLY C 346 32.43 -19.29 -26.93
CA GLY C 346 32.83 -19.33 -28.33
C GLY C 346 32.50 -20.62 -29.04
N SER C 347 32.01 -21.64 -28.32
CA SER C 347 31.61 -22.90 -28.93
C SER C 347 30.15 -23.23 -28.62
N GLU C 348 29.82 -23.41 -27.35
CA GLU C 348 28.44 -23.70 -26.96
C GLU C 348 27.63 -22.44 -26.71
N TYR C 349 28.30 -21.35 -26.33
CA TYR C 349 27.61 -20.10 -26.05
C TYR C 349 28.55 -18.93 -26.34
N THR C 350 27.96 -17.75 -26.47
CA THR C 350 28.69 -16.50 -26.44
C THR C 350 28.04 -15.62 -25.39
N LEU C 351 28.79 -14.65 -24.88
CA LEU C 351 28.27 -13.70 -23.91
C LEU C 351 27.61 -12.56 -24.67
N VAL C 352 26.34 -12.30 -24.36
CA VAL C 352 25.58 -11.21 -24.96
C VAL C 352 25.14 -10.32 -23.81
N ASP C 353 25.69 -9.11 -23.77
CA ASP C 353 25.53 -8.17 -22.65
C ASP C 353 25.83 -8.86 -21.32
N GLY C 354 26.91 -9.64 -21.31
CA GLY C 354 27.37 -10.27 -20.10
C GLY C 354 26.67 -11.54 -19.70
N LYS C 355 25.94 -12.18 -20.62
CA LYS C 355 25.14 -13.37 -20.30
C LYS C 355 25.24 -14.41 -21.40
N PRO C 356 25.39 -15.69 -21.02
CA PRO C 356 25.51 -16.73 -22.04
C PRO C 356 24.25 -16.85 -22.87
N VAL C 357 24.44 -16.91 -24.18
CA VAL C 357 23.40 -17.25 -25.14
C VAL C 357 23.95 -18.39 -25.99
N PHE C 358 23.21 -19.50 -26.05
CA PHE C 358 23.72 -20.67 -26.74
C PHE C 358 23.81 -20.41 -28.24
N THR C 359 24.71 -21.15 -28.89
CA THR C 359 24.98 -21.04 -30.31
C THR C 359 24.10 -22.00 -31.11
N ASP C 360 24.17 -21.86 -32.43
CA ASP C 360 23.47 -22.77 -33.33
C ASP C 360 23.91 -24.21 -33.09
N LYS C 361 25.15 -24.40 -32.64
CA LYS C 361 25.65 -25.74 -32.37
C LYS C 361 24.80 -26.44 -31.32
N VAL C 362 24.34 -25.71 -30.32
CA VAL C 362 23.51 -26.26 -29.26
C VAL C 362 22.04 -26.21 -29.61
N LEU C 363 21.58 -25.05 -30.08
CA LEU C 363 20.16 -24.79 -30.30
C LEU C 363 19.67 -25.31 -31.65
N LYS C 364 20.55 -25.71 -32.55
CA LYS C 364 20.11 -26.17 -33.84
C LYS C 364 21.07 -27.14 -34.44
N ASN C 365 21.27 -28.24 -33.76
CA ASN C 365 22.20 -29.29 -34.19
C ASN C 365 21.64 -30.06 -35.39
N PRO C 366 22.40 -30.22 -36.46
CA PRO C 366 21.87 -30.87 -37.67
C PRO C 366 21.45 -32.33 -37.52
N ASP C 367 21.94 -33.06 -36.53
CA ASP C 367 21.64 -34.48 -36.46
C ASP C 367 20.42 -34.79 -35.62
N GLY C 368 19.64 -33.77 -35.27
CA GLY C 368 18.50 -34.01 -34.42
C GLY C 368 18.85 -34.17 -32.98
N LYS C 369 20.07 -33.80 -32.58
CA LYS C 369 20.42 -33.87 -31.17
C LYS C 369 19.69 -32.76 -30.41
N THR C 370 19.24 -33.10 -29.22
CA THR C 370 18.64 -32.09 -28.37
C THR C 370 19.73 -31.14 -27.91
N PRO C 371 19.36 -29.92 -27.51
CA PRO C 371 20.36 -29.00 -26.95
C PRO C 371 21.11 -29.59 -25.77
N LEU C 372 20.41 -30.30 -24.88
CA LEU C 372 21.08 -30.89 -23.71
C LEU C 372 21.98 -32.04 -24.14
N ALA C 373 21.60 -32.78 -25.18
CA ALA C 373 22.48 -33.83 -25.68
C ALA C 373 23.79 -33.26 -26.17
N VAL C 374 23.73 -32.14 -26.90
CA VAL C 374 24.95 -31.48 -27.36
C VAL C 374 25.79 -31.03 -26.17
N LEU C 375 25.15 -30.41 -25.17
CA LEU C 375 25.87 -29.93 -23.99
C LEU C 375 26.56 -31.06 -23.26
N ARG C 376 25.89 -32.21 -23.11
CA ARG C 376 26.53 -33.34 -22.42
C ARG C 376 27.73 -33.86 -23.21
N GLU C 377 27.68 -33.77 -24.54
CA GLU C 377 28.76 -34.29 -25.36
C GLU C 377 30.07 -33.53 -25.18
N VAL C 378 30.02 -32.26 -24.74
CA VAL C 378 31.24 -31.50 -24.47
C VAL C 378 31.64 -31.56 -23.00
N GLY C 379 30.87 -32.26 -22.16
CA GLY C 379 31.20 -32.36 -20.75
C GLY C 379 30.43 -31.41 -19.84
N ALA C 380 29.51 -30.61 -20.38
CA ALA C 380 28.67 -29.79 -19.53
C ALA C 380 27.61 -30.66 -18.83
N GLN C 381 27.13 -30.16 -17.70
CA GLN C 381 26.09 -30.84 -16.91
C GLN C 381 26.53 -32.21 -16.40
N TYR C 382 27.84 -32.48 -16.35
CA TYR C 382 28.32 -33.78 -15.90
C TYR C 382 28.25 -33.82 -14.38
N ARG C 383 27.34 -34.66 -13.86
CA ARG C 383 27.06 -34.71 -12.43
C ARG C 383 28.33 -35.01 -11.64
N LEU C 384 28.69 -34.08 -10.77
CA LEU C 384 29.82 -34.22 -9.86
C LEU C 384 29.40 -33.70 -8.49
N GLY C 385 29.85 -32.50 -8.14
CA GLY C 385 29.36 -31.82 -6.97
C GLY C 385 29.24 -30.34 -7.22
N ALA C 386 28.66 -29.99 -8.37
CA ALA C 386 28.54 -28.60 -8.80
C ALA C 386 27.12 -28.09 -8.53
N PHE C 387 26.91 -26.80 -8.84
CA PHE C 387 25.65 -26.11 -8.59
C PHE C 387 25.04 -25.75 -9.93
N GLN C 388 23.97 -26.45 -10.31
CA GLN C 388 23.31 -26.15 -11.57
C GLN C 388 22.76 -24.73 -11.56
N ASP C 389 22.74 -24.11 -12.75
CA ASP C 389 22.24 -22.75 -12.94
C ASP C 389 21.04 -22.84 -13.87
N ALA C 390 19.85 -22.50 -13.35
CA ALA C 390 18.63 -22.60 -14.14
C ALA C 390 18.68 -21.72 -15.39
N GLN C 391 19.57 -20.72 -15.42
CA GLN C 391 19.72 -19.94 -16.65
C GLN C 391 20.24 -20.79 -17.80
N TYR C 392 21.01 -21.85 -17.50
CA TYR C 392 21.41 -22.76 -18.57
C TYR C 392 20.18 -23.45 -19.16
N GLU C 393 19.27 -23.90 -18.29
CA GLU C 393 18.12 -24.66 -18.76
C GLU C 393 17.15 -23.75 -19.52
N LEU C 394 16.88 -22.56 -18.97
CA LEU C 394 16.04 -21.60 -19.67
C LEU C 394 16.66 -21.16 -20.98
N GLY C 395 17.98 -21.27 -21.12
CA GLY C 395 18.67 -20.84 -22.31
C GLY C 395 18.39 -21.68 -23.55
N TRP C 396 17.98 -22.93 -23.37
CA TRP C 396 17.60 -23.77 -24.50
C TRP C 396 16.17 -24.27 -24.41
N ALA C 397 15.52 -24.16 -23.25
CA ALA C 397 14.14 -24.61 -23.11
C ALA C 397 13.24 -23.84 -24.06
N SER C 398 12.32 -24.55 -24.70
CA SER C 398 11.35 -23.90 -25.56
C SER C 398 10.42 -23.02 -24.72
N GLU C 399 9.70 -22.12 -25.38
CA GLU C 399 8.68 -21.37 -24.65
C GLU C 399 7.60 -22.31 -24.11
N SER C 400 7.29 -23.39 -24.84
CA SER C 400 6.31 -24.35 -24.35
C SER C 400 6.79 -25.05 -23.08
N ALA C 401 8.10 -25.30 -23.00
CA ALA C 401 8.67 -25.87 -21.78
C ALA C 401 8.58 -24.88 -20.62
N LYS C 402 8.92 -23.61 -20.87
CA LYS C 402 8.84 -22.61 -19.82
C LYS C 402 7.41 -22.42 -19.34
N ALA C 403 6.45 -22.36 -20.26
CA ALA C 403 5.05 -22.34 -19.86
C ALA C 403 4.70 -23.63 -19.14
N GLY C 404 5.36 -24.73 -19.49
CA GLY C 404 5.06 -26.01 -18.87
C GLY C 404 5.45 -26.08 -17.41
N TYR C 405 6.63 -25.54 -17.07
CA TYR C 405 7.00 -25.43 -15.65
C TYR C 405 5.90 -24.75 -14.87
N LYS C 406 5.47 -23.57 -15.36
CA LYS C 406 4.47 -22.78 -14.66
C LYS C 406 3.12 -23.48 -14.67
N TYR C 407 2.81 -24.21 -15.74
CA TYR C 407 1.57 -24.97 -15.79
C TYR C 407 1.47 -25.92 -14.61
N TYR C 408 2.55 -26.66 -14.34
CA TYR C 408 2.52 -27.62 -13.24
C TYR C 408 2.48 -26.92 -11.88
N MET C 409 3.21 -25.81 -11.73
N MET C 409 3.22 -25.81 -11.73
CA MET C 409 3.20 -25.13 -10.43
CA MET C 409 3.20 -25.09 -10.46
C MET C 409 1.88 -24.40 -10.19
C MET C 409 1.86 -24.44 -10.21
N ASP C 410 1.33 -23.74 -11.23
CA ASP C 410 0.05 -23.05 -11.09
C ASP C 410 -1.05 -23.98 -10.61
N ASN C 411 -1.06 -25.21 -11.10
CA ASN C 411 -2.13 -26.15 -10.78
C ASN C 411 -1.82 -27.04 -9.59
N ASP C 412 -0.66 -26.85 -8.94
CA ASP C 412 -0.35 -27.49 -7.66
C ASP C 412 -0.38 -29.01 -7.74
N VAL C 413 0.09 -29.55 -8.86
CA VAL C 413 0.02 -30.99 -9.07
C VAL C 413 1.25 -31.72 -8.54
N VAL C 414 2.30 -31.01 -8.17
CA VAL C 414 3.59 -31.62 -7.84
C VAL C 414 3.72 -31.78 -6.33
N LEU C 415 4.05 -33.00 -5.90
CA LEU C 415 4.42 -33.28 -4.52
C LEU C 415 5.93 -33.37 -4.42
N ASP C 416 6.52 -32.63 -3.48
CA ASP C 416 7.96 -32.69 -3.30
C ASP C 416 8.40 -34.08 -2.87
N GLU C 417 9.60 -34.45 -3.29
CA GLU C 417 10.14 -35.75 -2.93
C GLU C 417 10.58 -35.76 -1.48
N LEU C 418 10.52 -36.93 -0.89
CA LEU C 418 10.98 -37.14 0.47
C LEU C 418 12.48 -36.82 0.54
N PRO C 419 12.90 -35.90 1.38
CA PRO C 419 14.36 -35.68 1.50
C PRO C 419 15.15 -36.77 2.20
N ILE C 420 16.46 -36.71 2.03
CA ILE C 420 17.37 -37.76 2.45
C ILE C 420 17.22 -37.76 3.86
N LEU C 421 17.11 -38.96 4.30
CA LEU C 421 17.11 -39.16 5.67
C LEU C 421 18.55 -39.60 5.93
N LYS C 422 19.06 -39.26 7.09
CA LYS C 422 20.44 -39.61 7.50
C LYS C 422 20.39 -40.41 8.76
N TYR C 423 21.32 -41.36 8.97
CA TYR C 423 21.22 -42.26 10.10
C TYR C 423 22.53 -42.29 10.90
N THR C 424 22.48 -42.72 12.15
CA THR C 424 23.68 -42.82 12.93
C THR C 424 24.46 -44.02 12.34
N LYS C 425 25.79 -44.03 12.40
CA LYS C 425 26.64 -45.10 11.84
C LYS C 425 26.03 -46.47 11.62
N GLU C 426 25.64 -47.08 12.72
CA GLU C 426 25.23 -48.45 12.71
C GLU C 426 23.77 -48.61 12.26
N LYS C 427 22.96 -47.58 12.42
CA LYS C 427 21.65 -47.60 11.87
C LYS C 427 21.77 -47.57 10.33
N SER C 428 22.56 -46.62 9.81
CA SER C 428 22.71 -46.50 8.40
C SER C 428 23.15 -47.83 7.84
N LYS C 429 24.26 -48.33 8.33
CA LYS C 429 24.74 -49.66 7.98
C LYS C 429 23.57 -50.67 7.86
N GLU C 430 22.74 -50.81 8.91
CA GLU C 430 21.43 -51.51 8.83
C GLU C 430 20.54 -51.02 7.64
N PHE C 431 19.94 -49.84 7.76
CA PHE C 431 19.04 -49.28 6.74
C PHE C 431 19.48 -49.44 5.32
N VAL C 432 20.50 -48.69 4.89
CA VAL C 432 21.00 -48.69 3.53
C VAL C 432 21.13 -50.12 3.13
N SER C 433 21.66 -50.88 4.05
CA SER C 433 21.74 -52.27 3.85
C SER C 433 20.41 -52.86 3.53
N ILE C 434 19.37 -52.57 4.29
CA ILE C 434 18.10 -53.27 4.11
C ILE C 434 17.52 -52.75 2.80
N ASP C 435 17.69 -51.48 2.60
CA ASP C 435 17.11 -50.80 1.49
C ASP C 435 17.72 -51.34 0.21
N THR C 436 19.03 -51.58 0.22
CA THR C 436 19.69 -52.14 -0.94
C THR C 436 19.20 -53.55 -1.23
N ALA C 437 19.00 -54.36 -0.18
CA ALA C 437 18.46 -55.69 -0.37
C ALA C 437 17.05 -55.65 -0.92
N MET C 438 16.20 -54.78 -0.37
CA MET C 438 14.82 -54.70 -0.85
C MET C 438 14.76 -54.22 -2.29
N ARG C 439 15.63 -53.28 -2.67
CA ARG C 439 15.62 -52.76 -4.03
C ARG C 439 15.79 -53.88 -5.05
N ALA C 440 16.70 -54.81 -4.79
CA ALA C 440 16.93 -55.91 -5.72
C ALA C 440 15.69 -56.79 -5.86
N VAL C 441 15.01 -57.05 -4.75
CA VAL C 441 13.81 -57.89 -4.77
C VAL C 441 12.70 -57.20 -5.56
N VAL C 442 12.49 -55.91 -5.32
CA VAL C 442 11.44 -55.17 -6.03
C VAL C 442 11.72 -55.17 -7.53
N GLU C 443 12.96 -54.87 -7.92
CA GLU C 443 13.26 -54.75 -9.33
C GLU C 443 13.19 -56.11 -10.03
N GLU C 444 13.48 -57.18 -9.30
CA GLU C 444 13.32 -58.53 -9.84
C GLU C 444 11.85 -58.84 -10.09
N LYS C 445 11.01 -58.69 -9.06
CA LYS C 445 9.62 -59.12 -9.19
C LYS C 445 8.82 -58.17 -10.07
N ALA C 446 9.07 -56.86 -9.98
CA ALA C 446 8.32 -55.92 -10.79
C ALA C 446 8.52 -56.19 -12.29
N GLN C 447 9.75 -56.52 -12.68
CA GLN C 447 10.00 -56.87 -14.08
C GLN C 447 9.24 -58.13 -14.47
N GLN C 448 9.37 -59.19 -13.66
CA GLN C 448 8.68 -60.44 -13.98
C GLN C 448 7.17 -60.23 -14.05
N TRP C 449 6.62 -59.45 -13.13
CA TRP C 449 5.17 -59.25 -13.11
C TRP C 449 4.70 -58.46 -14.32
N ILE C 450 5.43 -57.39 -14.67
CA ILE C 450 5.02 -56.60 -15.83
C ILE C 450 5.21 -57.39 -17.12
N LEU C 451 6.32 -58.11 -17.25
CA LEU C 451 6.61 -58.82 -18.48
C LEU C 451 5.80 -60.11 -18.61
N GLY C 452 5.09 -60.51 -17.58
CA GLY C 452 4.24 -61.66 -17.67
C GLY C 452 4.92 -62.98 -17.37
N SER C 453 6.17 -62.94 -16.92
CA SER C 453 6.86 -64.15 -16.53
C SER C 453 6.59 -64.50 -15.06
N GLY C 454 5.92 -63.61 -14.33
CA GLY C 454 5.40 -63.93 -13.02
C GLY C 454 4.00 -63.38 -12.89
N ASP C 455 3.25 -63.94 -11.93
CA ASP C 455 1.85 -63.58 -11.70
C ASP C 455 1.74 -62.86 -10.35
N ILE C 456 1.48 -61.55 -10.39
CA ILE C 456 1.50 -60.76 -9.16
C ILE C 456 0.39 -61.19 -8.21
N ASP C 457 -0.78 -61.58 -8.75
CA ASP C 457 -1.87 -62.03 -7.89
C ASP C 457 -1.45 -63.25 -7.08
N LYS C 458 -0.77 -64.21 -7.71
CA LYS C 458 -0.34 -65.40 -7.01
C LYS C 458 0.85 -65.13 -6.10
N GLU C 459 1.72 -64.17 -6.46
CA GLU C 459 3.03 -64.04 -5.85
C GLU C 459 3.17 -62.86 -4.90
N TRP C 460 2.16 -61.97 -4.83
CA TRP C 460 2.31 -60.75 -4.04
C TRP C 460 2.56 -61.07 -2.58
N ASP C 461 1.78 -62.00 -2.02
CA ASP C 461 1.95 -62.24 -0.59
C ASP C 461 3.38 -62.70 -0.29
N ALA C 462 3.88 -63.71 -1.03
CA ALA C 462 5.24 -64.18 -0.77
C ALA C 462 6.29 -63.10 -0.96
N TYR C 463 6.03 -62.15 -1.85
CA TYR C 463 6.94 -61.02 -2.05
C TYR C 463 6.99 -60.11 -0.83
N ILE C 464 5.83 -59.76 -0.27
CA ILE C 464 5.78 -58.99 0.97
C ILE C 464 6.45 -59.75 2.09
N LYS C 465 6.24 -61.05 2.11
CA LYS C 465 6.96 -61.88 3.05
C LYS C 465 8.46 -61.82 2.78
N ARG C 466 8.85 -61.76 1.51
CA ARG C 466 10.31 -61.68 1.27
C ARG C 466 10.89 -60.35 1.78
N LEU C 467 10.19 -59.24 1.53
CA LEU C 467 10.66 -57.94 2.02
C LEU C 467 10.72 -57.89 3.53
N GLU C 468 9.74 -58.48 4.21
CA GLU C 468 9.74 -58.42 5.67
C GLU C 468 10.91 -59.18 6.27
N ASN C 469 11.24 -60.35 5.73
CA ASN C 469 12.40 -61.08 6.22
C ASN C 469 13.70 -60.33 5.98
N LEU C 470 13.76 -59.54 4.91
CA LEU C 470 14.96 -58.74 4.68
C LEU C 470 15.02 -57.53 5.60
N GLY C 471 13.93 -57.22 6.31
CA GLY C 471 13.97 -56.18 7.32
C GLY C 471 13.08 -54.97 7.05
N LEU C 472 12.01 -55.15 6.27
CA LEU C 472 11.15 -54.03 5.92
C LEU C 472 10.63 -53.30 7.15
N SER C 473 10.14 -54.05 8.13
CA SER C 473 9.64 -53.45 9.35
C SER C 473 10.71 -52.67 10.05
N LYS C 474 11.95 -53.15 9.98
CA LYS C 474 13.02 -52.52 10.78
C LYS C 474 13.36 -51.21 10.00
N ALA C 475 13.45 -51.27 8.64
CA ALA C 475 13.68 -50.07 7.81
C ALA C 475 12.60 -49.01 8.07
N GLU C 476 11.33 -49.43 8.04
CA GLU C 476 10.21 -48.54 8.32
C GLU C 476 10.42 -47.81 9.64
N GLN C 477 11.04 -48.50 10.60
CA GLN C 477 11.26 -47.96 11.94
C GLN C 477 12.47 -47.03 11.94
N ILE C 478 13.57 -47.45 11.31
CA ILE C 478 14.70 -46.55 11.12
C ILE C 478 14.28 -45.32 10.32
N GLN C 479 13.50 -45.50 9.27
CA GLN C 479 13.10 -44.36 8.46
C GLN C 479 12.32 -43.40 9.31
N ASN C 480 11.34 -43.91 10.01
CA ASN C 480 10.52 -43.07 10.81
C ASN C 480 11.35 -42.42 11.99
N GLU C 481 12.42 -43.06 12.43
CA GLU C 481 13.17 -42.53 13.57
C GLU C 481 13.93 -41.37 13.07
N ALA C 482 14.39 -41.51 11.83
CA ALA C 482 15.25 -40.56 11.23
C ALA C 482 14.45 -39.42 10.63
N PHE C 483 13.12 -39.54 10.68
CA PHE C 483 12.19 -38.55 10.14
C PHE C 483 11.54 -37.78 11.27
#